data_4LFT
# 
_entry.id   4LFT 
# 
_audit_conform.dict_name       mmcif_pdbx.dic 
_audit_conform.dict_version    5.399 
_audit_conform.dict_location   http://mmcif.pdb.org/dictionaries/ascii/mmcif_pdbx.dic 
# 
loop_
_database_2.database_id 
_database_2.database_code 
_database_2.pdbx_database_accession 
_database_2.pdbx_DOI 
PDB   4LFT         pdb_00004lft 10.2210/pdb4lft/pdb 
RCSB  RCSB080575   ?            ?                   
WWPDB D_1000080575 ?            ?                   
# 
loop_
_pdbx_audit_revision_history.ordinal 
_pdbx_audit_revision_history.data_content_type 
_pdbx_audit_revision_history.major_revision 
_pdbx_audit_revision_history.minor_revision 
_pdbx_audit_revision_history.revision_date 
1 'Structure model' 1 0 2014-06-11 
2 'Structure model' 1 1 2014-07-30 
3 'Structure model' 1 2 2018-01-24 
4 'Structure model' 1 3 2023-09-20 
5 'Structure model' 1 4 2024-11-20 
# 
_pdbx_audit_revision_details.ordinal             1 
_pdbx_audit_revision_details.revision_ordinal    1 
_pdbx_audit_revision_details.data_content_type   'Structure model' 
_pdbx_audit_revision_details.provider            repository 
_pdbx_audit_revision_details.type                'Initial release' 
_pdbx_audit_revision_details.description         ? 
_pdbx_audit_revision_details.details             ? 
# 
loop_
_pdbx_audit_revision_group.ordinal 
_pdbx_audit_revision_group.revision_ordinal 
_pdbx_audit_revision_group.data_content_type 
_pdbx_audit_revision_group.group 
1 2 'Structure model' 'Database references'    
2 3 'Structure model' 'Structure summary'      
3 4 'Structure model' 'Data collection'        
4 4 'Structure model' 'Database references'    
5 4 'Structure model' 'Derived calculations'   
6 4 'Structure model' 'Refinement description' 
7 5 'Structure model' 'Structure summary'      
# 
loop_
_pdbx_audit_revision_category.ordinal 
_pdbx_audit_revision_category.revision_ordinal 
_pdbx_audit_revision_category.data_content_type 
_pdbx_audit_revision_category.category 
1 3 'Structure model' audit_author                  
2 4 'Structure model' chem_comp_atom                
3 4 'Structure model' chem_comp_bond                
4 4 'Structure model' database_2                    
5 4 'Structure model' pdbx_initial_refinement_model 
6 4 'Structure model' struct_conn                   
7 4 'Structure model' struct_ref_seq_dif            
8 5 'Structure model' pdbx_entry_details            
9 5 'Structure model' pdbx_modification_feature     
# 
loop_
_pdbx_audit_revision_item.ordinal 
_pdbx_audit_revision_item.revision_ordinal 
_pdbx_audit_revision_item.data_content_type 
_pdbx_audit_revision_item.item 
1 3 'Structure model' '_audit_author.name'                           
2 4 'Structure model' '_database_2.pdbx_DOI'                         
3 4 'Structure model' '_database_2.pdbx_database_accession'          
4 4 'Structure model' '_struct_conn.pdbx_leaving_atom_flag'          
5 4 'Structure model' '_struct_ref_seq_dif.details'                  
6 5 'Structure model' '_pdbx_entry_details.has_protein_modification' 
# 
_pdbx_database_status.status_code                     REL 
_pdbx_database_status.entry_id                        4LFT 
_pdbx_database_status.recvd_initial_deposition_date   2013-06-27 
_pdbx_database_status.deposit_site                    RCSB 
_pdbx_database_status.process_site                    RCSB 
_pdbx_database_status.status_code_sf                  REL 
_pdbx_database_status.status_code_mr                  ? 
_pdbx_database_status.SG_entry                        ? 
_pdbx_database_status.status_code_cs                  ? 
_pdbx_database_status.methods_development_category    ? 
_pdbx_database_status.pdb_format_compatible           Y 
_pdbx_database_status.status_code_nmr_data            ? 
# 
loop_
_audit_author.name 
_audit_author.pdbx_ordinal 
'Wang, C.I.A.'  1 
'Reeks, T.'     2 
'Lewis, R.J.'   3 
'Alewood, P.F.' 4 
'Durek, T.'     5 
# 
_citation.id                        primary 
_citation.title                     
;Isolation and Structural and Pharmacological Characterization of alpha-Elapitoxin-Dpp2d, an Amidated Three Finger Toxin from Black Mamba Venom.
;
_citation.journal_abbrev            Biochemistry 
_citation.journal_volume            53 
_citation.page_first                3758 
_citation.page_last                 3766 
_citation.year                      2014 
_citation.journal_id_ASTM           BICHAW 
_citation.country                   US 
_citation.journal_id_ISSN           0006-2960 
_citation.journal_id_CSD            0033 
_citation.book_publisher            ? 
_citation.pdbx_database_id_PubMed   24867092 
_citation.pdbx_database_id_DOI      10.1021/bi5004475 
# 
loop_
_citation_author.citation_id 
_citation_author.name 
_citation_author.ordinal 
_citation_author.identifier_ORCID 
primary 'Wang, C.I.'    1 ? 
primary 'Reeks, T.'     2 ? 
primary 'Vetter, I.'    3 ? 
primary 'Vergara, I.'   4 ? 
primary 'Kovtun, O.'    5 ? 
primary 'Lewis, R.J.'   6 ? 
primary 'Alewood, P.F.' 7 ? 
primary 'Durek, T.'     8 ? 
# 
loop_
_entity.id 
_entity.type 
_entity.src_method 
_entity.pdbx_description 
_entity.formula_weight 
_entity.pdbx_number_of_molecules 
_entity.pdbx_ec 
_entity.pdbx_mutation 
_entity.pdbx_fragment 
_entity.details 
1 polymer nat Alpha-elapitoxin-Dpp2a 8013.313 2   ? ? 'unp residues 65-136' ? 
2 water   nat water                  18.015   133 ? ? ?                     ? 
# 
loop_
_entity_name_com.entity_id 
_entity_name_com.name 
1 'Alpha-EPTX-Dpp2a, Long neurotoxin 1, Neurotoxin gamma, Toxin VN1' 
2 'Alpha-EPTX-Dpp2a, Long neurotoxin 1, Neurotoxin gamma, Toxin VN1' 
# 
_entity_poly.entity_id                      1 
_entity_poly.type                           'polypeptide(L)' 
_entity_poly.nstd_linkage                   no 
_entity_poly.nstd_monomer                   yes 
_entity_poly.pdbx_seq_one_letter_code       'RTCNKTFSDQSKICPPGENICYTKTWCDAFCSQRGKRVELGCAATCPKVKAGVEIKCCSTDNCNKFQFGKPR(NH2)' 
_entity_poly.pdbx_seq_one_letter_code_can   RTCNKTFSDQSKICPPGENICYTKTWCDAFCSQRGKRVELGCAATCPKVKAGVEIKCCSTDNCNKFQFGKPRX 
_entity_poly.pdbx_strand_id                 A,B 
_entity_poly.pdbx_target_identifier         ? 
# 
_pdbx_entity_nonpoly.entity_id   2 
_pdbx_entity_nonpoly.name        water 
_pdbx_entity_nonpoly.comp_id     HOH 
# 
loop_
_entity_poly_seq.entity_id 
_entity_poly_seq.num 
_entity_poly_seq.mon_id 
_entity_poly_seq.hetero 
1 1  ARG n 
1 2  THR n 
1 3  CYS n 
1 4  ASN n 
1 5  LYS n 
1 6  THR n 
1 7  PHE n 
1 8  SER n 
1 9  ASP n 
1 10 GLN n 
1 11 SER n 
1 12 LYS n 
1 13 ILE n 
1 14 CYS n 
1 15 PRO n 
1 16 PRO n 
1 17 GLY n 
1 18 GLU n 
1 19 ASN n 
1 20 ILE n 
1 21 CYS n 
1 22 TYR n 
1 23 THR n 
1 24 LYS n 
1 25 THR n 
1 26 TRP n 
1 27 CYS n 
1 28 ASP n 
1 29 ALA n 
1 30 PHE n 
1 31 CYS n 
1 32 SER n 
1 33 GLN n 
1 34 ARG n 
1 35 GLY n 
1 36 LYS n 
1 37 ARG n 
1 38 VAL n 
1 39 GLU n 
1 40 LEU n 
1 41 GLY n 
1 42 CYS n 
1 43 ALA n 
1 44 ALA n 
1 45 THR n 
1 46 CYS n 
1 47 PRO n 
1 48 LYS n 
1 49 VAL n 
1 50 LYS n 
1 51 ALA n 
1 52 GLY n 
1 53 VAL n 
1 54 GLU n 
1 55 ILE n 
1 56 LYS n 
1 57 CYS n 
1 58 CYS n 
1 59 SER n 
1 60 THR n 
1 61 ASP n 
1 62 ASN n 
1 63 CYS n 
1 64 ASN n 
1 65 LYS n 
1 66 PHE n 
1 67 GLN n 
1 68 PHE n 
1 69 GLY n 
1 70 LYS n 
1 71 PRO n 
1 72 ARG n 
1 73 NH2 n 
# 
_entity_src_nat.entity_id                  1 
_entity_src_nat.pdbx_src_id                1 
_entity_src_nat.pdbx_alt_source_flag       sample 
_entity_src_nat.pdbx_beg_seq_num           ? 
_entity_src_nat.pdbx_end_seq_num           ? 
_entity_src_nat.common_name                'Black mamba' 
_entity_src_nat.pdbx_organism_scientific   'Dendroaspis polylepis polylepis' 
_entity_src_nat.pdbx_ncbi_taxonomy_id      8620 
_entity_src_nat.genus                      ? 
_entity_src_nat.species                    ? 
_entity_src_nat.strain                     ? 
_entity_src_nat.tissue                     ? 
_entity_src_nat.tissue_fraction            ? 
_entity_src_nat.pdbx_secretion             ? 
_entity_src_nat.pdbx_fragment              ? 
_entity_src_nat.pdbx_variant               ? 
_entity_src_nat.pdbx_cell_line             ? 
_entity_src_nat.pdbx_atcc                  ? 
_entity_src_nat.pdbx_cellular_location     ? 
_entity_src_nat.pdbx_organ                 ? 
_entity_src_nat.pdbx_organelle             ? 
_entity_src_nat.pdbx_cell                  ? 
_entity_src_nat.pdbx_plasmid_name          ? 
_entity_src_nat.pdbx_plasmid_details       ? 
_entity_src_nat.details                    
'Isolated from crude venom using cation-exchange chromatography and reversed-phase chromatography.' 
# 
loop_
_chem_comp.id 
_chem_comp.type 
_chem_comp.mon_nstd_flag 
_chem_comp.name 
_chem_comp.pdbx_synonyms 
_chem_comp.formula 
_chem_comp.formula_weight 
ALA 'L-peptide linking' y ALANINE         ? 'C3 H7 N O2'     89.093  
ARG 'L-peptide linking' y ARGININE        ? 'C6 H15 N4 O2 1' 175.209 
ASN 'L-peptide linking' y ASPARAGINE      ? 'C4 H8 N2 O3'    132.118 
ASP 'L-peptide linking' y 'ASPARTIC ACID' ? 'C4 H7 N O4'     133.103 
CYS 'L-peptide linking' y CYSTEINE        ? 'C3 H7 N O2 S'   121.158 
GLN 'L-peptide linking' y GLUTAMINE       ? 'C5 H10 N2 O3'   146.144 
GLU 'L-peptide linking' y 'GLUTAMIC ACID' ? 'C5 H9 N O4'     147.129 
GLY 'peptide linking'   y GLYCINE         ? 'C2 H5 N O2'     75.067  
HOH non-polymer         . WATER           ? 'H2 O'           18.015  
ILE 'L-peptide linking' y ISOLEUCINE      ? 'C6 H13 N O2'    131.173 
LEU 'L-peptide linking' y LEUCINE         ? 'C6 H13 N O2'    131.173 
LYS 'L-peptide linking' y LYSINE          ? 'C6 H15 N2 O2 1' 147.195 
NH2 non-polymer         . 'AMINO GROUP'   ? 'H2 N'           16.023  
PHE 'L-peptide linking' y PHENYLALANINE   ? 'C9 H11 N O2'    165.189 
PRO 'L-peptide linking' y PROLINE         ? 'C5 H9 N O2'     115.130 
SER 'L-peptide linking' y SERINE          ? 'C3 H7 N O3'     105.093 
THR 'L-peptide linking' y THREONINE       ? 'C4 H9 N O3'     119.119 
TRP 'L-peptide linking' y TRYPTOPHAN      ? 'C11 H12 N2 O2'  204.225 
TYR 'L-peptide linking' y TYROSINE        ? 'C9 H11 N O3'    181.189 
VAL 'L-peptide linking' y VALINE          ? 'C5 H11 N O2'    117.146 
# 
loop_
_pdbx_poly_seq_scheme.asym_id 
_pdbx_poly_seq_scheme.entity_id 
_pdbx_poly_seq_scheme.seq_id 
_pdbx_poly_seq_scheme.mon_id 
_pdbx_poly_seq_scheme.ndb_seq_num 
_pdbx_poly_seq_scheme.pdb_seq_num 
_pdbx_poly_seq_scheme.auth_seq_num 
_pdbx_poly_seq_scheme.pdb_mon_id 
_pdbx_poly_seq_scheme.auth_mon_id 
_pdbx_poly_seq_scheme.pdb_strand_id 
_pdbx_poly_seq_scheme.pdb_ins_code 
_pdbx_poly_seq_scheme.hetero 
A 1 1  ARG 1  1  1  ARG ARG A . n 
A 1 2  THR 2  2  2  THR THR A . n 
A 1 3  CYS 3  3  3  CYS CYS A . n 
A 1 4  ASN 4  4  4  ASN ASN A . n 
A 1 5  LYS 5  5  5  LYS LYS A . n 
A 1 6  THR 6  6  6  THR THR A . n 
A 1 7  PHE 7  7  7  PHE PHE A . n 
A 1 8  SER 8  8  8  SER SER A . n 
A 1 9  ASP 9  9  9  ASP ASP A . n 
A 1 10 GLN 10 10 10 GLN GLN A . n 
A 1 11 SER 11 11 11 SER SER A . n 
A 1 12 LYS 12 12 12 LYS LYS A . n 
A 1 13 ILE 13 13 13 ILE ILE A . n 
A 1 14 CYS 14 14 14 CYS CYS A . n 
A 1 15 PRO 15 15 15 PRO PRO A . n 
A 1 16 PRO 16 16 16 PRO PRO A . n 
A 1 17 GLY 17 17 17 GLY GLY A . n 
A 1 18 GLU 18 18 18 GLU GLU A . n 
A 1 19 ASN 19 19 19 ASN ASN A . n 
A 1 20 ILE 20 20 20 ILE ILE A . n 
A 1 21 CYS 21 21 21 CYS CYS A . n 
A 1 22 TYR 22 22 22 TYR TYR A . n 
A 1 23 THR 23 23 23 THR THR A . n 
A 1 24 LYS 24 24 24 LYS LYS A . n 
A 1 25 THR 25 25 25 THR THR A . n 
A 1 26 TRP 26 26 26 TRP TRP A . n 
A 1 27 CYS 27 27 27 CYS CYS A . n 
A 1 28 ASP 28 28 28 ASP ASP A . n 
A 1 29 ALA 29 29 29 ALA ALA A . n 
A 1 30 PHE 30 30 30 PHE PHE A . n 
A 1 31 CYS 31 31 31 CYS CYS A . n 
A 1 32 SER 32 32 32 SER SER A . n 
A 1 33 GLN 33 33 33 GLN GLN A . n 
A 1 34 ARG 34 34 34 ARG ARG A . n 
A 1 35 GLY 35 35 35 GLY GLY A . n 
A 1 36 LYS 36 36 36 LYS LYS A . n 
A 1 37 ARG 37 37 37 ARG ARG A . n 
A 1 38 VAL 38 38 38 VAL VAL A . n 
A 1 39 GLU 39 39 39 GLU GLU A . n 
A 1 40 LEU 40 40 40 LEU LEU A . n 
A 1 41 GLY 41 41 41 GLY GLY A . n 
A 1 42 CYS 42 42 42 CYS CYS A . n 
A 1 43 ALA 43 43 43 ALA ALA A . n 
A 1 44 ALA 44 44 44 ALA ALA A . n 
A 1 45 THR 45 45 45 THR THR A . n 
A 1 46 CYS 46 46 46 CYS CYS A . n 
A 1 47 PRO 47 47 47 PRO PRO A . n 
A 1 48 LYS 48 48 48 LYS LYS A . n 
A 1 49 VAL 49 49 49 VAL VAL A . n 
A 1 50 LYS 50 50 50 LYS LYS A . n 
A 1 51 ALA 51 51 51 ALA ALA A . n 
A 1 52 GLY 52 52 52 GLY GLY A . n 
A 1 53 VAL 53 53 53 VAL VAL A . n 
A 1 54 GLU 54 54 54 GLU GLU A . n 
A 1 55 ILE 55 55 55 ILE ILE A . n 
A 1 56 LYS 56 56 56 LYS LYS A . n 
A 1 57 CYS 57 57 57 CYS CYS A . n 
A 1 58 CYS 58 58 58 CYS CYS A . n 
A 1 59 SER 59 59 59 SER SER A . n 
A 1 60 THR 60 60 60 THR THR A . n 
A 1 61 ASP 61 61 61 ASP ASP A . n 
A 1 62 ASN 62 62 62 ASN ASN A . n 
A 1 63 CYS 63 63 63 CYS CYS A . n 
A 1 64 ASN 64 64 64 ASN ASN A . n 
A 1 65 LYS 65 65 ?  ?   ?   A . n 
A 1 66 PHE 66 66 ?  ?   ?   A . n 
A 1 67 GLN 67 67 ?  ?   ?   A . n 
A 1 68 PHE 68 68 ?  ?   ?   A . n 
A 1 69 GLY 69 69 ?  ?   ?   A . n 
A 1 70 LYS 70 70 ?  ?   ?   A . n 
A 1 71 PRO 71 71 ?  ?   ?   A . n 
A 1 72 ARG 72 72 ?  ?   ?   A . n 
A 1 73 NH2 73 73 ?  ?   ?   A . n 
B 1 1  ARG 1  1  1  ARG ARG B . n 
B 1 2  THR 2  2  2  THR THR B . n 
B 1 3  CYS 3  3  3  CYS CYS B . n 
B 1 4  ASN 4  4  4  ASN ASN B . n 
B 1 5  LYS 5  5  5  LYS LYS B . n 
B 1 6  THR 6  6  6  THR THR B . n 
B 1 7  PHE 7  7  7  PHE PHE B . n 
B 1 8  SER 8  8  8  SER SER B . n 
B 1 9  ASP 9  9  9  ASP ASP B . n 
B 1 10 GLN 10 10 10 GLN GLN B . n 
B 1 11 SER 11 11 11 SER SER B . n 
B 1 12 LYS 12 12 12 LYS LYS B . n 
B 1 13 ILE 13 13 13 ILE ILE B . n 
B 1 14 CYS 14 14 14 CYS CYS B . n 
B 1 15 PRO 15 15 15 PRO PRO B . n 
B 1 16 PRO 16 16 16 PRO PRO B . n 
B 1 17 GLY 17 17 17 GLY GLY B . n 
B 1 18 GLU 18 18 18 GLU GLU B . n 
B 1 19 ASN 19 19 19 ASN ASN B . n 
B 1 20 ILE 20 20 20 ILE ILE B . n 
B 1 21 CYS 21 21 21 CYS CYS B . n 
B 1 22 TYR 22 22 22 TYR TYR B . n 
B 1 23 THR 23 23 23 THR THR B . n 
B 1 24 LYS 24 24 24 LYS LYS B . n 
B 1 25 THR 25 25 25 THR THR B . n 
B 1 26 TRP 26 26 26 TRP TRP B . n 
B 1 27 CYS 27 27 27 CYS CYS B . n 
B 1 28 ASP 28 28 28 ASP ASP B . n 
B 1 29 ALA 29 29 29 ALA ALA B . n 
B 1 30 PHE 30 30 30 PHE PHE B . n 
B 1 31 CYS 31 31 31 CYS CYS B . n 
B 1 32 SER 32 32 32 SER SER B . n 
B 1 33 GLN 33 33 33 GLN GLN B . n 
B 1 34 ARG 34 34 34 ARG ARG B . n 
B 1 35 GLY 35 35 35 GLY GLY B . n 
B 1 36 LYS 36 36 36 LYS LYS B . n 
B 1 37 ARG 37 37 37 ARG ARG B . n 
B 1 38 VAL 38 38 38 VAL VAL B . n 
B 1 39 GLU 39 39 39 GLU GLU B . n 
B 1 40 LEU 40 40 40 LEU LEU B . n 
B 1 41 GLY 41 41 41 GLY GLY B . n 
B 1 42 CYS 42 42 42 CYS CYS B . n 
B 1 43 ALA 43 43 43 ALA ALA B . n 
B 1 44 ALA 44 44 44 ALA ALA B . n 
B 1 45 THR 45 45 45 THR THR B . n 
B 1 46 CYS 46 46 46 CYS CYS B . n 
B 1 47 PRO 47 47 47 PRO PRO B . n 
B 1 48 LYS 48 48 48 LYS LYS B . n 
B 1 49 VAL 49 49 49 VAL VAL B . n 
B 1 50 LYS 50 50 50 LYS LYS B . n 
B 1 51 ALA 51 51 51 ALA ALA B . n 
B 1 52 GLY 52 52 52 GLY GLY B . n 
B 1 53 VAL 53 53 53 VAL VAL B . n 
B 1 54 GLU 54 54 54 GLU GLU B . n 
B 1 55 ILE 55 55 55 ILE ILE B . n 
B 1 56 LYS 56 56 56 LYS LYS B . n 
B 1 57 CYS 57 57 57 CYS CYS B . n 
B 1 58 CYS 58 58 58 CYS CYS B . n 
B 1 59 SER 59 59 59 SER SER B . n 
B 1 60 THR 60 60 60 THR THR B . n 
B 1 61 ASP 61 61 61 ASP ASP B . n 
B 1 62 ASN 62 62 62 ASN ASN B . n 
B 1 63 CYS 63 63 63 CYS CYS B . n 
B 1 64 ASN 64 64 64 ASN ASN B . n 
B 1 65 LYS 65 65 65 LYS LYS B . n 
B 1 66 PHE 66 66 66 PHE PHE B . n 
B 1 67 GLN 67 67 67 GLN GLN B . n 
B 1 68 PHE 68 68 68 PHE PHE B . n 
B 1 69 GLY 69 69 69 GLY GLY B . n 
B 1 70 LYS 70 70 70 LYS LYS B . n 
B 1 71 PRO 71 71 71 PRO PRO B . n 
B 1 72 ARG 72 72 72 ARG ARG B . n 
B 1 73 NH2 73 73 73 NH2 NH2 B . n 
# 
loop_
_pdbx_nonpoly_scheme.asym_id 
_pdbx_nonpoly_scheme.entity_id 
_pdbx_nonpoly_scheme.mon_id 
_pdbx_nonpoly_scheme.ndb_seq_num 
_pdbx_nonpoly_scheme.pdb_seq_num 
_pdbx_nonpoly_scheme.auth_seq_num 
_pdbx_nonpoly_scheme.pdb_mon_id 
_pdbx_nonpoly_scheme.auth_mon_id 
_pdbx_nonpoly_scheme.pdb_strand_id 
_pdbx_nonpoly_scheme.pdb_ins_code 
C 2 HOH 1  101 1   HOH HOH A . 
C 2 HOH 2  102 4   HOH HOH A . 
C 2 HOH 3  103 8   HOH HOH A . 
C 2 HOH 4  104 11  HOH HOH A . 
C 2 HOH 5  105 13  HOH HOH A . 
C 2 HOH 6  106 15  HOH HOH A . 
C 2 HOH 7  107 18  HOH HOH A . 
C 2 HOH 8  108 25  HOH HOH A . 
C 2 HOH 9  109 26  HOH HOH A . 
C 2 HOH 10 110 33  HOH HOH A . 
C 2 HOH 11 111 34  HOH HOH A . 
C 2 HOH 12 112 35  HOH HOH A . 
C 2 HOH 13 113 38  HOH HOH A . 
C 2 HOH 14 114 43  HOH HOH A . 
C 2 HOH 15 115 46  HOH HOH A . 
C 2 HOH 16 116 47  HOH HOH A . 
C 2 HOH 17 117 48  HOH HOH A . 
C 2 HOH 18 118 52  HOH HOH A . 
C 2 HOH 19 119 53  HOH HOH A . 
C 2 HOH 20 120 54  HOH HOH A . 
C 2 HOH 21 121 61  HOH HOH A . 
C 2 HOH 22 122 64  HOH HOH A . 
C 2 HOH 23 123 67  HOH HOH A . 
C 2 HOH 24 124 72  HOH HOH A . 
C 2 HOH 25 125 74  HOH HOH A . 
C 2 HOH 26 126 76  HOH HOH A . 
C 2 HOH 27 127 77  HOH HOH A . 
C 2 HOH 28 128 78  HOH HOH A . 
C 2 HOH 29 129 83  HOH HOH A . 
C 2 HOH 30 130 84  HOH HOH A . 
C 2 HOH 31 131 87  HOH HOH A . 
C 2 HOH 32 132 91  HOH HOH A . 
C 2 HOH 33 133 92  HOH HOH A . 
C 2 HOH 34 134 93  HOH HOH A . 
C 2 HOH 35 135 97  HOH HOH A . 
C 2 HOH 36 136 102 HOH HOH A . 
C 2 HOH 37 137 104 HOH HOH A . 
C 2 HOH 38 138 109 HOH HOH A . 
C 2 HOH 39 139 113 HOH HOH A . 
C 2 HOH 40 140 114 HOH HOH A . 
C 2 HOH 41 141 116 HOH HOH A . 
C 2 HOH 42 142 117 HOH HOH A . 
C 2 HOH 43 143 120 HOH HOH A . 
C 2 HOH 44 144 121 HOH HOH A . 
C 2 HOH 45 145 125 HOH HOH A . 
C 2 HOH 46 146 126 HOH HOH A . 
C 2 HOH 47 147 128 HOH HOH A . 
C 2 HOH 48 148 129 HOH HOH A . 
C 2 HOH 49 149 135 HOH HOH A . 
C 2 HOH 50 150 138 HOH HOH A . 
C 2 HOH 51 151 140 HOH HOH A . 
C 2 HOH 52 152 146 HOH HOH A . 
C 2 HOH 53 153 150 HOH HOH A . 
C 2 HOH 54 154 154 HOH HOH A . 
C 2 HOH 55 155 159 HOH HOH A . 
C 2 HOH 56 156 161 HOH HOH A . 
C 2 HOH 57 157 170 HOH HOH A . 
C 2 HOH 58 158 173 HOH HOH A . 
C 2 HOH 59 159 174 HOH HOH A . 
D 2 HOH 1  101 147 HOH HOH B . 
D 2 HOH 2  102 3   HOH HOH B . 
D 2 HOH 3  103 5   HOH HOH B . 
D 2 HOH 4  104 6   HOH HOH B . 
D 2 HOH 5  105 9   HOH HOH B . 
D 2 HOH 6  106 10  HOH HOH B . 
D 2 HOH 7  107 12  HOH HOH B . 
D 2 HOH 8  108 17  HOH HOH B . 
D 2 HOH 9  109 21  HOH HOH B . 
D 2 HOH 10 110 23  HOH HOH B . 
D 2 HOH 11 111 24  HOH HOH B . 
D 2 HOH 12 112 27  HOH HOH B . 
D 2 HOH 13 113 31  HOH HOH B . 
D 2 HOH 14 114 32  HOH HOH B . 
D 2 HOH 15 115 36  HOH HOH B . 
D 2 HOH 16 116 37  HOH HOH B . 
D 2 HOH 17 117 40  HOH HOH B . 
D 2 HOH 18 118 41  HOH HOH B . 
D 2 HOH 19 119 42  HOH HOH B . 
D 2 HOH 20 120 44  HOH HOH B . 
D 2 HOH 21 121 45  HOH HOH B . 
D 2 HOH 22 122 50  HOH HOH B . 
D 2 HOH 23 123 51  HOH HOH B . 
D 2 HOH 24 124 56  HOH HOH B . 
D 2 HOH 25 125 57  HOH HOH B . 
D 2 HOH 26 126 58  HOH HOH B . 
D 2 HOH 27 127 60  HOH HOH B . 
D 2 HOH 28 128 63  HOH HOH B . 
D 2 HOH 29 129 65  HOH HOH B . 
D 2 HOH 30 130 66  HOH HOH B . 
D 2 HOH 31 131 69  HOH HOH B . 
D 2 HOH 32 132 70  HOH HOH B . 
D 2 HOH 33 133 80  HOH HOH B . 
D 2 HOH 34 134 81  HOH HOH B . 
D 2 HOH 35 135 82  HOH HOH B . 
D 2 HOH 36 136 86  HOH HOH B . 
D 2 HOH 37 137 89  HOH HOH B . 
D 2 HOH 38 138 90  HOH HOH B . 
D 2 HOH 39 139 94  HOH HOH B . 
D 2 HOH 40 140 95  HOH HOH B . 
D 2 HOH 41 141 96  HOH HOH B . 
D 2 HOH 42 142 98  HOH HOH B . 
D 2 HOH 43 143 99  HOH HOH B . 
D 2 HOH 44 144 100 HOH HOH B . 
D 2 HOH 45 145 101 HOH HOH B . 
D 2 HOH 46 146 103 HOH HOH B . 
D 2 HOH 47 147 105 HOH HOH B . 
D 2 HOH 48 148 106 HOH HOH B . 
D 2 HOH 49 149 107 HOH HOH B . 
D 2 HOH 50 150 108 HOH HOH B . 
D 2 HOH 51 151 110 HOH HOH B . 
D 2 HOH 52 152 111 HOH HOH B . 
D 2 HOH 53 153 112 HOH HOH B . 
D 2 HOH 54 154 118 HOH HOH B . 
D 2 HOH 55 155 119 HOH HOH B . 
D 2 HOH 56 156 122 HOH HOH B . 
D 2 HOH 57 157 123 HOH HOH B . 
D 2 HOH 58 158 124 HOH HOH B . 
D 2 HOH 59 159 131 HOH HOH B . 
D 2 HOH 60 160 132 HOH HOH B . 
D 2 HOH 61 161 133 HOH HOH B . 
D 2 HOH 62 162 134 HOH HOH B . 
D 2 HOH 63 163 136 HOH HOH B . 
D 2 HOH 64 164 141 HOH HOH B . 
D 2 HOH 65 165 142 HOH HOH B . 
D 2 HOH 66 166 143 HOH HOH B . 
D 2 HOH 67 167 145 HOH HOH B . 
D 2 HOH 68 168 148 HOH HOH B . 
D 2 HOH 69 169 152 HOH HOH B . 
D 2 HOH 70 170 160 HOH HOH B . 
D 2 HOH 71 171 163 HOH HOH B . 
D 2 HOH 72 172 168 HOH HOH B . 
D 2 HOH 73 173 169 HOH HOH B . 
D 2 HOH 74 174 175 HOH HOH B . 
# 
loop_
_software.name 
_software.classification 
_software.version 
_software.citation_id 
_software.pdbx_ordinal 
CrystalClear 'data collection' .        ? 1 
PHASER       phasing           .        ? 2 
REFMAC       refinement        5.7.0032 ? 3 
CrystalClear 'data reduction'  .        ? 4 
CrystalClear 'data scaling'    .        ? 5 
# 
_cell.entry_id           4LFT 
_cell.length_a           104.595 
_cell.length_b           38.270 
_cell.length_c           39.419 
_cell.angle_alpha        90.00 
_cell.angle_beta         90.00 
_cell.angle_gamma        90.00 
_cell.Z_PDB              8 
_cell.pdbx_unique_axis   ? 
_cell.length_a_esd       ? 
_cell.length_b_esd       ? 
_cell.length_c_esd       ? 
_cell.angle_alpha_esd    ? 
_cell.angle_beta_esd     ? 
_cell.angle_gamma_esd    ? 
# 
_symmetry.entry_id                         4LFT 
_symmetry.space_group_name_H-M             'P 21 21 21' 
_symmetry.pdbx_full_space_group_name_H-M   ? 
_symmetry.cell_setting                     ? 
_symmetry.Int_Tables_number                19 
_symmetry.space_group_name_Hall            ? 
# 
_exptl.entry_id          4LFT 
_exptl.method            'X-RAY DIFFRACTION' 
_exptl.crystals_number   1 
# 
_exptl_crystal.id                    1 
_exptl_crystal.density_meas          ? 
_exptl_crystal.density_Matthews      2.46 
_exptl_crystal.density_percent_sol   50.03 
_exptl_crystal.description           ? 
_exptl_crystal.F_000                 ? 
_exptl_crystal.preparation           ? 
# 
_exptl_crystal_grow.crystal_id      1 
_exptl_crystal_grow.method          'VAPOR DIFFUSION, HANGING DROP' 
_exptl_crystal_grow.temp            293 
_exptl_crystal_grow.temp_details    ? 
_exptl_crystal_grow.pH              7.5 
_exptl_crystal_grow.pdbx_details    
;protein was dissolved in 2mM HCl, 5 mg/mL. reservoir: 0.1M TRIS-HCL, 2% (v/v) dioxane, 65% (v/v) 2-methyl-2,4-pentanediol (MPD), pH 7.5, VAPOR DIFFUSION, HANGING DROP, temperature 293K
;
_exptl_crystal_grow.pdbx_pH_range   ? 
# 
_diffrn.id                     1 
_diffrn.ambient_temp           100 
_diffrn.ambient_temp_details   ? 
_diffrn.crystal_id             1 
# 
_diffrn_detector.diffrn_id              1 
_diffrn_detector.detector               CCD 
_diffrn_detector.type                   'RIGAKU SATURN 944' 
_diffrn_detector.pdbx_collection_date   2012-08-24 
_diffrn_detector.details                ? 
# 
_diffrn_radiation.diffrn_id                        1 
_diffrn_radiation.wavelength_id                    1 
_diffrn_radiation.pdbx_monochromatic_or_laue_m_l   M 
_diffrn_radiation.monochromator                    Mirrors 
_diffrn_radiation.pdbx_diffrn_protocol             'SINGLE WAVELENGTH' 
_diffrn_radiation.pdbx_scattering_type             x-ray 
# 
_diffrn_radiation_wavelength.id           1 
_diffrn_radiation_wavelength.wavelength   1.54 
_diffrn_radiation_wavelength.wt           1.0 
# 
_diffrn_source.diffrn_id                   1 
_diffrn_source.source                      'ROTATING ANODE' 
_diffrn_source.type                        'RIGAKU FR-E SUPERBRIGHT' 
_diffrn_source.pdbx_synchrotron_site       ? 
_diffrn_source.pdbx_synchrotron_beamline   ? 
_diffrn_source.pdbx_wavelength             ? 
_diffrn_source.pdbx_wavelength_list        1.54 
# 
_reflns.entry_id                     4LFT 
_reflns.observed_criterion_sigma_I   0 
_reflns.observed_criterion_sigma_F   0 
_reflns.d_resolution_low             27.46 
_reflns.d_resolution_high            1.7 
_reflns.number_obs                   22047 
_reflns.number_all                   121995 
_reflns.percent_possible_obs         92.85 
_reflns.pdbx_Rmerge_I_obs            0.045 
_reflns.pdbx_Rsym_value              ? 
_reflns.pdbx_netI_over_sigmaI        27.2 
_reflns.B_iso_Wilson_estimate        23.903 
_reflns.pdbx_redundancy              5.53 
_reflns.R_free_details               ? 
_reflns.limit_h_max                  ? 
_reflns.limit_h_min                  ? 
_reflns.limit_k_max                  ? 
_reflns.limit_k_min                  ? 
_reflns.limit_l_max                  ? 
_reflns.limit_l_min                  ? 
_reflns.observed_criterion_F_max     ? 
_reflns.observed_criterion_F_min     ? 
_reflns.pdbx_chi_squared             ? 
_reflns.pdbx_scaling_rejects         ? 
_reflns.pdbx_ordinal                 1 
_reflns.pdbx_diffrn_id               1 
# 
_reflns_shell.d_res_high             1.700 
_reflns_shell.d_res_low              1.744 
_reflns_shell.percent_possible_obs   ? 
_reflns_shell.percent_possible_all   74.79 
_reflns_shell.Rmerge_I_obs           0.483 
_reflns_shell.meanI_over_sigI_obs    1.9 
_reflns_shell.pdbx_Rsym_value        ? 
_reflns_shell.pdbx_redundancy        2.16 
_reflns_shell.number_unique_all      ? 
_reflns_shell.number_measured_all    ? 
_reflns_shell.number_measured_obs    ? 
_reflns_shell.number_unique_obs      ? 
_reflns_shell.pdbx_chi_squared       ? 
_reflns_shell.pdbx_ordinal           1 
_reflns_shell.pdbx_diffrn_id         1 
# 
_refine.entry_id                                 4LFT 
_refine.ls_number_reflns_obs                     15981 
_refine.ls_number_reflns_all                     22047 
_refine.pdbx_ls_sigma_I                          0 
_refine.pdbx_ls_sigma_F                          0 
_refine.pdbx_data_cutoff_high_absF               ? 
_refine.pdbx_data_cutoff_low_absF                ? 
_refine.pdbx_data_cutoff_high_rms_absF           ? 
_refine.ls_d_res_low                             27.46 
_refine.ls_d_res_high                            1.70 
_refine.ls_percent_reflns_obs                    92.85 
_refine.ls_R_factor_obs                          0.19916 
_refine.ls_R_factor_all                          0.19916 
_refine.ls_R_factor_R_work                       0.19780 
_refine.ls_R_factor_R_free                       0.22371 
_refine.ls_R_factor_R_free_error                 ? 
_refine.ls_R_factor_R_free_error_details         ? 
_refine.ls_percent_reflns_R_free                 5.0 
_refine.ls_number_reflns_R_free                  848 
_refine.ls_number_parameters                     ? 
_refine.ls_number_restraints                     ? 
_refine.occupancy_min                            ? 
_refine.occupancy_max                            ? 
_refine.correlation_coeff_Fo_to_Fc               0.953 
_refine.correlation_coeff_Fo_to_Fc_free          0.940 
_refine.B_iso_mean                               23.903 
_refine.aniso_B[1][1]                            -0.07 
_refine.aniso_B[2][2]                            -0.00 
_refine.aniso_B[3][3]                            0.07 
_refine.aniso_B[1][2]                            0.00 
_refine.aniso_B[1][3]                            0.00 
_refine.aniso_B[2][3]                            -0.00 
_refine.solvent_model_details                    MASK 
_refine.solvent_model_param_ksol                 ? 
_refine.solvent_model_param_bsol                 ? 
_refine.pdbx_solvent_vdw_probe_radii             1.20 
_refine.pdbx_solvent_ion_probe_radii             0.80 
_refine.pdbx_solvent_shrinkage_radii             0.80 
_refine.pdbx_ls_cross_valid_method               THROUGHOUT 
_refine.details                                  'HYDROGENS HAVE BEEN ADDED IN THE RIDING POSITIONS' 
_refine.pdbx_starting_model                      'PDB ENTRY 1NTN' 
_refine.pdbx_method_to_determine_struct          'MOLECULAR REPLACEMENT' 
_refine.pdbx_isotropic_thermal_model             ? 
_refine.pdbx_stereochemistry_target_values       'MAXIMUM LIKELIHOOD' 
_refine.pdbx_stereochem_target_val_spec_case     ? 
_refine.pdbx_R_Free_selection_details            RANDOM 
_refine.pdbx_overall_ESU_R                       0.113 
_refine.pdbx_overall_ESU_R_Free                  0.107 
_refine.overall_SU_ML                            0.064 
_refine.pdbx_overall_phase_error                 ? 
_refine.overall_SU_B                             1.917 
_refine.overall_SU_R_Cruickshank_DPI             ? 
_refine.ls_redundancy_reflns_obs                 ? 
_refine.B_iso_min                                ? 
_refine.B_iso_max                                ? 
_refine.overall_SU_R_free                        ? 
_refine.ls_wR_factor_R_free                      ? 
_refine.ls_wR_factor_R_work                      ? 
_refine.overall_FOM_free_R_set                   ? 
_refine.overall_FOM_work_R_set                   ? 
_refine.pdbx_diffrn_id                           1 
_refine.pdbx_refine_id                           'X-RAY DIFFRACTION' 
_refine.pdbx_TLS_residual_ADP_flag               ? 
_refine.pdbx_overall_SU_R_free_Cruickshank_DPI   ? 
_refine.pdbx_overall_SU_R_Blow_DPI               ? 
_refine.pdbx_overall_SU_R_free_Blow_DPI          ? 
# 
_refine_hist.pdbx_refine_id                   'X-RAY DIFFRACTION' 
_refine_hist.cycle_id                         LAST 
_refine_hist.pdbx_number_atoms_protein        1034 
_refine_hist.pdbx_number_atoms_nucleic_acid   0 
_refine_hist.pdbx_number_atoms_ligand         0 
_refine_hist.number_atoms_solvent             133 
_refine_hist.number_atoms_total               1167 
_refine_hist.d_res_high                       1.70 
_refine_hist.d_res_low                        27.46 
# 
loop_
_refine_ls_restr.type 
_refine_ls_restr.dev_ideal 
_refine_ls_restr.dev_ideal_target 
_refine_ls_restr.weight 
_refine_ls_restr.number 
_refine_ls_restr.pdbx_restraint_function 
_refine_ls_restr.pdbx_refine_id 
r_bond_refined_d             0.024  0.020  ? 1066 ? 'X-RAY DIFFRACTION' 
r_bond_other_d               0.001  0.020  ? 1013 ? 'X-RAY DIFFRACTION' 
r_angle_refined_deg          2.267  1.951  ? 1439 ? 'X-RAY DIFFRACTION' 
r_angle_other_deg            0.956  3.017  ? 2333 ? 'X-RAY DIFFRACTION' 
r_dihedral_angle_1_deg       7.145  5.000  ? 136  ? 'X-RAY DIFFRACTION' 
r_dihedral_angle_2_deg       37.021 24.286 ? 42   ? 'X-RAY DIFFRACTION' 
r_dihedral_angle_3_deg       12.418 15.000 ? 195  ? 'X-RAY DIFFRACTION' 
r_dihedral_angle_4_deg       12.195 15.000 ? 7    ? 'X-RAY DIFFRACTION' 
r_chiral_restr               0.145  0.200  ? 155  ? 'X-RAY DIFFRACTION' 
r_gen_planes_refined         0.012  0.021  ? 1191 ? 'X-RAY DIFFRACTION' 
r_gen_planes_other           0.001  0.020  ? 232  ? 'X-RAY DIFFRACTION' 
r_nbd_refined                ?      ?      ? ?    ? 'X-RAY DIFFRACTION' 
r_nbd_other                  ?      ?      ? ?    ? 'X-RAY DIFFRACTION' 
r_nbtor_refined              ?      ?      ? ?    ? 'X-RAY DIFFRACTION' 
r_nbtor_other                ?      ?      ? ?    ? 'X-RAY DIFFRACTION' 
r_xyhbond_nbd_refined        ?      ?      ? ?    ? 'X-RAY DIFFRACTION' 
r_xyhbond_nbd_other          ?      ?      ? ?    ? 'X-RAY DIFFRACTION' 
r_metal_ion_refined          ?      ?      ? ?    ? 'X-RAY DIFFRACTION' 
r_metal_ion_other            ?      ?      ? ?    ? 'X-RAY DIFFRACTION' 
r_symmetry_vdw_refined       ?      ?      ? ?    ? 'X-RAY DIFFRACTION' 
r_symmetry_vdw_other         ?      ?      ? ?    ? 'X-RAY DIFFRACTION' 
r_symmetry_hbond_refined     ?      ?      ? ?    ? 'X-RAY DIFFRACTION' 
r_symmetry_hbond_other       ?      ?      ? ?    ? 'X-RAY DIFFRACTION' 
r_symmetry_metal_ion_refined ?      ?      ? ?    ? 'X-RAY DIFFRACTION' 
r_symmetry_metal_ion_other   ?      ?      ? ?    ? 'X-RAY DIFFRACTION' 
r_mcbond_it                  2.508  2.049  ? 544  ? 'X-RAY DIFFRACTION' 
r_mcbond_other               2.503  2.049  ? 543  ? 'X-RAY DIFFRACTION' 
r_mcangle_it                 3.452  3.076  ? 677  ? 'X-RAY DIFFRACTION' 
r_mcangle_other              3.450  3.074  ? 678  ? 'X-RAY DIFFRACTION' 
r_scbond_it                  3.486  2.451  ? 522  ? 'X-RAY DIFFRACTION' 
r_scbond_other               3.483  2.450  ? 523  ? 'X-RAY DIFFRACTION' 
r_scangle_it                 ?      ?      ? ?    ? 'X-RAY DIFFRACTION' 
r_scangle_other              5.292  3.485  ? 762  ? 'X-RAY DIFFRACTION' 
r_long_range_B_refined       7.315  17.859 ? 1208 ? 'X-RAY DIFFRACTION' 
r_long_range_B_other         7.015  17.286 ? 1164 ? 'X-RAY DIFFRACTION' 
r_rigid_bond_restr           ?      ?      ? ?    ? 'X-RAY DIFFRACTION' 
r_sphericity_free            ?      ?      ? ?    ? 'X-RAY DIFFRACTION' 
r_sphericity_bonded          ?      ?      ? ?    ? 'X-RAY DIFFRACTION' 
# 
_refine_ls_shell.pdbx_total_number_of_bins_used   20 
_refine_ls_shell.d_res_high                       1.700 
_refine_ls_shell.d_res_low                        1.744 
_refine_ls_shell.number_reflns_R_work             946 
_refine_ls_shell.R_factor_R_work                  0.250 
_refine_ls_shell.percent_reflns_obs               74.79 
_refine_ls_shell.R_factor_R_free                  0.370 
_refine_ls_shell.R_factor_R_free_error            ? 
_refine_ls_shell.percent_reflns_R_free            ? 
_refine_ls_shell.number_reflns_R_free             45 
_refine_ls_shell.number_reflns_all                ? 
_refine_ls_shell.R_factor_all                     ? 
_refine_ls_shell.number_reflns_obs                946 
_refine_ls_shell.redundancy_reflns_obs            ? 
_refine_ls_shell.pdbx_refine_id                   'X-RAY DIFFRACTION' 
# 
_struct.entry_id                  4LFT 
_struct.title                     'Structure of alpha-elapitoxin-Dpp2d isolated from Black Mamba (Dendroaspis polylepis) venom' 
_struct.pdbx_model_details        ? 
_struct.pdbx_CASP_flag            ? 
_struct.pdbx_model_type_details   ? 
# 
_struct_keywords.entry_id        4LFT 
_struct_keywords.pdbx_keywords   TOXIN 
_struct_keywords.text            
'Long neurotoxin, three-finger-toxin, disulfide-rich, acetylcholine receptor inhibitor activity, expressed by the venom gland, toxin' 
# 
loop_
_struct_asym.id 
_struct_asym.pdbx_blank_PDB_chainid_flag 
_struct_asym.pdbx_modified 
_struct_asym.entity_id 
_struct_asym.details 
A N N 1 ? 
B N N 1 ? 
C N N 2 ? 
D N N 2 ? 
# 
_struct_ref.id                         1 
_struct_ref.db_name                    UNP 
_struct_ref.db_code                    NXL1_DENPO 
_struct_ref.pdbx_db_accession          P01396 
_struct_ref.entity_id                  1 
_struct_ref.pdbx_seq_one_letter_code   
;RTCNKTFSDQSKICPPGENICYTKTWCDAWCSQRGKRVELGCAATCPKVKAGVEIKCCSTDDCDRTCNKTFSDQSKICPP
GENICYTKTWCDAWCSQRGKRVELGCAATCPKVKAGVEIKCCSTDDCDKFQFGKPR
;
_struct_ref.pdbx_align_begin           1 
_struct_ref.pdbx_db_isoform            ? 
# 
loop_
_struct_ref_seq.align_id 
_struct_ref_seq.ref_id 
_struct_ref_seq.pdbx_PDB_id_code 
_struct_ref_seq.pdbx_strand_id 
_struct_ref_seq.seq_align_beg 
_struct_ref_seq.pdbx_seq_align_beg_ins_code 
_struct_ref_seq.seq_align_end 
_struct_ref_seq.pdbx_seq_align_end_ins_code 
_struct_ref_seq.pdbx_db_accession 
_struct_ref_seq.db_align_beg 
_struct_ref_seq.pdbx_db_align_beg_ins_code 
_struct_ref_seq.db_align_end 
_struct_ref_seq.pdbx_db_align_end_ins_code 
_struct_ref_seq.pdbx_auth_seq_align_beg 
_struct_ref_seq.pdbx_auth_seq_align_end 
1 1 4LFT A 1 ? 72 ? P01396 65 ? 136 ? 1 72 
2 1 4LFT B 1 ? 72 ? P01396 65 ? 136 ? 1 72 
# 
loop_
_struct_ref_seq_dif.align_id 
_struct_ref_seq_dif.pdbx_pdb_id_code 
_struct_ref_seq_dif.mon_id 
_struct_ref_seq_dif.pdbx_pdb_strand_id 
_struct_ref_seq_dif.seq_num 
_struct_ref_seq_dif.pdbx_pdb_ins_code 
_struct_ref_seq_dif.pdbx_seq_db_name 
_struct_ref_seq_dif.pdbx_seq_db_accession_code 
_struct_ref_seq_dif.db_mon_id 
_struct_ref_seq_dif.pdbx_seq_db_seq_num 
_struct_ref_seq_dif.details 
_struct_ref_seq_dif.pdbx_auth_seq_num 
_struct_ref_seq_dif.pdbx_ordinal 
1 4LFT PHE A 30 ? UNP P01396 TRP 94  'SEE REMARK 999' 30 1 
1 4LFT ASN A 62 ? UNP P01396 ASP 126 'SEE REMARK 999' 62 2 
1 4LFT ASN A 64 ? UNP P01396 ASP 128 'SEE REMARK 999' 64 3 
1 4LFT NH2 A 73 ? UNP P01396 ?   ?   amidation        73 4 
2 4LFT PHE B 30 ? UNP P01396 TRP 94  'SEE REMARK 999' 30 5 
2 4LFT ASN B 62 ? UNP P01396 ASP 126 'SEE REMARK 999' 62 6 
2 4LFT ASN B 64 ? UNP P01396 ASP 128 'SEE REMARK 999' 64 7 
2 4LFT NH2 B 73 ? UNP P01396 ?   ?   amidation        73 8 
# 
loop_
_pdbx_struct_assembly.id 
_pdbx_struct_assembly.details 
_pdbx_struct_assembly.method_details 
_pdbx_struct_assembly.oligomeric_details 
_pdbx_struct_assembly.oligomeric_count 
1 author_defined_assembly   ?    dimeric   2 
2 software_defined_assembly PISA monomeric 1 
3 software_defined_assembly PISA monomeric 1 
# 
loop_
_pdbx_struct_assembly_gen.assembly_id 
_pdbx_struct_assembly_gen.oper_expression 
_pdbx_struct_assembly_gen.asym_id_list 
1 1 A,B,C,D 
2 1 A,C     
3 1 B,D     
# 
_pdbx_struct_oper_list.id                   1 
_pdbx_struct_oper_list.type                 'identity operation' 
_pdbx_struct_oper_list.name                 1_555 
_pdbx_struct_oper_list.symmetry_operation   x,y,z 
_pdbx_struct_oper_list.matrix[1][1]         1.0000000000 
_pdbx_struct_oper_list.matrix[1][2]         0.0000000000 
_pdbx_struct_oper_list.matrix[1][3]         0.0000000000 
_pdbx_struct_oper_list.vector[1]            0.0000000000 
_pdbx_struct_oper_list.matrix[2][1]         0.0000000000 
_pdbx_struct_oper_list.matrix[2][2]         1.0000000000 
_pdbx_struct_oper_list.matrix[2][3]         0.0000000000 
_pdbx_struct_oper_list.vector[2]            0.0000000000 
_pdbx_struct_oper_list.matrix[3][1]         0.0000000000 
_pdbx_struct_oper_list.matrix[3][2]         0.0000000000 
_pdbx_struct_oper_list.matrix[3][3]         1.0000000000 
_pdbx_struct_oper_list.vector[3]            0.0000000000 
# 
_struct_biol.id        1 
_struct_biol.details   ? 
# 
loop_
_struct_conf.conf_type_id 
_struct_conf.id 
_struct_conf.pdbx_PDB_helix_id 
_struct_conf.beg_label_comp_id 
_struct_conf.beg_label_asym_id 
_struct_conf.beg_label_seq_id 
_struct_conf.pdbx_beg_PDB_ins_code 
_struct_conf.end_label_comp_id 
_struct_conf.end_label_asym_id 
_struct_conf.end_label_seq_id 
_struct_conf.pdbx_end_PDB_ins_code 
_struct_conf.beg_auth_comp_id 
_struct_conf.beg_auth_asym_id 
_struct_conf.beg_auth_seq_id 
_struct_conf.end_auth_comp_id 
_struct_conf.end_auth_asym_id 
_struct_conf.end_auth_seq_id 
_struct_conf.pdbx_PDB_helix_class 
_struct_conf.details 
_struct_conf.pdbx_PDB_helix_length 
HELX_P HELX_P1 1 PHE A 30 ? GLY A 35 ? PHE A 30 GLY A 35 1 ? 6 
HELX_P HELX_P2 2 PHE B 30 ? GLY B 35 ? PHE B 30 GLY B 35 1 ? 6 
# 
_struct_conf_type.id          HELX_P 
_struct_conf_type.criteria    ? 
_struct_conf_type.reference   ? 
# 
loop_
_struct_conn.id 
_struct_conn.conn_type_id 
_struct_conn.pdbx_leaving_atom_flag 
_struct_conn.pdbx_PDB_id 
_struct_conn.ptnr1_label_asym_id 
_struct_conn.ptnr1_label_comp_id 
_struct_conn.ptnr1_label_seq_id 
_struct_conn.ptnr1_label_atom_id 
_struct_conn.pdbx_ptnr1_label_alt_id 
_struct_conn.pdbx_ptnr1_PDB_ins_code 
_struct_conn.pdbx_ptnr1_standard_comp_id 
_struct_conn.ptnr1_symmetry 
_struct_conn.ptnr2_label_asym_id 
_struct_conn.ptnr2_label_comp_id 
_struct_conn.ptnr2_label_seq_id 
_struct_conn.ptnr2_label_atom_id 
_struct_conn.pdbx_ptnr2_label_alt_id 
_struct_conn.pdbx_ptnr2_PDB_ins_code 
_struct_conn.ptnr1_auth_asym_id 
_struct_conn.ptnr1_auth_comp_id 
_struct_conn.ptnr1_auth_seq_id 
_struct_conn.ptnr2_auth_asym_id 
_struct_conn.ptnr2_auth_comp_id 
_struct_conn.ptnr2_auth_seq_id 
_struct_conn.ptnr2_symmetry 
_struct_conn.pdbx_ptnr3_label_atom_id 
_struct_conn.pdbx_ptnr3_label_seq_id 
_struct_conn.pdbx_ptnr3_label_comp_id 
_struct_conn.pdbx_ptnr3_label_asym_id 
_struct_conn.pdbx_ptnr3_label_alt_id 
_struct_conn.pdbx_ptnr3_PDB_ins_code 
_struct_conn.details 
_struct_conn.pdbx_dist_value 
_struct_conn.pdbx_value_order 
_struct_conn.pdbx_role 
disulf1  disulf ?    ? A CYS 3  SG ? ? ? 1_555 A CYS 21 SG ? ? A CYS 3  A CYS 21 1_555 ? ? ? ? ? ? ? 1.959 ? ? 
disulf2  disulf ?    ? A CYS 14 SG ? ? ? 1_555 A CYS 42 SG ? ? A CYS 14 A CYS 42 1_555 ? ? ? ? ? ? ? 2.003 ? ? 
disulf3  disulf ?    ? A CYS 27 SG ? ? ? 1_555 A CYS 31 SG ? ? A CYS 27 A CYS 31 1_555 ? ? ? ? ? ? ? 2.044 ? ? 
disulf4  disulf ?    ? A CYS 46 SG ? ? ? 1_555 A CYS 57 SG ? ? A CYS 46 A CYS 57 1_555 ? ? ? ? ? ? ? 2.060 ? ? 
disulf5  disulf ?    ? A CYS 58 SG ? ? ? 1_555 A CYS 63 SG ? ? A CYS 58 A CYS 63 1_555 ? ? ? ? ? ? ? 2.054 ? ? 
disulf6  disulf ?    ? B CYS 3  SG ? ? ? 1_555 B CYS 21 SG ? ? B CYS 3  B CYS 21 1_555 ? ? ? ? ? ? ? 1.999 ? ? 
disulf7  disulf ?    ? B CYS 14 SG ? ? ? 1_555 B CYS 42 SG ? ? B CYS 14 B CYS 42 1_555 ? ? ? ? ? ? ? 2.042 ? ? 
disulf8  disulf ?    ? B CYS 27 SG ? ? ? 1_555 B CYS 31 SG ? ? B CYS 27 B CYS 31 1_555 ? ? ? ? ? ? ? 1.937 ? ? 
disulf9  disulf ?    ? B CYS 46 SG ? ? ? 1_555 B CYS 57 SG ? ? B CYS 46 B CYS 57 1_555 ? ? ? ? ? ? ? 1.983 ? ? 
disulf10 disulf ?    ? B CYS 58 SG ? ? ? 1_555 B CYS 63 SG ? ? B CYS 58 B CYS 63 1_555 ? ? ? ? ? ? ? 2.068 ? ? 
covale1  covale both ? B ARG 72 C  ? ? ? 1_555 B NH2 73 N  ? ? B ARG 72 B NH2 73 1_555 ? ? ? ? ? ? ? 1.385 ? ? 
# 
loop_
_struct_conn_type.id 
_struct_conn_type.criteria 
_struct_conn_type.reference 
disulf ? ? 
covale ? ? 
# 
loop_
_pdbx_modification_feature.ordinal 
_pdbx_modification_feature.label_comp_id 
_pdbx_modification_feature.label_asym_id 
_pdbx_modification_feature.label_seq_id 
_pdbx_modification_feature.label_alt_id 
_pdbx_modification_feature.modified_residue_label_comp_id 
_pdbx_modification_feature.modified_residue_label_asym_id 
_pdbx_modification_feature.modified_residue_label_seq_id 
_pdbx_modification_feature.modified_residue_label_alt_id 
_pdbx_modification_feature.auth_comp_id 
_pdbx_modification_feature.auth_asym_id 
_pdbx_modification_feature.auth_seq_id 
_pdbx_modification_feature.PDB_ins_code 
_pdbx_modification_feature.symmetry 
_pdbx_modification_feature.modified_residue_auth_comp_id 
_pdbx_modification_feature.modified_residue_auth_asym_id 
_pdbx_modification_feature.modified_residue_auth_seq_id 
_pdbx_modification_feature.modified_residue_PDB_ins_code 
_pdbx_modification_feature.modified_residue_symmetry 
_pdbx_modification_feature.comp_id_linking_atom 
_pdbx_modification_feature.modified_residue_id_linking_atom 
_pdbx_modification_feature.modified_residue_id 
_pdbx_modification_feature.ref_pcm_id 
_pdbx_modification_feature.ref_comp_id 
_pdbx_modification_feature.type 
_pdbx_modification_feature.category 
1  NH2 B 73 ? ARG B 72 ? NH2 B 73 ? 1_555 ARG B 72 ? 1_555 .  .  ARG 8 NH2 None 'Terminal amidation' 
2  CYS A 3  ? CYS A 21 ? CYS A 3  ? 1_555 CYS A 21 ? 1_555 SG SG .   . .   None 'Disulfide bridge'   
3  CYS A 14 ? CYS A 42 ? CYS A 14 ? 1_555 CYS A 42 ? 1_555 SG SG .   . .   None 'Disulfide bridge'   
4  CYS A 27 ? CYS A 31 ? CYS A 27 ? 1_555 CYS A 31 ? 1_555 SG SG .   . .   None 'Disulfide bridge'   
5  CYS A 46 ? CYS A 57 ? CYS A 46 ? 1_555 CYS A 57 ? 1_555 SG SG .   . .   None 'Disulfide bridge'   
6  CYS A 58 ? CYS A 63 ? CYS A 58 ? 1_555 CYS A 63 ? 1_555 SG SG .   . .   None 'Disulfide bridge'   
7  CYS B 3  ? CYS B 21 ? CYS B 3  ? 1_555 CYS B 21 ? 1_555 SG SG .   . .   None 'Disulfide bridge'   
8  CYS B 14 ? CYS B 42 ? CYS B 14 ? 1_555 CYS B 42 ? 1_555 SG SG .   . .   None 'Disulfide bridge'   
9  CYS B 27 ? CYS B 31 ? CYS B 27 ? 1_555 CYS B 31 ? 1_555 SG SG .   . .   None 'Disulfide bridge'   
10 CYS B 46 ? CYS B 57 ? CYS B 46 ? 1_555 CYS B 57 ? 1_555 SG SG .   . .   None 'Disulfide bridge'   
11 CYS B 58 ? CYS B 63 ? CYS B 58 ? 1_555 CYS B 63 ? 1_555 SG SG .   . .   None 'Disulfide bridge'   
# 
_struct_sheet.id               A 
_struct_sheet.type             ? 
_struct_sheet.number_strands   6 
_struct_sheet.details          ? 
# 
loop_
_struct_sheet_order.sheet_id 
_struct_sheet_order.range_id_1 
_struct_sheet_order.range_id_2 
_struct_sheet_order.offset 
_struct_sheet_order.sense 
A 1 2 ? anti-parallel 
A 2 3 ? anti-parallel 
A 3 4 ? anti-parallel 
A 4 5 ? anti-parallel 
A 5 6 ? anti-parallel 
# 
loop_
_struct_sheet_range.sheet_id 
_struct_sheet_range.id 
_struct_sheet_range.beg_label_comp_id 
_struct_sheet_range.beg_label_asym_id 
_struct_sheet_range.beg_label_seq_id 
_struct_sheet_range.pdbx_beg_PDB_ins_code 
_struct_sheet_range.end_label_comp_id 
_struct_sheet_range.end_label_asym_id 
_struct_sheet_range.end_label_seq_id 
_struct_sheet_range.pdbx_end_PDB_ins_code 
_struct_sheet_range.beg_auth_comp_id 
_struct_sheet_range.beg_auth_asym_id 
_struct_sheet_range.beg_auth_seq_id 
_struct_sheet_range.end_auth_comp_id 
_struct_sheet_range.end_auth_asym_id 
_struct_sheet_range.end_auth_seq_id 
A 1 ARG A 37 ? ALA A 43 ? ARG A 37 ALA A 43 
A 2 ILE A 20 ? TRP A 26 ? ILE A 20 TRP A 26 
A 3 GLU A 54 ? CYS A 58 ? GLU A 54 CYS A 58 
A 4 VAL B 53 ? CYS B 58 ? VAL B 53 CYS B 58 
A 5 ILE B 20 ? TRP B 26 ? ILE B 20 TRP B 26 
A 6 ARG B 37 ? ALA B 43 ? ARG B 37 ALA B 43 
# 
loop_
_pdbx_struct_sheet_hbond.sheet_id 
_pdbx_struct_sheet_hbond.range_id_1 
_pdbx_struct_sheet_hbond.range_id_2 
_pdbx_struct_sheet_hbond.range_1_label_atom_id 
_pdbx_struct_sheet_hbond.range_1_label_comp_id 
_pdbx_struct_sheet_hbond.range_1_label_asym_id 
_pdbx_struct_sheet_hbond.range_1_label_seq_id 
_pdbx_struct_sheet_hbond.range_1_PDB_ins_code 
_pdbx_struct_sheet_hbond.range_1_auth_atom_id 
_pdbx_struct_sheet_hbond.range_1_auth_comp_id 
_pdbx_struct_sheet_hbond.range_1_auth_asym_id 
_pdbx_struct_sheet_hbond.range_1_auth_seq_id 
_pdbx_struct_sheet_hbond.range_2_label_atom_id 
_pdbx_struct_sheet_hbond.range_2_label_comp_id 
_pdbx_struct_sheet_hbond.range_2_label_asym_id 
_pdbx_struct_sheet_hbond.range_2_label_seq_id 
_pdbx_struct_sheet_hbond.range_2_PDB_ins_code 
_pdbx_struct_sheet_hbond.range_2_auth_atom_id 
_pdbx_struct_sheet_hbond.range_2_auth_comp_id 
_pdbx_struct_sheet_hbond.range_2_auth_asym_id 
_pdbx_struct_sheet_hbond.range_2_auth_seq_id 
A 1 2 O GLU A 39 ? O GLU A 39 N LYS A 24 ? N LYS A 24 
A 2 3 N CYS A 21 ? N CYS A 21 O CYS A 58 ? O CYS A 58 
A 3 4 N CYS A 57 ? N CYS A 57 O ILE B 55 ? O ILE B 55 
A 4 5 O CYS B 58 ? O CYS B 58 N CYS B 21 ? N CYS B 21 
A 5 6 N LYS B 24 ? N LYS B 24 O GLU B 39 ? O GLU B 39 
# 
_pdbx_entry_details.entry_id                   4LFT 
_pdbx_entry_details.nonpolymer_details         ? 
_pdbx_entry_details.sequence_details           
'AUTHORS HAVE DEPOSITED A NEW ALPHA ELAPITOCIN DPP2D SEQUENCE IN UNIPROT WITH THE ASSIGNED ACCESSION NUMBER C0HJD7' 
_pdbx_entry_details.compound_details           ? 
_pdbx_entry_details.source_details             ? 
_pdbx_entry_details.has_ligand_of_interest     ? 
_pdbx_entry_details.has_protein_modification   Y 
# 
loop_
_pdbx_validate_rmsd_angle.id 
_pdbx_validate_rmsd_angle.PDB_model_num 
_pdbx_validate_rmsd_angle.auth_atom_id_1 
_pdbx_validate_rmsd_angle.auth_asym_id_1 
_pdbx_validate_rmsd_angle.auth_comp_id_1 
_pdbx_validate_rmsd_angle.auth_seq_id_1 
_pdbx_validate_rmsd_angle.PDB_ins_code_1 
_pdbx_validate_rmsd_angle.label_alt_id_1 
_pdbx_validate_rmsd_angle.auth_atom_id_2 
_pdbx_validate_rmsd_angle.auth_asym_id_2 
_pdbx_validate_rmsd_angle.auth_comp_id_2 
_pdbx_validate_rmsd_angle.auth_seq_id_2 
_pdbx_validate_rmsd_angle.PDB_ins_code_2 
_pdbx_validate_rmsd_angle.label_alt_id_2 
_pdbx_validate_rmsd_angle.auth_atom_id_3 
_pdbx_validate_rmsd_angle.auth_asym_id_3 
_pdbx_validate_rmsd_angle.auth_comp_id_3 
_pdbx_validate_rmsd_angle.auth_seq_id_3 
_pdbx_validate_rmsd_angle.PDB_ins_code_3 
_pdbx_validate_rmsd_angle.label_alt_id_3 
_pdbx_validate_rmsd_angle.angle_value 
_pdbx_validate_rmsd_angle.angle_target_value 
_pdbx_validate_rmsd_angle.angle_deviation 
_pdbx_validate_rmsd_angle.angle_standard_deviation 
_pdbx_validate_rmsd_angle.linker_flag 
1 1 NE A ARG 34 ? ? CZ A ARG 34 ? ? NH1 A ARG 34 ? ? 123.57 120.30 3.27  0.50 N 
2 1 NE A ARG 37 ? ? CZ A ARG 37 ? ? NH2 A ARG 37 ? ? 123.64 120.30 3.34  0.50 N 
3 1 CB A ASP 61 ? ? CG A ASP 61 ? ? OD1 A ASP 61 ? ? 126.74 118.30 8.44  0.90 N 
4 1 CB A ASP 61 ? ? CG A ASP 61 ? ? OD2 A ASP 61 ? ? 112.57 118.30 -5.73 0.90 N 
5 1 CB B ASP 28 ? ? CG B ASP 28 ? ? OD1 B ASP 28 ? ? 124.52 118.30 6.22  0.90 N 
6 1 CB B ASP 28 ? ? CG B ASP 28 ? ? OD2 B ASP 28 ? ? 112.79 118.30 -5.51 0.90 N 
7 1 NE B ARG 72 ? ? CZ B ARG 72 ? ? NH1 B ARG 72 ? ? 123.34 120.30 3.04  0.50 N 
# 
_pdbx_validate_torsion.id              1 
_pdbx_validate_torsion.PDB_model_num   1 
_pdbx_validate_torsion.auth_comp_id    ASP 
_pdbx_validate_torsion.auth_asym_id    B 
_pdbx_validate_torsion.auth_seq_id     28 
_pdbx_validate_torsion.PDB_ins_code    ? 
_pdbx_validate_torsion.label_alt_id    ? 
_pdbx_validate_torsion.phi             -106.51 
_pdbx_validate_torsion.psi             -166.89 
# 
loop_
_pdbx_unobs_or_zero_occ_residues.id 
_pdbx_unobs_or_zero_occ_residues.PDB_model_num 
_pdbx_unobs_or_zero_occ_residues.polymer_flag 
_pdbx_unobs_or_zero_occ_residues.occupancy_flag 
_pdbx_unobs_or_zero_occ_residues.auth_asym_id 
_pdbx_unobs_or_zero_occ_residues.auth_comp_id 
_pdbx_unobs_or_zero_occ_residues.auth_seq_id 
_pdbx_unobs_or_zero_occ_residues.PDB_ins_code 
_pdbx_unobs_or_zero_occ_residues.label_asym_id 
_pdbx_unobs_or_zero_occ_residues.label_comp_id 
_pdbx_unobs_or_zero_occ_residues.label_seq_id 
1 1 Y 1 A LYS 65 ? A LYS 65 
2 1 Y 1 A PHE 66 ? A PHE 66 
3 1 Y 1 A GLN 67 ? A GLN 67 
4 1 Y 1 A PHE 68 ? A PHE 68 
5 1 Y 1 A GLY 69 ? A GLY 69 
6 1 Y 1 A LYS 70 ? A LYS 70 
7 1 Y 1 A PRO 71 ? A PRO 71 
8 1 Y 1 A ARG 72 ? A ARG 72 
9 1 Y 1 A NH2 73 ? A NH2 73 
# 
loop_
_chem_comp_atom.comp_id 
_chem_comp_atom.atom_id 
_chem_comp_atom.type_symbol 
_chem_comp_atom.pdbx_aromatic_flag 
_chem_comp_atom.pdbx_stereo_config 
_chem_comp_atom.pdbx_ordinal 
ALA N    N N N 1   
ALA CA   C N S 2   
ALA C    C N N 3   
ALA O    O N N 4   
ALA CB   C N N 5   
ALA OXT  O N N 6   
ALA H    H N N 7   
ALA H2   H N N 8   
ALA HA   H N N 9   
ALA HB1  H N N 10  
ALA HB2  H N N 11  
ALA HB3  H N N 12  
ALA HXT  H N N 13  
ARG N    N N N 14  
ARG CA   C N S 15  
ARG C    C N N 16  
ARG O    O N N 17  
ARG CB   C N N 18  
ARG CG   C N N 19  
ARG CD   C N N 20  
ARG NE   N N N 21  
ARG CZ   C N N 22  
ARG NH1  N N N 23  
ARG NH2  N N N 24  
ARG OXT  O N N 25  
ARG H    H N N 26  
ARG H2   H N N 27  
ARG HA   H N N 28  
ARG HB2  H N N 29  
ARG HB3  H N N 30  
ARG HG2  H N N 31  
ARG HG3  H N N 32  
ARG HD2  H N N 33  
ARG HD3  H N N 34  
ARG HE   H N N 35  
ARG HH11 H N N 36  
ARG HH12 H N N 37  
ARG HH21 H N N 38  
ARG HH22 H N N 39  
ARG HXT  H N N 40  
ASN N    N N N 41  
ASN CA   C N S 42  
ASN C    C N N 43  
ASN O    O N N 44  
ASN CB   C N N 45  
ASN CG   C N N 46  
ASN OD1  O N N 47  
ASN ND2  N N N 48  
ASN OXT  O N N 49  
ASN H    H N N 50  
ASN H2   H N N 51  
ASN HA   H N N 52  
ASN HB2  H N N 53  
ASN HB3  H N N 54  
ASN HD21 H N N 55  
ASN HD22 H N N 56  
ASN HXT  H N N 57  
ASP N    N N N 58  
ASP CA   C N S 59  
ASP C    C N N 60  
ASP O    O N N 61  
ASP CB   C N N 62  
ASP CG   C N N 63  
ASP OD1  O N N 64  
ASP OD2  O N N 65  
ASP OXT  O N N 66  
ASP H    H N N 67  
ASP H2   H N N 68  
ASP HA   H N N 69  
ASP HB2  H N N 70  
ASP HB3  H N N 71  
ASP HD2  H N N 72  
ASP HXT  H N N 73  
CYS N    N N N 74  
CYS CA   C N R 75  
CYS C    C N N 76  
CYS O    O N N 77  
CYS CB   C N N 78  
CYS SG   S N N 79  
CYS OXT  O N N 80  
CYS H    H N N 81  
CYS H2   H N N 82  
CYS HA   H N N 83  
CYS HB2  H N N 84  
CYS HB3  H N N 85  
CYS HG   H N N 86  
CYS HXT  H N N 87  
GLN N    N N N 88  
GLN CA   C N S 89  
GLN C    C N N 90  
GLN O    O N N 91  
GLN CB   C N N 92  
GLN CG   C N N 93  
GLN CD   C N N 94  
GLN OE1  O N N 95  
GLN NE2  N N N 96  
GLN OXT  O N N 97  
GLN H    H N N 98  
GLN H2   H N N 99  
GLN HA   H N N 100 
GLN HB2  H N N 101 
GLN HB3  H N N 102 
GLN HG2  H N N 103 
GLN HG3  H N N 104 
GLN HE21 H N N 105 
GLN HE22 H N N 106 
GLN HXT  H N N 107 
GLU N    N N N 108 
GLU CA   C N S 109 
GLU C    C N N 110 
GLU O    O N N 111 
GLU CB   C N N 112 
GLU CG   C N N 113 
GLU CD   C N N 114 
GLU OE1  O N N 115 
GLU OE2  O N N 116 
GLU OXT  O N N 117 
GLU H    H N N 118 
GLU H2   H N N 119 
GLU HA   H N N 120 
GLU HB2  H N N 121 
GLU HB3  H N N 122 
GLU HG2  H N N 123 
GLU HG3  H N N 124 
GLU HE2  H N N 125 
GLU HXT  H N N 126 
GLY N    N N N 127 
GLY CA   C N N 128 
GLY C    C N N 129 
GLY O    O N N 130 
GLY OXT  O N N 131 
GLY H    H N N 132 
GLY H2   H N N 133 
GLY HA2  H N N 134 
GLY HA3  H N N 135 
GLY HXT  H N N 136 
HOH O    O N N 137 
HOH H1   H N N 138 
HOH H2   H N N 139 
ILE N    N N N 140 
ILE CA   C N S 141 
ILE C    C N N 142 
ILE O    O N N 143 
ILE CB   C N S 144 
ILE CG1  C N N 145 
ILE CG2  C N N 146 
ILE CD1  C N N 147 
ILE OXT  O N N 148 
ILE H    H N N 149 
ILE H2   H N N 150 
ILE HA   H N N 151 
ILE HB   H N N 152 
ILE HG12 H N N 153 
ILE HG13 H N N 154 
ILE HG21 H N N 155 
ILE HG22 H N N 156 
ILE HG23 H N N 157 
ILE HD11 H N N 158 
ILE HD12 H N N 159 
ILE HD13 H N N 160 
ILE HXT  H N N 161 
LEU N    N N N 162 
LEU CA   C N S 163 
LEU C    C N N 164 
LEU O    O N N 165 
LEU CB   C N N 166 
LEU CG   C N N 167 
LEU CD1  C N N 168 
LEU CD2  C N N 169 
LEU OXT  O N N 170 
LEU H    H N N 171 
LEU H2   H N N 172 
LEU HA   H N N 173 
LEU HB2  H N N 174 
LEU HB3  H N N 175 
LEU HG   H N N 176 
LEU HD11 H N N 177 
LEU HD12 H N N 178 
LEU HD13 H N N 179 
LEU HD21 H N N 180 
LEU HD22 H N N 181 
LEU HD23 H N N 182 
LEU HXT  H N N 183 
LYS N    N N N 184 
LYS CA   C N S 185 
LYS C    C N N 186 
LYS O    O N N 187 
LYS CB   C N N 188 
LYS CG   C N N 189 
LYS CD   C N N 190 
LYS CE   C N N 191 
LYS NZ   N N N 192 
LYS OXT  O N N 193 
LYS H    H N N 194 
LYS H2   H N N 195 
LYS HA   H N N 196 
LYS HB2  H N N 197 
LYS HB3  H N N 198 
LYS HG2  H N N 199 
LYS HG3  H N N 200 
LYS HD2  H N N 201 
LYS HD3  H N N 202 
LYS HE2  H N N 203 
LYS HE3  H N N 204 
LYS HZ1  H N N 205 
LYS HZ2  H N N 206 
LYS HZ3  H N N 207 
LYS HXT  H N N 208 
NH2 N    N N N 209 
NH2 HN1  H N N 210 
NH2 HN2  H N N 211 
PHE N    N N N 212 
PHE CA   C N S 213 
PHE C    C N N 214 
PHE O    O N N 215 
PHE CB   C N N 216 
PHE CG   C Y N 217 
PHE CD1  C Y N 218 
PHE CD2  C Y N 219 
PHE CE1  C Y N 220 
PHE CE2  C Y N 221 
PHE CZ   C Y N 222 
PHE OXT  O N N 223 
PHE H    H N N 224 
PHE H2   H N N 225 
PHE HA   H N N 226 
PHE HB2  H N N 227 
PHE HB3  H N N 228 
PHE HD1  H N N 229 
PHE HD2  H N N 230 
PHE HE1  H N N 231 
PHE HE2  H N N 232 
PHE HZ   H N N 233 
PHE HXT  H N N 234 
PRO N    N N N 235 
PRO CA   C N S 236 
PRO C    C N N 237 
PRO O    O N N 238 
PRO CB   C N N 239 
PRO CG   C N N 240 
PRO CD   C N N 241 
PRO OXT  O N N 242 
PRO H    H N N 243 
PRO HA   H N N 244 
PRO HB2  H N N 245 
PRO HB3  H N N 246 
PRO HG2  H N N 247 
PRO HG3  H N N 248 
PRO HD2  H N N 249 
PRO HD3  H N N 250 
PRO HXT  H N N 251 
SER N    N N N 252 
SER CA   C N S 253 
SER C    C N N 254 
SER O    O N N 255 
SER CB   C N N 256 
SER OG   O N N 257 
SER OXT  O N N 258 
SER H    H N N 259 
SER H2   H N N 260 
SER HA   H N N 261 
SER HB2  H N N 262 
SER HB3  H N N 263 
SER HG   H N N 264 
SER HXT  H N N 265 
THR N    N N N 266 
THR CA   C N S 267 
THR C    C N N 268 
THR O    O N N 269 
THR CB   C N R 270 
THR OG1  O N N 271 
THR CG2  C N N 272 
THR OXT  O N N 273 
THR H    H N N 274 
THR H2   H N N 275 
THR HA   H N N 276 
THR HB   H N N 277 
THR HG1  H N N 278 
THR HG21 H N N 279 
THR HG22 H N N 280 
THR HG23 H N N 281 
THR HXT  H N N 282 
TRP N    N N N 283 
TRP CA   C N S 284 
TRP C    C N N 285 
TRP O    O N N 286 
TRP CB   C N N 287 
TRP CG   C Y N 288 
TRP CD1  C Y N 289 
TRP CD2  C Y N 290 
TRP NE1  N Y N 291 
TRP CE2  C Y N 292 
TRP CE3  C Y N 293 
TRP CZ2  C Y N 294 
TRP CZ3  C Y N 295 
TRP CH2  C Y N 296 
TRP OXT  O N N 297 
TRP H    H N N 298 
TRP H2   H N N 299 
TRP HA   H N N 300 
TRP HB2  H N N 301 
TRP HB3  H N N 302 
TRP HD1  H N N 303 
TRP HE1  H N N 304 
TRP HE3  H N N 305 
TRP HZ2  H N N 306 
TRP HZ3  H N N 307 
TRP HH2  H N N 308 
TRP HXT  H N N 309 
TYR N    N N N 310 
TYR CA   C N S 311 
TYR C    C N N 312 
TYR O    O N N 313 
TYR CB   C N N 314 
TYR CG   C Y N 315 
TYR CD1  C Y N 316 
TYR CD2  C Y N 317 
TYR CE1  C Y N 318 
TYR CE2  C Y N 319 
TYR CZ   C Y N 320 
TYR OH   O N N 321 
TYR OXT  O N N 322 
TYR H    H N N 323 
TYR H2   H N N 324 
TYR HA   H N N 325 
TYR HB2  H N N 326 
TYR HB3  H N N 327 
TYR HD1  H N N 328 
TYR HD2  H N N 329 
TYR HE1  H N N 330 
TYR HE2  H N N 331 
TYR HH   H N N 332 
TYR HXT  H N N 333 
VAL N    N N N 334 
VAL CA   C N S 335 
VAL C    C N N 336 
VAL O    O N N 337 
VAL CB   C N N 338 
VAL CG1  C N N 339 
VAL CG2  C N N 340 
VAL OXT  O N N 341 
VAL H    H N N 342 
VAL H2   H N N 343 
VAL HA   H N N 344 
VAL HB   H N N 345 
VAL HG11 H N N 346 
VAL HG12 H N N 347 
VAL HG13 H N N 348 
VAL HG21 H N N 349 
VAL HG22 H N N 350 
VAL HG23 H N N 351 
VAL HXT  H N N 352 
# 
loop_
_chem_comp_bond.comp_id 
_chem_comp_bond.atom_id_1 
_chem_comp_bond.atom_id_2 
_chem_comp_bond.value_order 
_chem_comp_bond.pdbx_aromatic_flag 
_chem_comp_bond.pdbx_stereo_config 
_chem_comp_bond.pdbx_ordinal 
ALA N   CA   sing N N 1   
ALA N   H    sing N N 2   
ALA N   H2   sing N N 3   
ALA CA  C    sing N N 4   
ALA CA  CB   sing N N 5   
ALA CA  HA   sing N N 6   
ALA C   O    doub N N 7   
ALA C   OXT  sing N N 8   
ALA CB  HB1  sing N N 9   
ALA CB  HB2  sing N N 10  
ALA CB  HB3  sing N N 11  
ALA OXT HXT  sing N N 12  
ARG N   CA   sing N N 13  
ARG N   H    sing N N 14  
ARG N   H2   sing N N 15  
ARG CA  C    sing N N 16  
ARG CA  CB   sing N N 17  
ARG CA  HA   sing N N 18  
ARG C   O    doub N N 19  
ARG C   OXT  sing N N 20  
ARG CB  CG   sing N N 21  
ARG CB  HB2  sing N N 22  
ARG CB  HB3  sing N N 23  
ARG CG  CD   sing N N 24  
ARG CG  HG2  sing N N 25  
ARG CG  HG3  sing N N 26  
ARG CD  NE   sing N N 27  
ARG CD  HD2  sing N N 28  
ARG CD  HD3  sing N N 29  
ARG NE  CZ   sing N N 30  
ARG NE  HE   sing N N 31  
ARG CZ  NH1  sing N N 32  
ARG CZ  NH2  doub N N 33  
ARG NH1 HH11 sing N N 34  
ARG NH1 HH12 sing N N 35  
ARG NH2 HH21 sing N N 36  
ARG NH2 HH22 sing N N 37  
ARG OXT HXT  sing N N 38  
ASN N   CA   sing N N 39  
ASN N   H    sing N N 40  
ASN N   H2   sing N N 41  
ASN CA  C    sing N N 42  
ASN CA  CB   sing N N 43  
ASN CA  HA   sing N N 44  
ASN C   O    doub N N 45  
ASN C   OXT  sing N N 46  
ASN CB  CG   sing N N 47  
ASN CB  HB2  sing N N 48  
ASN CB  HB3  sing N N 49  
ASN CG  OD1  doub N N 50  
ASN CG  ND2  sing N N 51  
ASN ND2 HD21 sing N N 52  
ASN ND2 HD22 sing N N 53  
ASN OXT HXT  sing N N 54  
ASP N   CA   sing N N 55  
ASP N   H    sing N N 56  
ASP N   H2   sing N N 57  
ASP CA  C    sing N N 58  
ASP CA  CB   sing N N 59  
ASP CA  HA   sing N N 60  
ASP C   O    doub N N 61  
ASP C   OXT  sing N N 62  
ASP CB  CG   sing N N 63  
ASP CB  HB2  sing N N 64  
ASP CB  HB3  sing N N 65  
ASP CG  OD1  doub N N 66  
ASP CG  OD2  sing N N 67  
ASP OD2 HD2  sing N N 68  
ASP OXT HXT  sing N N 69  
CYS N   CA   sing N N 70  
CYS N   H    sing N N 71  
CYS N   H2   sing N N 72  
CYS CA  C    sing N N 73  
CYS CA  CB   sing N N 74  
CYS CA  HA   sing N N 75  
CYS C   O    doub N N 76  
CYS C   OXT  sing N N 77  
CYS CB  SG   sing N N 78  
CYS CB  HB2  sing N N 79  
CYS CB  HB3  sing N N 80  
CYS SG  HG   sing N N 81  
CYS OXT HXT  sing N N 82  
GLN N   CA   sing N N 83  
GLN N   H    sing N N 84  
GLN N   H2   sing N N 85  
GLN CA  C    sing N N 86  
GLN CA  CB   sing N N 87  
GLN CA  HA   sing N N 88  
GLN C   O    doub N N 89  
GLN C   OXT  sing N N 90  
GLN CB  CG   sing N N 91  
GLN CB  HB2  sing N N 92  
GLN CB  HB3  sing N N 93  
GLN CG  CD   sing N N 94  
GLN CG  HG2  sing N N 95  
GLN CG  HG3  sing N N 96  
GLN CD  OE1  doub N N 97  
GLN CD  NE2  sing N N 98  
GLN NE2 HE21 sing N N 99  
GLN NE2 HE22 sing N N 100 
GLN OXT HXT  sing N N 101 
GLU N   CA   sing N N 102 
GLU N   H    sing N N 103 
GLU N   H2   sing N N 104 
GLU CA  C    sing N N 105 
GLU CA  CB   sing N N 106 
GLU CA  HA   sing N N 107 
GLU C   O    doub N N 108 
GLU C   OXT  sing N N 109 
GLU CB  CG   sing N N 110 
GLU CB  HB2  sing N N 111 
GLU CB  HB3  sing N N 112 
GLU CG  CD   sing N N 113 
GLU CG  HG2  sing N N 114 
GLU CG  HG3  sing N N 115 
GLU CD  OE1  doub N N 116 
GLU CD  OE2  sing N N 117 
GLU OE2 HE2  sing N N 118 
GLU OXT HXT  sing N N 119 
GLY N   CA   sing N N 120 
GLY N   H    sing N N 121 
GLY N   H2   sing N N 122 
GLY CA  C    sing N N 123 
GLY CA  HA2  sing N N 124 
GLY CA  HA3  sing N N 125 
GLY C   O    doub N N 126 
GLY C   OXT  sing N N 127 
GLY OXT HXT  sing N N 128 
HOH O   H1   sing N N 129 
HOH O   H2   sing N N 130 
ILE N   CA   sing N N 131 
ILE N   H    sing N N 132 
ILE N   H2   sing N N 133 
ILE CA  C    sing N N 134 
ILE CA  CB   sing N N 135 
ILE CA  HA   sing N N 136 
ILE C   O    doub N N 137 
ILE C   OXT  sing N N 138 
ILE CB  CG1  sing N N 139 
ILE CB  CG2  sing N N 140 
ILE CB  HB   sing N N 141 
ILE CG1 CD1  sing N N 142 
ILE CG1 HG12 sing N N 143 
ILE CG1 HG13 sing N N 144 
ILE CG2 HG21 sing N N 145 
ILE CG2 HG22 sing N N 146 
ILE CG2 HG23 sing N N 147 
ILE CD1 HD11 sing N N 148 
ILE CD1 HD12 sing N N 149 
ILE CD1 HD13 sing N N 150 
ILE OXT HXT  sing N N 151 
LEU N   CA   sing N N 152 
LEU N   H    sing N N 153 
LEU N   H2   sing N N 154 
LEU CA  C    sing N N 155 
LEU CA  CB   sing N N 156 
LEU CA  HA   sing N N 157 
LEU C   O    doub N N 158 
LEU C   OXT  sing N N 159 
LEU CB  CG   sing N N 160 
LEU CB  HB2  sing N N 161 
LEU CB  HB3  sing N N 162 
LEU CG  CD1  sing N N 163 
LEU CG  CD2  sing N N 164 
LEU CG  HG   sing N N 165 
LEU CD1 HD11 sing N N 166 
LEU CD1 HD12 sing N N 167 
LEU CD1 HD13 sing N N 168 
LEU CD2 HD21 sing N N 169 
LEU CD2 HD22 sing N N 170 
LEU CD2 HD23 sing N N 171 
LEU OXT HXT  sing N N 172 
LYS N   CA   sing N N 173 
LYS N   H    sing N N 174 
LYS N   H2   sing N N 175 
LYS CA  C    sing N N 176 
LYS CA  CB   sing N N 177 
LYS CA  HA   sing N N 178 
LYS C   O    doub N N 179 
LYS C   OXT  sing N N 180 
LYS CB  CG   sing N N 181 
LYS CB  HB2  sing N N 182 
LYS CB  HB3  sing N N 183 
LYS CG  CD   sing N N 184 
LYS CG  HG2  sing N N 185 
LYS CG  HG3  sing N N 186 
LYS CD  CE   sing N N 187 
LYS CD  HD2  sing N N 188 
LYS CD  HD3  sing N N 189 
LYS CE  NZ   sing N N 190 
LYS CE  HE2  sing N N 191 
LYS CE  HE3  sing N N 192 
LYS NZ  HZ1  sing N N 193 
LYS NZ  HZ2  sing N N 194 
LYS NZ  HZ3  sing N N 195 
LYS OXT HXT  sing N N 196 
NH2 N   HN1  sing N N 197 
NH2 N   HN2  sing N N 198 
PHE N   CA   sing N N 199 
PHE N   H    sing N N 200 
PHE N   H2   sing N N 201 
PHE CA  C    sing N N 202 
PHE CA  CB   sing N N 203 
PHE CA  HA   sing N N 204 
PHE C   O    doub N N 205 
PHE C   OXT  sing N N 206 
PHE CB  CG   sing N N 207 
PHE CB  HB2  sing N N 208 
PHE CB  HB3  sing N N 209 
PHE CG  CD1  doub Y N 210 
PHE CG  CD2  sing Y N 211 
PHE CD1 CE1  sing Y N 212 
PHE CD1 HD1  sing N N 213 
PHE CD2 CE2  doub Y N 214 
PHE CD2 HD2  sing N N 215 
PHE CE1 CZ   doub Y N 216 
PHE CE1 HE1  sing N N 217 
PHE CE2 CZ   sing Y N 218 
PHE CE2 HE2  sing N N 219 
PHE CZ  HZ   sing N N 220 
PHE OXT HXT  sing N N 221 
PRO N   CA   sing N N 222 
PRO N   CD   sing N N 223 
PRO N   H    sing N N 224 
PRO CA  C    sing N N 225 
PRO CA  CB   sing N N 226 
PRO CA  HA   sing N N 227 
PRO C   O    doub N N 228 
PRO C   OXT  sing N N 229 
PRO CB  CG   sing N N 230 
PRO CB  HB2  sing N N 231 
PRO CB  HB3  sing N N 232 
PRO CG  CD   sing N N 233 
PRO CG  HG2  sing N N 234 
PRO CG  HG3  sing N N 235 
PRO CD  HD2  sing N N 236 
PRO CD  HD3  sing N N 237 
PRO OXT HXT  sing N N 238 
SER N   CA   sing N N 239 
SER N   H    sing N N 240 
SER N   H2   sing N N 241 
SER CA  C    sing N N 242 
SER CA  CB   sing N N 243 
SER CA  HA   sing N N 244 
SER C   O    doub N N 245 
SER C   OXT  sing N N 246 
SER CB  OG   sing N N 247 
SER CB  HB2  sing N N 248 
SER CB  HB3  sing N N 249 
SER OG  HG   sing N N 250 
SER OXT HXT  sing N N 251 
THR N   CA   sing N N 252 
THR N   H    sing N N 253 
THR N   H2   sing N N 254 
THR CA  C    sing N N 255 
THR CA  CB   sing N N 256 
THR CA  HA   sing N N 257 
THR C   O    doub N N 258 
THR C   OXT  sing N N 259 
THR CB  OG1  sing N N 260 
THR CB  CG2  sing N N 261 
THR CB  HB   sing N N 262 
THR OG1 HG1  sing N N 263 
THR CG2 HG21 sing N N 264 
THR CG2 HG22 sing N N 265 
THR CG2 HG23 sing N N 266 
THR OXT HXT  sing N N 267 
TRP N   CA   sing N N 268 
TRP N   H    sing N N 269 
TRP N   H2   sing N N 270 
TRP CA  C    sing N N 271 
TRP CA  CB   sing N N 272 
TRP CA  HA   sing N N 273 
TRP C   O    doub N N 274 
TRP C   OXT  sing N N 275 
TRP CB  CG   sing N N 276 
TRP CB  HB2  sing N N 277 
TRP CB  HB3  sing N N 278 
TRP CG  CD1  doub Y N 279 
TRP CG  CD2  sing Y N 280 
TRP CD1 NE1  sing Y N 281 
TRP CD1 HD1  sing N N 282 
TRP CD2 CE2  doub Y N 283 
TRP CD2 CE3  sing Y N 284 
TRP NE1 CE2  sing Y N 285 
TRP NE1 HE1  sing N N 286 
TRP CE2 CZ2  sing Y N 287 
TRP CE3 CZ3  doub Y N 288 
TRP CE3 HE3  sing N N 289 
TRP CZ2 CH2  doub Y N 290 
TRP CZ2 HZ2  sing N N 291 
TRP CZ3 CH2  sing Y N 292 
TRP CZ3 HZ3  sing N N 293 
TRP CH2 HH2  sing N N 294 
TRP OXT HXT  sing N N 295 
TYR N   CA   sing N N 296 
TYR N   H    sing N N 297 
TYR N   H2   sing N N 298 
TYR CA  C    sing N N 299 
TYR CA  CB   sing N N 300 
TYR CA  HA   sing N N 301 
TYR C   O    doub N N 302 
TYR C   OXT  sing N N 303 
TYR CB  CG   sing N N 304 
TYR CB  HB2  sing N N 305 
TYR CB  HB3  sing N N 306 
TYR CG  CD1  doub Y N 307 
TYR CG  CD2  sing Y N 308 
TYR CD1 CE1  sing Y N 309 
TYR CD1 HD1  sing N N 310 
TYR CD2 CE2  doub Y N 311 
TYR CD2 HD2  sing N N 312 
TYR CE1 CZ   doub Y N 313 
TYR CE1 HE1  sing N N 314 
TYR CE2 CZ   sing Y N 315 
TYR CE2 HE2  sing N N 316 
TYR CZ  OH   sing N N 317 
TYR OH  HH   sing N N 318 
TYR OXT HXT  sing N N 319 
VAL N   CA   sing N N 320 
VAL N   H    sing N N 321 
VAL N   H2   sing N N 322 
VAL CA  C    sing N N 323 
VAL CA  CB   sing N N 324 
VAL CA  HA   sing N N 325 
VAL C   O    doub N N 326 
VAL C   OXT  sing N N 327 
VAL CB  CG1  sing N N 328 
VAL CB  CG2  sing N N 329 
VAL CB  HB   sing N N 330 
VAL CG1 HG11 sing N N 331 
VAL CG1 HG12 sing N N 332 
VAL CG1 HG13 sing N N 333 
VAL CG2 HG21 sing N N 334 
VAL CG2 HG22 sing N N 335 
VAL CG2 HG23 sing N N 336 
VAL OXT HXT  sing N N 337 
# 
_pdbx_initial_refinement_model.id               1 
_pdbx_initial_refinement_model.entity_id_list   ? 
_pdbx_initial_refinement_model.type             'experimental model' 
_pdbx_initial_refinement_model.source_name      PDB 
_pdbx_initial_refinement_model.accession_code   1NTN 
_pdbx_initial_refinement_model.details          'PDB ENTRY 1NTN' 
# 
_atom_sites.entry_id                    4LFT 
_atom_sites.fract_transf_matrix[1][1]   -0.00769262 
_atom_sites.fract_transf_matrix[1][2]   0.00489628 
_atom_sites.fract_transf_matrix[1][3]   -0.00287449 
_atom_sites.fract_transf_matrix[2][1]   -0.00585639 
_atom_sites.fract_transf_matrix[2][2]   -0.01909973 
_atom_sites.fract_transf_matrix[2][3]   -0.01684280 
_atom_sites.fract_transf_matrix[3][1]   -0.01394921 
_atom_sites.fract_transf_matrix[3][2]   -0.01144734 
_atom_sites.fract_transf_matrix[3][3]   0.01783155 
_atom_sites.fract_transf_vector[1]      0.126743 
_atom_sites.fract_transf_vector[2]      0.340371 
_atom_sites.fract_transf_vector[3]      0.372746 
# 
loop_
_atom_type.symbol 
C 
N 
O 
S 
# 
loop_
_atom_site.group_PDB 
_atom_site.id 
_atom_site.type_symbol 
_atom_site.label_atom_id 
_atom_site.label_alt_id 
_atom_site.label_comp_id 
_atom_site.label_asym_id 
_atom_site.label_entity_id 
_atom_site.label_seq_id 
_atom_site.pdbx_PDB_ins_code 
_atom_site.Cartn_x 
_atom_site.Cartn_y 
_atom_site.Cartn_z 
_atom_site.occupancy 
_atom_site.B_iso_or_equiv 
_atom_site.pdbx_formal_charge 
_atom_site.auth_seq_id 
_atom_site.auth_comp_id 
_atom_site.auth_asym_id 
_atom_site.auth_atom_id 
_atom_site.pdbx_PDB_model_num 
ATOM   1    N N   . ARG A 1 1  ? 1.923   6.975   18.196  1.00 20.00 ? 1   ARG A N   1 
ATOM   2    C CA  . ARG A 1 1  ? 2.212   5.997   17.096  1.00 18.99 ? 1   ARG A CA  1 
ATOM   3    C C   . ARG A 1 1  ? 3.704   5.978   16.880  1.00 16.74 ? 1   ARG A C   1 
ATOM   4    O O   . ARG A 1 1  ? 4.362   7.000   16.950  1.00 16.63 ? 1   ARG A O   1 
ATOM   5    C CB  . ARG A 1 1  ? 1.493   6.475   15.825  1.00 19.04 ? 1   ARG A CB  1 
ATOM   6    C CG  . ARG A 1 1  ? 1.698   5.645   14.567  1.00 18.60 ? 1   ARG A CG  1 
ATOM   7    C CD  . ARG A 1 1  ? 1.024   4.292   14.550  1.00 18.15 ? 1   ARG A CD  1 
ATOM   8    N NE  . ARG A 1 1  ? -0.409  4.497   14.636  1.00 21.02 ? 1   ARG A NE  1 
ATOM   9    C CZ  . ARG A 1 1  ? -1.179  4.163   15.665  1.00 21.81 ? 1   ARG A CZ  1 
ATOM   10   N NH1 . ARG A 1 1  ? -0.729  3.511   16.715  1.00 24.12 ? 1   ARG A NH1 1 
ATOM   11   N NH2 . ARG A 1 1  ? -2.451  4.478   15.617  1.00 23.49 ? 1   ARG A NH2 1 
ATOM   12   N N   . THR A 1 2  ? 4.193   4.797   16.495  1.00 15.91 ? 2   THR A N   1 
ATOM   13   C CA  . THR A 1 2  ? 5.550   4.621   15.994  1.00 15.38 ? 2   THR A CA  1 
ATOM   14   C C   . THR A 1 2  ? 5.422   4.025   14.619  1.00 13.74 ? 2   THR A C   1 
ATOM   15   O O   . THR A 1 2  ? 4.533   3.176   14.346  1.00 15.08 ? 2   THR A O   1 
ATOM   16   C CB  . THR A 1 2  ? 6.404   3.733   16.871  1.00 15.79 ? 2   THR A CB  1 
ATOM   17   O OG1 . THR A 1 2  ? 5.714   2.510   17.161  1.00 16.38 ? 2   THR A OG1 1 
ATOM   18   C CG2 . THR A 1 2  ? 6.744   4.379   18.148  1.00 16.33 ? 2   THR A CG2 1 
ATOM   19   N N   . CYS A 1 3  ? 6.361   4.413   13.742  1.00 14.04 ? 3   CYS A N   1 
ATOM   20   C CA  . CYS A 1 3  ? 6.457   3.866   12.399  1.00 13.06 ? 3   CYS A CA  1 
ATOM   21   C C   . CYS A 1 3  ? 7.903   3.615   12.084  1.00 12.72 ? 3   CYS A C   1 
ATOM   22   O O   . CYS A 1 3  ? 8.817   4.338   12.505  1.00 14.66 ? 3   CYS A O   1 
ATOM   23   C CB  . CYS A 1 3  ? 5.897   4.847   11.309  1.00 12.94 ? 3   CYS A CB  1 
ATOM   24   S SG  . CYS A 1 3  ? 4.144   5.279   11.579  1.00 14.35 ? 3   CYS A SG  1 
ATOM   25   N N   . ASN A 1 4  ? 8.119   2.655   11.235  1.00 12.76 ? 4   ASN A N   1 
ATOM   26   C CA  . ASN A 1 4  ? 9.457   2.442   10.671  1.00 15.17 ? 4   ASN A CA  1 
ATOM   27   C C   . ASN A 1 4  ? 9.810   3.586   9.773   1.00 14.49 ? 4   ASN A C   1 
ATOM   28   O O   . ASN A 1 4  ? 8.894   4.292   9.303   1.00 14.49 ? 4   ASN A O   1 
ATOM   29   C CB  . ASN A 1 4  ? 9.606   1.110   10.021  1.00 18.72 ? 4   ASN A CB  1 
ATOM   30   C CG  . ASN A 1 4  ? 9.316   -0.019  11.036  1.00 23.65 ? 4   ASN A CG  1 
ATOM   31   O OD1 . ASN A 1 4  ? 9.695   -0.015  12.246  1.00 17.97 ? 4   ASN A OD1 1 
ATOM   32   N ND2 . ASN A 1 4  ? 8.521   -0.932  10.564  1.00 22.74 ? 4   ASN A ND2 1 
ATOM   33   N N   . LYS A 1 5  ? 11.112  3.853   9.711   1.00 16.74 ? 5   LYS A N   1 
ATOM   34   C CA  . LYS A 1 5  ? 11.620  5.033   8.968   1.00 18.44 ? 5   LYS A CA  1 
ATOM   35   C C   . LYS A 1 5  ? 12.600  4.632   7.891   1.00 18.71 ? 5   LYS A C   1 
ATOM   36   O O   . LYS A 1 5  ? 13.129  3.463   7.867   1.00 19.51 ? 5   LYS A O   1 
ATOM   37   C CB  . LYS A 1 5  ? 12.317  5.976   9.937   1.00 19.05 ? 5   LYS A CB  1 
ATOM   38   C CG  . LYS A 1 5  ? 11.378  6.503   11.082  1.00 17.17 ? 5   LYS A CG  1 
ATOM   39   C CD  . LYS A 1 5  ? 10.165  7.247   10.529  1.00 19.43 ? 5   LYS A CD  1 
ATOM   40   C CE  . LYS A 1 5  ? 9.252   7.765   11.596  1.00 20.13 ? 5   LYS A CE  1 
ATOM   41   N NZ  . LYS A 1 5  ? 9.802   8.834   12.472  1.00 22.42 ? 5   LYS A NZ  1 
ATOM   42   N N   . THR A 1 6  ? 12.918  5.626   7.059   1.00 19.01 ? 6   THR A N   1 
ATOM   43   C CA  . THR A 1 6  ? 13.828  5.368   5.912   1.00 19.73 ? 6   THR A CA  1 
ATOM   44   C C   . THR A 1 6  ? 15.245  5.028   6.325   1.00 21.43 ? 6   THR A C   1 
ATOM   45   O O   . THR A 1 6  ? 15.868  4.176   5.669   1.00 22.79 ? 6   THR A O   1 
ATOM   46   C CB  . THR A 1 6  ? 13.796  6.533   4.950   1.00 18.70 ? 6   THR A CB  1 
ATOM   47   O OG1 . THR A 1 6  ? 12.466  6.935   4.621   1.00 17.62 ? 6   THR A OG1 1 
ATOM   48   C CG2 . THR A 1 6  ? 14.608  6.159   3.627   1.00 21.13 ? 6   THR A CG2 1 
ATOM   49   N N   . PHE A 1 7  ? 15.726  5.625   7.438   1.00 19.53 ? 7   PHE A N   1 
ATOM   50   C CA  . PHE A 1 7  ? 17.068  5.365   7.961   1.00 21.60 ? 7   PHE A CA  1 
ATOM   51   C C   . PHE A 1 7  ? 17.027  4.699   9.336   1.00 23.91 ? 7   PHE A C   1 
ATOM   52   O O   . PHE A 1 7  ? 16.148  5.000   10.167  1.00 24.55 ? 7   PHE A O   1 
ATOM   53   C CB  . PHE A 1 7  ? 17.777  6.685   8.012   1.00 24.23 ? 7   PHE A CB  1 
ATOM   54   C CG  . PHE A 1 7  ? 17.875  7.343   6.663   1.00 26.42 ? 7   PHE A CG  1 
ATOM   55   C CD1 . PHE A 1 7  ? 18.808  6.905   5.777   1.00 30.75 ? 7   PHE A CD1 1 
ATOM   56   C CD2 . PHE A 1 7  ? 16.961  8.273   6.260   1.00 27.37 ? 7   PHE A CD2 1 
ATOM   57   C CE1 . PHE A 1 7  ? 18.903  7.483   4.521   1.00 29.70 ? 7   PHE A CE1 1 
ATOM   58   C CE2 . PHE A 1 7  ? 17.062  8.880   5.013   1.00 31.62 ? 7   PHE A CE2 1 
ATOM   59   C CZ  . PHE A 1 7  ? 18.038  8.456   4.156   1.00 29.07 ? 7   PHE A CZ  1 
ATOM   60   N N   . SER A 1 8  ? 17.981  3.792   9.549   1.00 25.52 ? 8   SER A N   1 
ATOM   61   C CA  . SER A 1 8  ? 17.960  2.875   10.695  1.00 29.31 ? 8   SER A CA  1 
ATOM   62   C C   . SER A 1 8  ? 18.195  3.622   11.995  1.00 24.92 ? 8   SER A C   1 
ATOM   63   O O   . SER A 1 8  ? 17.732  3.113   13.030  1.00 25.21 ? 8   SER A O   1 
ATOM   64   C CB  . SER A 1 8  ? 19.027  1.787   10.558  1.00 32.30 ? 8   SER A CB  1 
ATOM   65   O OG  . SER A 1 8  ? 20.243  2.436   10.456  1.00 38.01 ? 8   SER A OG  1 
ATOM   66   N N   . ASP A 1 9  ? 18.831  4.797   11.939  1.00 22.90 ? 9   ASP A N   1 
ATOM   67   C CA  . ASP A 1 9  ? 19.154  5.512   13.155  1.00 25.96 ? 9   ASP A CA  1 
ATOM   68   C C   . ASP A 1 9  ? 18.027  6.529   13.535  1.00 22.86 ? 9   ASP A C   1 
ATOM   69   O O   . ASP A 1 9  ? 18.128  7.268   14.521  1.00 24.66 ? 9   ASP A O   1 
ATOM   70   C CB  . ASP A 1 9  ? 20.461  6.265   12.985  1.00 27.31 ? 9   ASP A CB  1 
ATOM   71   C CG  . ASP A 1 9  ? 21.704  5.393   13.214  1.00 34.58 ? 9   ASP A CG  1 
ATOM   72   O OD1 . ASP A 1 9  ? 21.586  4.160   13.451  1.00 40.28 ? 9   ASP A OD1 1 
ATOM   73   O OD2 . ASP A 1 9  ? 22.817  6.012   13.172  1.00 42.35 ? 9   ASP A OD2 1 
ATOM   74   N N   . GLN A 1 10 ? 17.022  6.704   12.670  1.00 21.59 ? 10  GLN A N   1 
ATOM   75   C CA  . GLN A 1 10 ? 15.998  7.695   12.931  1.00 19.75 ? 10  GLN A CA  1 
ATOM   76   C C   . GLN A 1 10 ? 15.083  7.198   14.097  1.00 17.35 ? 10  GLN A C   1 
ATOM   77   O O   . GLN A 1 10 ? 14.756  6.006   14.211  1.00 17.42 ? 10  GLN A O   1 
ATOM   78   C CB  . GLN A 1 10 ? 15.091  7.914   11.739  1.00 22.78 ? 10  GLN A CB  1 
ATOM   79   C CG  . GLN A 1 10 ? 15.629  8.719   10.596  1.00 31.52 ? 10  GLN A CG  1 
ATOM   80   C CD  . GLN A 1 10 ? 14.598  8.842   9.496   1.00 28.72 ? 10  GLN A CD  1 
ATOM   81   O OE1 . GLN A 1 10 ? 14.652  8.113   8.529   1.00 27.91 ? 10  GLN A OE1 1 
ATOM   82   N NE2 . GLN A 1 10 ? 13.591  9.617   9.728   1.00 35.26 ? 10  GLN A NE2 1 
ATOM   83   N N   . SER A 1 11 ? 14.611  8.153   14.873  1.00 16.64 ? 11  SER A N   1 
ATOM   84   C CA  . SER A 1 11 ? 13.516  7.895   15.803  1.00 16.39 ? 11  SER A CA  1 
ATOM   85   C C   . SER A 1 11 ? 12.301  7.420   15.034  1.00 17.17 ? 11  SER A C   1 
ATOM   86   O O   . SER A 1 11 ? 11.943  7.938   13.968  1.00 16.38 ? 11  SER A O   1 
ATOM   87   C CB  . SER A 1 11 ? 13.155  9.052   16.666  1.00 17.69 ? 11  SER A CB  1 
ATOM   88   O OG  . SER A 1 11 ? 12.032  8.761   17.455  1.00 17.06 ? 11  SER A OG  1 
ATOM   89   N N   . LYS A 1 12 ? 11.627  6.432   15.624  1.00 14.17 ? 12  LYS A N   1 
ATOM   90   C CA  . LYS A 1 12 ? 10.426  5.917   15.038  1.00 13.61 ? 12  LYS A CA  1 
ATOM   91   C C   . LYS A 1 12 ? 9.181   6.592   15.619  1.00 14.69 ? 12  LYS A C   1 
ATOM   92   O O   . LYS A 1 12 ? 8.131   6.262   15.208  1.00 14.61 ? 12  LYS A O   1 
ATOM   93   C CB  . LYS A 1 12 ? 10.367  4.385   15.207  1.00 15.21 ? 12  LYS A CB  1 
ATOM   94   C CG  . LYS A 1 12 ? 11.458  3.638   14.577  1.00 16.58 ? 12  LYS A CG  1 
ATOM   95   C CD  . LYS A 1 12 ? 11.274  2.121   14.657  1.00 19.56 ? 12  LYS A CD  1 
ATOM   96   C CE  . LYS A 1 12 ? 12.510  1.392   14.286  1.00 20.52 ? 12  LYS A CE  1 
ATOM   97   N NZ  . LYS A 1 12 ? 12.203  0.006   13.901  1.00 21.48 ? 12  LYS A NZ  1 
ATOM   98   N N   . ILE A 1 13 ? 9.351   7.437   16.631  1.00 15.32 ? 13  ILE A N   1 
ATOM   99   C CA  . ILE A 1 13 ? 8.189   8.107   17.276  1.00 19.05 ? 13  ILE A CA  1 
ATOM   100  C C   . ILE A 1 13 ? 7.568   9.085   16.303  1.00 19.34 ? 13  ILE A C   1 
ATOM   101  O O   . ILE A 1 13 ? 8.320   9.919   15.753  1.00 23.82 ? 13  ILE A O   1 
ATOM   102  C CB  . ILE A 1 13 ? 8.702   8.935   18.506  1.00 20.81 ? 13  ILE A CB  1 
ATOM   103  C CG1 . ILE A 1 13 ? 9.417   8.092   19.563  1.00 28.81 ? 13  ILE A CG1 1 
ATOM   104  C CG2 . ILE A 1 13 ? 7.535   9.728   19.063  1.00 24.16 ? 13  ILE A CG2 1 
ATOM   105  C CD1 . ILE A 1 13 ? 8.620   6.975   20.039  1.00 27.75 ? 13  ILE A CD1 1 
ATOM   106  N N   . CYS A 1 14 ? 6.276   9.006   16.048  1.00 17.40 ? 14  CYS A N   1 
ATOM   107  C CA  . CYS A 1 14 ? 5.573   10.012  15.239  1.00 18.14 ? 14  CYS A CA  1 
ATOM   108  C C   . CYS A 1 14 ? 5.220   11.255  16.067  1.00 22.43 ? 14  CYS A C   1 
ATOM   109  O O   . CYS A 1 14 ? 4.868   11.174  17.253  1.00 20.66 ? 14  CYS A O   1 
ATOM   110  C CB  . CYS A 1 14 ? 4.304   9.471   14.639  1.00 19.91 ? 14  CYS A CB  1 
ATOM   111  S SG  . CYS A 1 14 ? 4.488   7.891   13.709  1.00 16.66 ? 14  CYS A SG  1 
ATOM   112  N N   . PRO A 1 15 ? 5.291   12.398  15.422  1.00 22.04 ? 15  PRO A N   1 
ATOM   113  C CA  . PRO A 1 15 ? 4.612   13.623  15.910  1.00 25.73 ? 15  PRO A CA  1 
ATOM   114  C C   . PRO A 1 15 ? 3.203   13.351  16.360  1.00 23.68 ? 15  PRO A C   1 
ATOM   115  O O   . PRO A 1 15 ? 2.482   12.555  15.776  1.00 24.96 ? 15  PRO A O   1 
ATOM   116  C CB  . PRO A 1 15 ? 4.575   14.518  14.643  1.00 29.02 ? 15  PRO A CB  1 
ATOM   117  C CG  . PRO A 1 15 ? 5.663   14.031  13.764  1.00 26.79 ? 15  PRO A CG  1 
ATOM   118  C CD  . PRO A 1 15 ? 5.710   12.527  13.990  1.00 26.12 ? 15  PRO A CD  1 
ATOM   119  N N   . PRO A 1 16 ? 2.694   14.104  17.392  1.00 26.97 ? 16  PRO A N   1 
ATOM   120  C CA  . PRO A 1 16 ? 1.367   13.891  17.936  1.00 31.36 ? 16  PRO A CA  1 
ATOM   121  C C   . PRO A 1 16 ? 0.212   13.704  16.964  1.00 27.62 ? 16  PRO A C   1 
ATOM   122  O O   . PRO A 1 16 ? -0.692  12.825  17.124  1.00 32.42 ? 16  PRO A O   1 
ATOM   123  C CB  . PRO A 1 16 ? 1.142   15.141  18.803  1.00 31.02 ? 16  PRO A CB  1 
ATOM   124  C CG  . PRO A 1 16 ? 2.476   15.506  19.231  1.00 30.09 ? 16  PRO A CG  1 
ATOM   125  C CD  . PRO A 1 16 ? 3.442   15.110  18.137  1.00 30.19 ? 16  PRO A CD  1 
ATOM   126  N N   . GLY A 1 17 ? 0.217   14.504  15.965  1.00 28.22 ? 17  GLY A N   1 
ATOM   127  C CA  . GLY A 1 17 ? -0.847  14.476  15.053  1.00 28.31 ? 17  GLY A CA  1 
ATOM   128  C C   . GLY A 1 17 ? -0.725  13.524  13.874  1.00 34.56 ? 17  GLY A C   1 
ATOM   129  O O   . GLY A 1 17 ? -1.421  13.702  12.894  1.00 35.59 ? 17  GLY A O   1 
ATOM   130  N N   . GLU A 1 18 ? 0.211   12.568  13.947  1.00 29.99 ? 18  GLU A N   1 
ATOM   131  C CA  . GLU A 1 18 ? 0.483   11.634  12.827  1.00 24.29 ? 18  GLU A CA  1 
ATOM   132  C C   . GLU A 1 18 ? 0.353   10.223  13.294  1.00 24.67 ? 18  GLU A C   1 
ATOM   133  O O   . GLU A 1 18 ? 1.243   9.759   14.047  1.00 27.03 ? 18  GLU A O   1 
ATOM   134  C CB  . GLU A 1 18 ? 1.857   11.925  12.292  1.00 24.38 ? 18  GLU A CB  1 
ATOM   135  C CG  . GLU A 1 18 ? 1.955   13.317  11.745  1.00 27.21 ? 18  GLU A CG  1 
ATOM   136  C CD  . GLU A 1 18 ? 3.240   13.666  11.043  1.00 31.38 ? 18  GLU A CD  1 
ATOM   137  O OE1 . GLU A 1 18 ? 4.103   12.800  10.828  1.00 28.16 ? 18  GLU A OE1 1 
ATOM   138  O OE2 . GLU A 1 18 ? 3.430   14.866  10.705  1.00 28.43 ? 18  GLU A OE2 1 
ATOM   139  N N   . ASN A 1 19 ? -0.757  9.577   12.906  1.00 23.53 ? 19  ASN A N   1 
ATOM   140  C CA  . ASN A 1 19 ? -1.149  8.203   13.308  1.00 24.78 ? 19  ASN A CA  1 
ATOM   141  C C   . ASN A 1 19 ? -1.105  7.157   12.196  1.00 19.85 ? 19  ASN A C   1 
ATOM   142  O O   . ASN A 1 19 ? -1.414  6.003   12.432  1.00 22.57 ? 19  ASN A O   1 
ATOM   143  C CB  . ASN A 1 19 ? -2.547  8.108   13.917  1.00 30.52 ? 19  ASN A CB  1 
ATOM   144  C CG  . ASN A 1 19 ? -2.642  8.772   15.231  1.00 36.74 ? 19  ASN A CG  1 
ATOM   145  O OD1 . ASN A 1 19 ? -3.516  9.583   15.412  1.00 42.93 ? 19  ASN A OD1 1 
ATOM   146  N ND2 . ASN A 1 19 ? -1.786  8.431   16.158  1.00 37.79 ? 19  ASN A ND2 1 
ATOM   147  N N   . ILE A 1 20 ? -0.671  7.563   10.994  1.00 20.58 ? 20  ILE A N   1 
ATOM   148  C CA  . ILE A 1 20 ? -0.642  6.643   9.879   1.00 19.29 ? 20  ILE A CA  1 
ATOM   149  C C   . ILE A 1 20 ? 0.877   6.415   9.618   1.00 15.72 ? 20  ILE A C   1 
ATOM   150  O O   . ILE A 1 20 ? 1.655   7.350   9.617   1.00 18.46 ? 20  ILE A O   1 
ATOM   151  C CB  . ILE A 1 20 ? -1.259  7.296   8.589   1.00 21.47 ? 20  ILE A CB  1 
ATOM   152  C CG1 . ILE A 1 20 ? -2.709  7.672   8.810   1.00 26.45 ? 20  ILE A CG1 1 
ATOM   153  C CG2 . ILE A 1 20 ? -1.086  6.427   7.357   1.00 21.24 ? 20  ILE A CG2 1 
ATOM   154  C CD1 . ILE A 1 20 ? -3.563  6.486   8.870   1.00 28.44 ? 20  ILE A CD1 1 
ATOM   155  N N   . CYS A 1 21 ? 1.234   5.177   9.376   1.00 14.45 ? 21  CYS A N   1 
ATOM   156  C CA  . CYS A 1 21 ? 2.538   4.824   8.797   1.00 16.34 ? 21  CYS A CA  1 
ATOM   157  C C   . CYS A 1 21 ? 2.400   4.593   7.308   1.00 14.39 ? 21  CYS A C   1 
ATOM   158  O O   . CYS A 1 21 ? 1.401   4.120   6.808   1.00 17.42 ? 21  CYS A O   1 
ATOM   159  C CB  . CYS A 1 21 ? 3.088   3.523   9.422   1.00 16.39 ? 21  CYS A CB  1 
ATOM   160  S SG  . CYS A 1 21 ? 3.194   3.599   11.244  1.00 15.05 ? 21  CYS A SG  1 
ATOM   161  N N   . TYR A 1 22 ? 3.485   4.874   6.580   1.00 14.66 ? 22  TYR A N   1 
ATOM   162  C CA  . TYR A 1 22 ? 3.503   4.715   5.184   1.00 16.06 ? 22  TYR A CA  1 
ATOM   163  C C   . TYR A 1 22 ? 4.791   4.190   4.655   1.00 15.37 ? 22  TYR A C   1 
ATOM   164  O O   . TYR A 1 22 ? 5.862   4.335   5.259   1.00 13.84 ? 22  TYR A O   1 
ATOM   165  C CB  . TYR A 1 22 ? 3.080   5.995   4.412   1.00 15.50 ? 22  TYR A CB  1 
ATOM   166  C CG  . TYR A 1 22 ? 4.126   7.010   4.371   1.00 15.29 ? 22  TYR A CG  1 
ATOM   167  C CD1 . TYR A 1 22 ? 5.114   7.019   3.369   1.00 15.99 ? 22  TYR A CD1 1 
ATOM   168  C CD2 . TYR A 1 22 ? 4.199   7.998   5.333   1.00 15.98 ? 22  TYR A CD2 1 
ATOM   169  C CE1 . TYR A 1 22 ? 6.145   7.952   3.405   1.00 18.62 ? 22  TYR A CE1 1 
ATOM   170  C CE2 . TYR A 1 22 ? 5.163   8.948   5.334   1.00 16.24 ? 22  TYR A CE2 1 
ATOM   171  C CZ  . TYR A 1 22 ? 6.174   8.933   4.359   1.00 17.29 ? 22  TYR A CZ  1 
ATOM   172  O OH  . TYR A 1 22 ? 7.208   9.843   4.410   1.00 19.01 ? 22  TYR A OH  1 
ATOM   173  N N   . THR A 1 23 ? 4.636   3.574   3.479   1.00 15.83 ? 23  THR A N   1 
ATOM   174  C CA  . THR A 1 23 ? 5.790   3.118   2.680   1.00 16.87 ? 23  THR A CA  1 
ATOM   175  C C   . THR A 1 23 ? 5.567   3.635   1.252   1.00 17.37 ? 23  THR A C   1 
ATOM   176  O O   . THR A 1 23 ? 4.596   3.204   0.598   1.00 18.64 ? 23  THR A O   1 
ATOM   177  C CB  . THR A 1 23 ? 5.823   1.586   2.578   1.00 18.09 ? 23  THR A CB  1 
ATOM   178  O OG1 . THR A 1 23 ? 5.872   0.998   3.907   1.00 19.09 ? 23  THR A OG1 1 
ATOM   179  C CG2 . THR A 1 23 ? 7.056   1.092   1.764   1.00 18.86 ? 23  THR A CG2 1 
ATOM   180  N N   . LYS A 1 24 ? 6.446   4.486   0.758   1.00 16.92 ? 24  LYS A N   1 
ATOM   181  C CA  . LYS A 1 24 ? 6.285   5.074   -0.566  1.00 15.69 ? 24  LYS A CA  1 
ATOM   182  C C   . LYS A 1 24 ? 7.383   4.429   -1.394  1.00 16.09 ? 24  LYS A C   1 
ATOM   183  O O   . LYS A 1 24 ? 8.561   4.382   -0.915  1.00 16.29 ? 24  LYS A O   1 
ATOM   184  C CB  . LYS A 1 24 ? 6.449   6.557   -0.416  1.00 18.61 ? 24  LYS A CB  1 
ATOM   185  C CG  . LYS A 1 24 ? 6.270   7.354   -1.653  1.00 25.81 ? 24  LYS A CG  1 
ATOM   186  C CD  . LYS A 1 24 ? 6.591   8.854   -1.429  1.00 30.95 ? 24  LYS A CD  1 
ATOM   187  C CE  . LYS A 1 24 ? 5.660   9.563   -0.482  1.00 42.05 ? 24  LYS A CE  1 
ATOM   188  N NZ  . LYS A 1 24 ? 5.994   11.051  -0.470  1.00 52.67 ? 24  LYS A NZ  1 
ATOM   189  N N   . THR A 1 25 ? 7.036   3.877   -2.586  1.00 15.07 ? 25  THR A N   1 
ATOM   190  C CA  . THR A 1 25 ? 8.028   3.283   -3.516  1.00 14.99 ? 25  THR A CA  1 
ATOM   191  C C   . THR A 1 25 ? 7.870   3.867   -4.923  1.00 16.37 ? 25  THR A C   1 
ATOM   192  O O   . THR A 1 25 ? 6.806   4.276   -5.341  1.00 16.79 ? 25  THR A O   1 
ATOM   193  C CB  . THR A 1 25 ? 7.983   1.734   -3.597  1.00 16.98 ? 25  THR A CB  1 
ATOM   194  O OG1 . THR A 1 25 ? 6.616   1.359   -3.846  1.00 17.14 ? 25  THR A OG1 1 
ATOM   195  C CG2 . THR A 1 25 ? 8.468   1.126   -2.245  1.00 17.53 ? 25  THR A CG2 1 
ATOM   196  N N   . TRP A 1 26 ? 9.007   4.016   -5.623  1.00 15.58 ? 26  TRP A N   1 
ATOM   197  C CA  . TRP A 1 26 ? 8.956   4.580   -6.948  1.00 15.11 ? 26  TRP A CA  1 
ATOM   198  C C   . TRP A 1 26 ? 10.216  4.092   -7.659  1.00 16.30 ? 26  TRP A C   1 
ATOM   199  O O   . TRP A 1 26 ? 11.143  3.508   -7.048  1.00 13.98 ? 26  TRP A O   1 
ATOM   200  C CB  . TRP A 1 26 ? 8.874   6.106   -6.896  1.00 15.65 ? 26  TRP A CB  1 
ATOM   201  C CG  . TRP A 1 26 ? 10.045  6.851   -6.387  1.00 15.81 ? 26  TRP A CG  1 
ATOM   202  C CD1 . TRP A 1 26 ? 11.093  7.467   -7.160  1.00 13.50 ? 26  TRP A CD1 1 
ATOM   203  C CD2 . TRP A 1 26 ? 10.422  7.103   -5.009  1.00 15.66 ? 26  TRP A CD2 1 
ATOM   204  N NE1 . TRP A 1 26 ? 11.962  8.088   -6.332  1.00 19.32 ? 26  TRP A NE1 1 
ATOM   205  C CE2 . TRP A 1 26 ? 11.611  7.877   -5.019  1.00 17.59 ? 26  TRP A CE2 1 
ATOM   206  C CE3 . TRP A 1 26 ? 9.867   6.779   -3.766  1.00 17.42 ? 26  TRP A CE3 1 
ATOM   207  C CZ2 . TRP A 1 26 ? 12.196  8.336   -3.870  1.00 19.05 ? 26  TRP A CZ2 1 
ATOM   208  C CZ3 . TRP A 1 26 ? 10.451  7.247   -2.648  1.00 20.99 ? 26  TRP A CZ3 1 
ATOM   209  C CH2 . TRP A 1 26 ? 11.630  8.020   -2.695  1.00 21.60 ? 26  TRP A CH2 1 
ATOM   210  N N   . CYS A 1 27 ? 10.253  4.322   -8.964  1.00 17.29 ? 27  CYS A N   1 
ATOM   211  C CA  . CYS A 1 27 ? 11.469  3.990   -9.712  1.00 15.78 ? 27  CYS A CA  1 
ATOM   212  C C   . CYS A 1 27 ? 12.187  5.240   -10.180 1.00 15.94 ? 27  CYS A C   1 
ATOM   213  O O   . CYS A 1 27 ? 11.585  6.270   -10.591 1.00 18.55 ? 27  CYS A O   1 
ATOM   214  C CB  . CYS A 1 27 ? 11.078  3.165   -10.944 1.00 18.19 ? 27  CYS A CB  1 
ATOM   215  S SG  . CYS A 1 27 ? 10.824  1.431   -10.671 1.00 19.73 ? 27  CYS A SG  1 
ATOM   216  N N   . ASP A 1 28 ? 13.485  5.110   -10.232 1.00 16.47 ? 28  ASP A N   1 
ATOM   217  C CA  . ASP A 1 28 ? 14.399  6.039   -10.857 1.00 16.10 ? 28  ASP A CA  1 
ATOM   218  C C   . ASP A 1 28 ? 15.078  5.304   -11.992 1.00 14.69 ? 28  ASP A C   1 
ATOM   219  O O   . ASP A 1 28 ? 14.714  4.218   -12.372 1.00 13.06 ? 28  ASP A O   1 
ATOM   220  C CB  . ASP A 1 28 ? 15.373  6.675   -9.823  1.00 16.49 ? 28  ASP A CB  1 
ATOM   221  C CG  . ASP A 1 28 ? 16.367  5.734   -9.265  1.00 16.46 ? 28  ASP A CG  1 
ATOM   222  O OD1 . ASP A 1 28 ? 16.241  4.507   -9.584  1.00 16.29 ? 28  ASP A OD1 1 
ATOM   223  O OD2 . ASP A 1 28 ? 17.248  6.176   -8.478  1.00 18.82 ? 28  ASP A OD2 1 
ATOM   224  N N   . ALA A 1 29 ? 16.097  5.950   -12.591 1.00 15.60 ? 29  ALA A N   1 
ATOM   225  C CA  . ALA A 1 29 ? 16.778  5.395   -13.731 1.00 16.42 ? 29  ALA A CA  1 
ATOM   226  C C   . ALA A 1 29 ? 17.464  4.072   -13.472 1.00 15.96 ? 29  ALA A C   1 
ATOM   227  O O   . ALA A 1 29 ? 17.773  3.348   -14.441 1.00 16.74 ? 29  ALA A O   1 
ATOM   228  C CB  . ALA A 1 29 ? 17.827  6.395   -14.204 1.00 17.25 ? 29  ALA A CB  1 
ATOM   229  N N   . PHE A 1 30 ? 17.707  3.773   -12.168 1.00 16.46 ? 30  PHE A N   1 
ATOM   230  C CA  . PHE A 1 30 ? 18.410  2.543   -11.760 1.00 15.60 ? 30  PHE A CA  1 
ATOM   231  C C   . PHE A 1 30 ? 17.452  1.469   -11.226 1.00 15.90 ? 30  PHE A C   1 
ATOM   232  O O   . PHE A 1 30 ? 17.885  0.431   -10.696 1.00 16.21 ? 30  PHE A O   1 
ATOM   233  C CB  . PHE A 1 30 ? 19.430  2.892   -10.695 1.00 18.21 ? 30  PHE A CB  1 
ATOM   234  C CG  . PHE A 1 30 ? 20.457  3.853   -11.166 1.00 19.69 ? 30  PHE A CG  1 
ATOM   235  C CD1 . PHE A 1 30 ? 21.547  3.410   -11.866 1.00 23.15 ? 30  PHE A CD1 1 
ATOM   236  C CD2 . PHE A 1 30 ? 20.314  5.205   -10.883 1.00 20.71 ? 30  PHE A CD2 1 
ATOM   237  C CE1 . PHE A 1 30 ? 22.499  4.346   -12.309 1.00 25.13 ? 30  PHE A CE1 1 
ATOM   238  C CE2 . PHE A 1 30 ? 21.260  6.130   -11.304 1.00 26.52 ? 30  PHE A CE2 1 
ATOM   239  C CZ  . PHE A 1 30 ? 22.349  5.672   -12.003 1.00 22.96 ? 30  PHE A CZ  1 
ATOM   240  N N   . CYS A 1 31 ? 16.137  1.668   -11.425 1.00 14.30 ? 31  CYS A N   1 
ATOM   241  C CA  . CYS A 1 31 ? 15.147  0.857   -10.752 1.00 15.21 ? 31  CYS A CA  1 
ATOM   242  C C   . CYS A 1 31 ? 15.316  -0.619  -11.014 1.00 17.35 ? 31  CYS A C   1 
ATOM   243  O O   . CYS A 1 31 ? 15.324  -1.412  -10.076 1.00 15.89 ? 31  CYS A O   1 
ATOM   244  C CB  . CYS A 1 31 ? 13.737  1.291   -11.152 1.00 15.45 ? 31  CYS A CB  1 
ATOM   245  S SG  . CYS A 1 31 ? 12.587  0.837   -9.825  1.00 18.44 ? 31  CYS A SG  1 
ATOM   246  N N   . SER A 1 32 ? 15.456  -1.011  -12.269 1.00 17.91 ? 32  SER A N   1 
ATOM   247  C CA  . SER A 1 32 ? 15.547  -2.450  -12.615 1.00 19.32 ? 32  SER A CA  1 
ATOM   248  C C   . SER A 1 32 ? 16.814  -3.110  -12.097 1.00 19.72 ? 32  SER A C   1 
ATOM   249  O O   . SER A 1 32 ? 16.789  -4.273  -11.672 1.00 21.69 ? 32  SER A O   1 
ATOM   250  C CB  . SER A 1 32 ? 15.390  -2.657  -14.157 1.00 22.26 ? 32  SER A CB  1 
ATOM   251  O OG  . SER A 1 32 ? 16.493  -2.083  -14.823 1.00 29.76 ? 32  SER A OG  1 
ATOM   252  N N   . GLN A 1 33 ? 17.908  -2.384  -12.087 1.00 17.05 ? 33  GLN A N   1 
ATOM   253  C CA  . GLN A 1 33 ? 19.207  -2.853  -11.639 1.00 17.60 ? 33  GLN A CA  1 
ATOM   254  C C   . GLN A 1 33 ? 19.404  -2.797  -10.145 1.00 17.59 ? 33  GLN A C   1 
ATOM   255  O O   . GLN A 1 33 ? 19.828  -3.784  -9.583  1.00 16.86 ? 33  GLN A O   1 
ATOM   256  C CB  . GLN A 1 33 ? 20.238  -1.966  -12.244 1.00 21.29 ? 33  GLN A CB  1 
ATOM   257  C CG  . GLN A 1 33 ? 21.658  -2.190  -11.791 1.00 24.87 ? 33  GLN A CG  1 
ATOM   258  C CD  . GLN A 1 33 ? 22.543  -1.102  -12.372 1.00 34.78 ? 33  GLN A CD  1 
ATOM   259  O OE1 . GLN A 1 33 ? 22.728  -0.033  -11.792 1.00 38.70 ? 33  GLN A OE1 1 
ATOM   260  N NE2 . GLN A 1 33 ? 23.015  -1.353  -13.559 1.00 39.92 ? 33  GLN A NE2 1 
ATOM   261  N N   . ARG A 1 34 ? 19.037  -1.684  -9.482  1.00 15.61 ? 34  ARG A N   1 
ATOM   262  C CA  . ARG A 1 34 ? 19.348  -1.522  -8.033  1.00 14.76 ? 34  ARG A CA  1 
ATOM   263  C C   . ARG A 1 34 ? 18.161  -1.699  -7.100  1.00 14.25 ? 34  ARG A C   1 
ATOM   264  O O   . ARG A 1 34 ? 18.383  -1.807  -5.892  1.00 16.21 ? 34  ARG A O   1 
ATOM   265  C CB  . ARG A 1 34 ? 19.893  -0.112  -7.786  1.00 15.96 ? 34  ARG A CB  1 
ATOM   266  C CG  . ARG A 1 34 ? 21.175  0.167   -8.547  1.00 15.89 ? 34  ARG A CG  1 
ATOM   267  C CD  . ARG A 1 34 ? 21.773  1.492   -8.142  1.00 17.74 ? 34  ARG A CD  1 
ATOM   268  N NE  . ARG A 1 34 ? 22.917  1.734   -8.985  1.00 20.65 ? 34  ARG A NE  1 
ATOM   269  C CZ  . ARG A 1 34 ? 23.683  2.817   -8.954  1.00 24.42 ? 34  ARG A CZ  1 
ATOM   270  N NH1 . ARG A 1 34 ? 23.493  3.838   -8.100  1.00 24.31 ? 34  ARG A NH1 1 
ATOM   271  N NH2 . ARG A 1 34 ? 24.664  2.937   -9.852  1.00 25.74 ? 34  ARG A NH2 1 
ATOM   272  N N   . GLY A 1 35 ? 16.945  -1.696  -7.644  1.00 14.28 ? 35  GLY A N   1 
ATOM   273  C CA  . GLY A 1 35 ? 15.727  -1.750  -6.876  1.00 15.90 ? 35  GLY A CA  1 
ATOM   274  C C   . GLY A 1 35 ? 14.937  -0.474  -6.807  1.00 15.41 ? 35  GLY A C   1 
ATOM   275  O O   . GLY A 1 35 ? 15.413  0.645   -7.159  1.00 15.35 ? 35  GLY A O   1 
ATOM   276  N N   . LYS A 1 36 ? 13.716  -0.601  -6.314  1.00 14.04 ? 36  LYS A N   1 
ATOM   277  C CA  . LYS A 1 36 ? 12.846  0.523   -6.143  1.00 14.67 ? 36  LYS A CA  1 
ATOM   278  C C   . LYS A 1 36 ? 13.360  1.454   -5.038  1.00 15.19 ? 36  LYS A C   1 
ATOM   279  O O   . LYS A 1 36 ? 13.882  0.973   -4.040  1.00 14.50 ? 36  LYS A O   1 
ATOM   280  C CB  . LYS A 1 36 ? 11.411  0.120   -5.722  1.00 15.79 ? 36  LYS A CB  1 
ATOM   281  C CG  . LYS A 1 36 ? 10.625  -0.798  -6.705  1.00 19.02 ? 36  LYS A CG  1 
ATOM   282  C CD  . LYS A 1 36 ? 9.469   -1.464  -6.014  1.00 25.16 ? 36  LYS A CD  1 
ATOM   283  C CE  . LYS A 1 36 ? 8.636   -2.391  -6.903  1.00 31.48 ? 36  LYS A CE  1 
ATOM   284  N NZ  . LYS A 1 36 ? 7.489   -2.843  -6.039  1.00 36.51 ? 36  LYS A NZ  1 
ATOM   285  N N   . ARG A 1 37 ? 13.222  2.757   -5.249  1.00 13.77 ? 37  ARG A N   1 
ATOM   286  C CA  . ARG A 1 37 ? 13.461  3.752   -4.215  1.00 12.60 ? 37  ARG A CA  1 
ATOM   287  C C   . ARG A 1 37 ? 12.318  3.627   -3.190  1.00 14.17 ? 37  ARG A C   1 
ATOM   288  O O   . ARG A 1 37 ? 11.196  3.315   -3.531  1.00 13.65 ? 37  ARG A O   1 
ATOM   289  C CB  . ARG A 1 37 ? 13.444  5.140   -4.848  1.00 14.25 ? 37  ARG A CB  1 
ATOM   290  C CG  . ARG A 1 37 ? 14.674  5.341   -5.748  1.00 13.80 ? 37  ARG A CG  1 
ATOM   291  C CD  . ARG A 1 37 ? 15.931  5.654   -4.961  1.00 16.04 ? 37  ARG A CD  1 
ATOM   292  N NE  . ARG A 1 37 ? 15.960  7.023   -4.462  1.00 18.88 ? 37  ARG A NE  1 
ATOM   293  C CZ  . ARG A 1 37 ? 15.650  7.443   -3.215  1.00 21.36 ? 37  ARG A CZ  1 
ATOM   294  N NH1 . ARG A 1 37 ? 15.590  8.765   -3.000  1.00 24.41 ? 37  ARG A NH1 1 
ATOM   295  N NH2 . ARG A 1 37 ? 15.391  6.609   -2.188  1.00 21.64 ? 37  ARG A NH2 1 
ATOM   296  N N   . VAL A 1 38 ? 12.659  3.907   -1.916  1.00 15.73 ? 38  VAL A N   1 
ATOM   297  C CA  . VAL A 1 38 ? 11.713  3.743   -0.789  1.00 14.61 ? 38  VAL A CA  1 
ATOM   298  C C   . VAL A 1 38 ? 11.867  4.889   0.189   1.00 13.62 ? 38  VAL A C   1 
ATOM   299  O O   . VAL A 1 38 ? 13.002  5.403   0.442   1.00 16.63 ? 38  VAL A O   1 
ATOM   300  C CB  . VAL A 1 38 ? 11.882  2.370   -0.116  1.00 18.25 ? 38  VAL A CB  1 
ATOM   301  C CG1 . VAL A 1 38 ? 13.225  2.321   0.608   1.00 17.23 ? 38  VAL A CG1 1 
ATOM   302  C CG2 . VAL A 1 38 ? 10.761  2.159   0.841   1.00 19.63 ? 38  VAL A CG2 1 
ATOM   303  N N   . GLU A 1 39 ? 10.730  5.295   0.750   1.00 12.64 ? 39  GLU A N   1 
ATOM   304  C CA  . GLU A 1 39 ? 10.679  6.217   1.864   1.00 13.76 ? 39  GLU A CA  1 
ATOM   305  C C   . GLU A 1 39 ? 9.644   5.673   2.835   1.00 14.82 ? 39  GLU A C   1 
ATOM   306  O O   . GLU A 1 39 ? 8.521   5.245   2.411   1.00 14.97 ? 39  GLU A O   1 
ATOM   307  C CB  . GLU A 1 39 ? 10.209  7.592   1.368   1.00 16.65 ? 39  GLU A CB  1 
ATOM   308  C CG  . GLU A 1 39 ? 10.128  8.650   2.429   1.00 17.97 ? 39  GLU A CG  1 
ATOM   309  C CD  . GLU A 1 39 ? 9.529   9.917   1.822   1.00 25.59 ? 39  GLU A CD  1 
ATOM   310  O OE1 . GLU A 1 39 ? 10.256  10.511  0.993   1.00 28.03 ? 39  GLU A OE1 1 
ATOM   311  O OE2 . GLU A 1 39 ? 8.375   10.319  2.155   1.00 23.55 ? 39  GLU A OE2 1 
ATOM   312  N N   . LEU A 1 40 ? 10.021  5.659   4.112   1.00 15.99 ? 40  LEU A N   1 
ATOM   313  C CA  A LEU A 1 40 ? 9.120   5.192   5.182   0.50 15.24 ? 40  LEU A CA  1 
ATOM   314  C CA  B LEU A 1 40 ? 9.103   5.208   5.179   0.50 15.57 ? 40  LEU A CA  1 
ATOM   315  C C   . LEU A 1 40 ? 8.964   6.307   6.220   1.00 14.02 ? 40  LEU A C   1 
ATOM   316  O O   . LEU A 1 40 ? 9.967   6.942   6.597   1.00 16.58 ? 40  LEU A O   1 
ATOM   317  C CB  A LEU A 1 40 ? 9.726   3.989   5.874   0.50 15.61 ? 40  LEU A CB  1 
ATOM   318  C CB  B LEU A 1 40 ? 9.644   3.976   5.871   0.50 16.41 ? 40  LEU A CB  1 
ATOM   319  C CG  A LEU A 1 40 ? 10.190  2.767   5.054   0.50 15.89 ? 40  LEU A CG  1 
ATOM   320  C CG  B LEU A 1 40 ? 9.415   2.615   5.198   0.50 17.58 ? 40  LEU A CG  1 
ATOM   321  C CD1 A LEU A 1 40 ? 11.233  1.975   5.809   0.50 18.30 ? 40  LEU A CD1 1 
ATOM   322  C CD1 B LEU A 1 40 ? 10.231  2.529   3.959   0.50 18.81 ? 40  LEU A CD1 1 
ATOM   323  C CD2 A LEU A 1 40 ? 9.015   1.883   4.707   0.50 16.53 ? 40  LEU A CD2 1 
ATOM   324  C CD2 B LEU A 1 40 ? 9.774   1.463   6.109   0.50 19.03 ? 40  LEU A CD2 1 
ATOM   325  N N   . GLY A 1 41 ? 7.737   6.488   6.684   1.00 14.40 ? 41  GLY A N   1 
ATOM   326  C CA  . GLY A 1 41 ? 7.459   7.466   7.711   1.00 14.62 ? 41  GLY A CA  1 
ATOM   327  C C   . GLY A 1 41 ? 6.077   7.389   8.314   1.00 14.16 ? 41  GLY A C   1 
ATOM   328  O O   . GLY A 1 41 ? 5.309   6.432   8.124   1.00 14.59 ? 41  GLY A O   1 
ATOM   329  N N   . CYS A 1 42 ? 5.813   8.453   9.062   1.00 16.31 ? 42  CYS A N   1 
ATOM   330  C CA  . CYS A 1 42 ? 4.542   8.834   9.708   1.00 15.95 ? 42  CYS A CA  1 
ATOM   331  C C   . CYS A 1 42 ? 3.863   9.914   8.830   1.00 16.46 ? 42  CYS A C   1 
ATOM   332  O O   . CYS A 1 42 ? 4.525   10.750  8.233   1.00 16.85 ? 42  CYS A O   1 
ATOM   333  C CB  . CYS A 1 42 ? 4.755   9.476   11.082  1.00 17.44 ? 42  CYS A CB  1 
ATOM   334  S SG  . CYS A 1 42 ? 5.700   8.457   12.217  1.00 17.44 ? 42  CYS A SG  1 
ATOM   335  N N   . ALA A 1 43 ? 2.584   9.999   8.974   1.00 17.89 ? 43  ALA A N   1 
ATOM   336  C CA  . ALA A 1 43 ? 1.716   11.049  8.358   1.00 20.50 ? 43  ALA A CA  1 
ATOM   337  C C   . ALA A 1 43 ? 0.375   11.166  9.082   1.00 21.81 ? 43  ALA A C   1 
ATOM   338  O O   . ALA A 1 43 ? -0.100  10.270  9.762   1.00 20.13 ? 43  ALA A O   1 
ATOM   339  C CB  . ALA A 1 43 ? 1.445   10.736  6.900   1.00 21.33 ? 43  ALA A CB  1 
ATOM   340  N N   . ALA A 1 44 ? -0.259  12.328  8.921   1.00 21.61 ? 44  ALA A N   1 
ATOM   341  C CA  . ALA A 1 44 ? -1.581  12.582  9.473   1.00 24.07 ? 44  ALA A CA  1 
ATOM   342  C C   . ALA A 1 44 ? -2.619  11.870  8.648   1.00 24.63 ? 44  ALA A C   1 
ATOM   343  O O   . ALA A 1 44 ? -3.653  11.362  9.146   1.00 25.85 ? 44  ALA A O   1 
ATOM   344  C CB  . ALA A 1 44 ? -1.816  14.078  9.412   1.00 23.57 ? 44  ALA A CB  1 
ATOM   345  N N   . THR A 1 45 ? -2.386  11.862  7.328   1.00 22.57 ? 45  THR A N   1 
ATOM   346  C CA  . THR A 1 45 ? -3.249  11.126  6.410   1.00 24.84 ? 45  THR A CA  1 
ATOM   347  C C   . THR A 1 45 ? -2.423  10.375  5.350   1.00 22.66 ? 45  THR A C   1 
ATOM   348  O O   . THR A 1 45 ? -1.259  10.762  5.156   1.00 26.62 ? 45  THR A O   1 
ATOM   349  C CB  . THR A 1 45 ? -4.222  12.111  5.764   1.00 32.03 ? 45  THR A CB  1 
ATOM   350  O OG1 . THR A 1 45 ? -5.196  11.320  5.059   1.00 41.05 ? 45  THR A OG1 1 
ATOM   351  C CG2 . THR A 1 45 ? -3.439  13.065  4.875   1.00 29.35 ? 45  THR A CG2 1 
ATOM   352  N N   . CYS A 1 46 ? -2.973  9.331   4.721   1.00 21.22 ? 46  CYS A N   1 
ATOM   353  C CA  . CYS A 1 46 ? -2.170  8.515   3.803   1.00 19.77 ? 46  CYS A CA  1 
ATOM   354  C C   . CYS A 1 46 ? -1.740  9.431   2.693   1.00 23.27 ? 46  CYS A C   1 
ATOM   355  O O   . CYS A 1 46 ? -2.631  10.060  2.076   1.00 22.68 ? 46  CYS A O   1 
ATOM   356  C CB  . CYS A 1 46 ? -2.985  7.433   3.198   1.00 19.41 ? 46  CYS A CB  1 
ATOM   357  S SG  . CYS A 1 46 ? -2.094  6.341   2.084   1.00 19.64 ? 46  CYS A SG  1 
ATOM   358  N N   . PRO A 1 47 ? -0.433  9.520   2.407   1.00 21.26 ? 47  PRO A N   1 
ATOM   359  C CA  . PRO A 1 47 ? 0.004   10.504  1.373   1.00 25.37 ? 47  PRO A CA  1 
ATOM   360  C C   . PRO A 1 47 ? -0.578  10.315  -0.022  1.00 24.00 ? 47  PRO A C   1 
ATOM   361  O O   . PRO A 1 47 ? -0.736  9.245   -0.529  1.00 21.45 ? 47  PRO A O   1 
ATOM   362  C CB  . PRO A 1 47 ? 1.508   10.272  1.343   1.00 27.12 ? 47  PRO A CB  1 
ATOM   363  C CG  . PRO A 1 47 ? 1.819   9.895   2.801   1.00 26.93 ? 47  PRO A CG  1 
ATOM   364  C CD  . PRO A 1 47 ? 0.739   8.920   3.075   1.00 22.16 ? 47  PRO A CD  1 
ATOM   365  N N   . LYS A 1 48 ? -0.957  11.427  -0.658  1.00 26.56 ? 48  LYS A N   1 
ATOM   366  C CA  . LYS A 1 48 ? -1.297  11.370  -2.085  1.00 31.43 ? 48  LYS A CA  1 
ATOM   367  C C   . LYS A 1 48 ? 0.062   11.445  -2.754  1.00 30.53 ? 48  LYS A C   1 
ATOM   368  O O   . LYS A 1 48 ? 1.014   12.183  -2.330  1.00 38.75 ? 48  LYS A O   1 
ATOM   369  C CB  . LYS A 1 48 ? -2.169  12.550  -2.546  1.00 36.17 ? 48  LYS A CB  1 
ATOM   370  C CG  . LYS A 1 48 ? -3.483  12.602  -1.779  1.00 46.09 ? 48  LYS A CG  1 
ATOM   371  C CD  . LYS A 1 48 ? -4.200  13.932  -1.955  1.00 60.70 ? 48  LYS A CD  1 
ATOM   372  C CE  . LYS A 1 48 ? -5.430  14.062  -1.056  1.00 69.47 ? 48  LYS A CE  1 
ATOM   373  N NZ  . LYS A 1 48 ? -5.725  15.514  -0.808  1.00 77.08 ? 48  LYS A NZ  1 
ATOM   374  N N   . VAL A 1 49 ? 0.176   10.588  -3.738  1.00 30.80 ? 49  VAL A N   1 
ATOM   375  C CA  . VAL A 1 49 ? 1.413   10.505  -4.507  1.00 33.66 ? 49  VAL A CA  1 
ATOM   376  C C   . VAL A 1 49 ? 1.085   10.621  -6.013  1.00 35.05 ? 49  VAL A C   1 
ATOM   377  O O   . VAL A 1 49 ? 0.030   10.130  -6.484  1.00 36.48 ? 49  VAL A O   1 
ATOM   378  C CB  . VAL A 1 49 ? 2.136   9.165   -4.231  1.00 28.57 ? 49  VAL A CB  1 
ATOM   379  C CG1 . VAL A 1 49 ? 2.383   9.059   -2.706  1.00 26.93 ? 49  VAL A CG1 1 
ATOM   380  C CG2 . VAL A 1 49 ? 1.330   7.977   -4.768  1.00 27.94 ? 49  VAL A CG2 1 
ATOM   381  N N   . LYS A 1 50 ? 2.085   11.161  -6.685  1.00 39.99 ? 50  LYS A N   1 
ATOM   382  C CA  . LYS A 1 50 ? 2.182   11.263  -8.115  1.00 40.67 ? 50  LYS A CA  1 
ATOM   383  C C   . LYS A 1 50 ? 1.998   9.969   -8.864  1.00 34.53 ? 50  LYS A C   1 
ATOM   384  O O   . LYS A 1 50 ? 2.162   8.895   -8.361  1.00 24.05 ? 50  LYS A O   1 
ATOM   385  C CB  . LYS A 1 50 ? 3.553   11.868  -8.490  1.00 42.57 ? 50  LYS A CB  1 
ATOM   386  C CG  . LYS A 1 50 ? 3.750   13.340  -8.114  1.00 44.34 ? 50  LYS A CG  1 
ATOM   387  C CD  . LYS A 1 50 ? 5.179   13.679  -7.731  1.00 49.06 ? 50  LYS A CD  1 
ATOM   388  C CE  . LYS A 1 50 ? 5.371   15.149  -7.334  1.00 37.82 ? 50  LYS A CE  1 
ATOM   389  N NZ  . LYS A 1 50 ? 5.615   15.424  -5.876  1.00 26.68 ? 50  LYS A NZ  1 
ATOM   390  N N   . ALA A 1 51 ? 1.716   10.120  -10.138 1.00 29.82 ? 51  ALA A N   1 
ATOM   391  C CA  . ALA A 1 51 ? 1.588   8.961   -10.987 1.00 30.18 ? 51  ALA A CA  1 
ATOM   392  C C   . ALA A 1 51 ? 2.903   8.150   -10.993 1.00 28.42 ? 51  ALA A C   1 
ATOM   393  O O   . ALA A 1 51 ? 3.966   8.714   -10.905 1.00 28.32 ? 51  ALA A O   1 
ATOM   394  C CB  . ALA A 1 51 ? 1.298   9.432   -12.422 1.00 33.58 ? 51  ALA A CB  1 
ATOM   395  N N   . GLY A 1 52 ? 2.844   6.833   -11.094 1.00 28.63 ? 52  GLY A N   1 
ATOM   396  C CA  . GLY A 1 52 ? 4.095   6.104   -11.051 1.00 31.33 ? 52  GLY A CA  1 
ATOM   397  C C   . GLY A 1 52 ? 4.728   5.890   -9.651  1.00 26.29 ? 52  GLY A C   1 
ATOM   398  O O   . GLY A 1 52 ? 5.681   5.105   -9.509  1.00 32.03 ? 52  GLY A O   1 
ATOM   399  N N   . VAL A 1 53 ? 4.204   6.552   -8.625  1.00 20.95 ? 53  VAL A N   1 
ATOM   400  C CA  . VAL A 1 53 ? 4.572   6.260   -7.216  1.00 20.15 ? 53  VAL A CA  1 
ATOM   401  C C   . VAL A 1 53 ? 3.553   5.315   -6.612  1.00 18.02 ? 53  VAL A C   1 
ATOM   402  O O   . VAL A 1 53 ? 2.409   5.373   -6.963  1.00 19.90 ? 53  VAL A O   1 
ATOM   403  C CB  . VAL A 1 53 ? 4.677   7.568   -6.434  1.00 20.01 ? 53  VAL A CB  1 
ATOM   404  C CG1 . VAL A 1 53 ? 5.107   7.341   -5.020  1.00 21.54 ? 53  VAL A CG1 1 
ATOM   405  C CG2 . VAL A 1 53 ? 5.693   8.508   -7.133  1.00 20.81 ? 53  VAL A CG2 1 
ATOM   406  N N   . GLU A 1 54 ? 3.990   4.406   -5.729  1.00 16.29 ? 54  GLU A N   1 
ATOM   407  C CA  . GLU A 1 54 ? 3.049   3.487   -5.055  1.00 18.34 ? 54  GLU A CA  1 
ATOM   408  C C   . GLU A 1 54 ? 3.126   3.816   -3.560  1.00 17.15 ? 54  GLU A C   1 
ATOM   409  O O   . GLU A 1 54 ? 4.212   4.222   -3.018  1.00 16.33 ? 54  GLU A O   1 
ATOM   410  C CB  . GLU A 1 54 ? 3.367   2.044   -5.325  1.00 18.87 ? 54  GLU A CB  1 
ATOM   411  C CG  . GLU A 1 54 ? 3.409   1.781   -6.840  1.00 21.73 ? 54  GLU A CG  1 
ATOM   412  C CD  . GLU A 1 54 ? 3.407   0.357   -7.228  1.00 25.29 ? 54  GLU A CD  1 
ATOM   413  O OE1 . GLU A 1 54 ? 3.662   -0.490  -6.292  1.00 29.62 ? 54  GLU A OE1 1 
ATOM   414  O OE2 . GLU A 1 54 ? 3.173   0.127   -8.503  1.00 24.28 ? 54  GLU A OE2 1 
ATOM   415  N N   . ILE A 1 55 ? 1.974   3.757   -2.894  1.00 15.63 ? 55  ILE A N   1 
ATOM   416  C CA  . ILE A 1 55 ? 1.927   4.204   -1.512  1.00 17.75 ? 55  ILE A CA  1 
ATOM   417  C C   . ILE A 1 55 ? 1.158   3.151   -0.702  1.00 15.88 ? 55  ILE A C   1 
ATOM   418  O O   . ILE A 1 55 ? 0.050   2.729   -1.127  1.00 16.37 ? 55  ILE A O   1 
ATOM   419  C CB  . ILE A 1 55 ? 1.305   5.602   -1.374  1.00 20.61 ? 55  ILE A CB  1 
ATOM   420  C CG1 . ILE A 1 55 ? 1.296   6.141   0.085   1.00 23.05 ? 55  ILE A CG1 1 
ATOM   421  C CG2 . ILE A 1 55 ? -0.134  5.716   -1.801  1.00 23.03 ? 55  ILE A CG2 1 
ATOM   422  C CD1 . ILE A 1 55 ? 2.610   6.722   0.494   1.00 23.76 ? 55  ILE A CD1 1 
ATOM   423  N N   . LYS A 1 56 ? 1.755   2.688   0.391   1.00 16.11 ? 56  LYS A N   1 
ATOM   424  C CA  . LYS A 1 56 ? 1.097   1.751   1.305   1.00 16.17 ? 56  LYS A CA  1 
ATOM   425  C C   . LYS A 1 56 ? 0.954   2.370   2.702   1.00 15.70 ? 56  LYS A C   1 
ATOM   426  O O   . LYS A 1 56 ? 1.914   2.889   3.275   1.00 15.60 ? 56  LYS A O   1 
ATOM   427  C CB  . LYS A 1 56 ? 1.721   0.360   1.357   1.00 17.60 ? 56  LYS A CB  1 
ATOM   428  C CG  . LYS A 1 56 ? 1.102   -0.609  2.353   1.00 20.37 ? 56  LYS A CG  1 
ATOM   429  C CD  . LYS A 1 56 ? 1.446   -2.073  2.072   1.00 24.45 ? 56  LYS A CD  1 
ATOM   430  C CE  . LYS A 1 56 ? 0.706   -3.105  2.958   1.00 26.88 ? 56  LYS A CE  1 
ATOM   431  N NZ  . LYS A 1 56 ? 1.209   -4.525  2.649   1.00 30.26 ? 56  LYS A NZ  1 
ATOM   432  N N   . CYS A 1 57 ? -0.319  2.419   3.195   1.00 14.73 ? 57  CYS A N   1 
ATOM   433  C CA  . CYS A 1 57 ? -0.666  3.096   4.448   1.00 16.38 ? 57  CYS A CA  1 
ATOM   434  C C   . CYS A 1 57 ? -1.355  2.104   5.405   1.00 14.61 ? 57  CYS A C   1 
ATOM   435  O O   . CYS A 1 57 ? -2.127  1.135   5.033   1.00 15.83 ? 57  CYS A O   1 
ATOM   436  C CB  . CYS A 1 57 ? -1.614  4.257   4.188   1.00 18.38 ? 57  CYS A CB  1 
ATOM   437  S SG  . CYS A 1 57 ? -0.677  5.558   3.358   1.00 17.83 ? 57  CYS A SG  1 
ATOM   438  N N   . CYS A 1 58 ? -0.984  2.305   6.655   1.00 16.15 ? 58  CYS A N   1 
ATOM   439  C CA  . CYS A 1 58 ? -1.497  1.454   7.760   1.00 16.03 ? 58  CYS A CA  1 
ATOM   440  C C   . CYS A 1 58 ? -1.478  2.311   9.019   1.00 17.05 ? 58  CYS A C   1 
ATOM   441  O O   . CYS A 1 58 ? -0.804  3.291   9.088   1.00 16.13 ? 58  CYS A O   1 
ATOM   442  C CB  . CYS A 1 58 ? -0.754  0.140   7.863   1.00 16.41 ? 58  CYS A CB  1 
ATOM   443  S SG  . CYS A 1 58 ? 1.030   0.375   8.038   1.00 16.96 ? 58  CYS A SG  1 
ATOM   444  N N   . SER A 1 59 ? -2.224  1.901   10.076  1.00 18.98 ? 59  SER A N   1 
ATOM   445  C CA  . SER A 1 59 ? -2.312  2.730   11.283  1.00 18.07 ? 59  SER A CA  1 
ATOM   446  C C   . SER A 1 59 ? -2.213  1.937   12.560  1.00 18.85 ? 59  SER A C   1 
ATOM   447  O O   . SER A 1 59 ? -2.912  2.200   13.525  1.00 22.09 ? 59  SER A O   1 
ATOM   448  C CB  . SER A 1 59 ? -3.596  3.554   11.227  1.00 24.59 ? 59  SER A CB  1 
ATOM   449  O OG  . SER A 1 59 ? -4.720  2.693   11.099  1.00 26.99 ? 59  SER A OG  1 
ATOM   450  N N   . THR A 1 60 ? -1.316  0.957   12.554  1.00 17.11 ? 60  THR A N   1 
ATOM   451  C CA  . THR A 1 60 ? -0.842  0.305   13.793  1.00 17.33 ? 60  THR A CA  1 
ATOM   452  C C   . THR A 1 60 ? 0.652   0.459   13.945  1.00 17.91 ? 60  THR A C   1 
ATOM   453  O O   . THR A 1 60 ? 1.352   0.701   12.980  1.00 17.70 ? 60  THR A O   1 
ATOM   454  C CB  . THR A 1 60 ? -1.208  -1.152  13.867  1.00 14.87 ? 60  THR A CB  1 
ATOM   455  O OG1 . THR A 1 60 ? -0.623  -1.981  12.883  1.00 16.07 ? 60  THR A OG1 1 
ATOM   456  C CG2 . THR A 1 60 ? -2.697  -1.321  13.894  1.00 17.47 ? 60  THR A CG2 1 
ATOM   457  N N   . ASP A 1 61 ? 1.135   0.370   15.184  1.00 15.65 ? 61  ASP A N   1 
ATOM   458  C CA  . ASP A 1 61 ? 2.577   0.622   15.375  1.00 17.89 ? 61  ASP A CA  1 
ATOM   459  C C   . ASP A 1 61 ? 3.491   -0.234  14.536  1.00 16.11 ? 61  ASP A C   1 
ATOM   460  O O   . ASP A 1 61 ? 3.429   -1.487  14.501  1.00 15.93 ? 61  ASP A O   1 
ATOM   461  C CB  . ASP A 1 61 ? 2.945   0.420   16.847  1.00 17.38 ? 61  ASP A CB  1 
ATOM   462  C CG  . ASP A 1 61 ? 2.462   1.556   17.712  1.00 19.03 ? 61  ASP A CG  1 
ATOM   463  O OD1 . ASP A 1 61 ? 2.092   2.728   17.313  1.00 18.07 ? 61  ASP A OD1 1 
ATOM   464  O OD2 . ASP A 1 61 ? 2.450   1.256   18.955  1.00 22.17 ? 61  ASP A OD2 1 
ATOM   465  N N   . ASN A 1 62 ? 4.443   0.424   13.906  1.00 14.60 ? 62  ASN A N   1 
ATOM   466  C CA  . ASN A 1 62 ? 5.438   -0.212  13.089  1.00 14.60 ? 62  ASN A CA  1 
ATOM   467  C C   . ASN A 1 62 ? 4.882   -1.113  11.975  1.00 16.72 ? 62  ASN A C   1 
ATOM   468  O O   . ASN A 1 62 ? 5.515   -2.032  11.553  1.00 16.02 ? 62  ASN A O   1 
ATOM   469  C CB  . ASN A 1 62 ? 6.491   -0.956  14.040  1.00 14.96 ? 62  ASN A CB  1 
ATOM   470  C CG  . ASN A 1 62 ? 7.058   -0.042  15.031  1.00 16.40 ? 62  ASN A CG  1 
ATOM   471  O OD1 . ASN A 1 62 ? 8.118   0.645   14.776  1.00 20.33 ? 62  ASN A OD1 1 
ATOM   472  N ND2 . ASN A 1 62 ? 6.452   0.003   16.147  1.00 15.28 ? 62  ASN A ND2 1 
ATOM   473  N N   . CYS A 1 63 ? 3.689   -0.773  11.478  1.00 15.40 ? 63  CYS A N   1 
ATOM   474  C CA  . CYS A 1 63 ? 3.045   -1.623  10.542  1.00 15.55 ? 63  CYS A CA  1 
ATOM   475  C C   . CYS A 1 63 ? 3.638   -1.528  9.132   1.00 17.43 ? 63  CYS A C   1 
ATOM   476  O O   . CYS A 1 63 ? 3.337   -2.376  8.290   1.00 17.43 ? 63  CYS A O   1 
ATOM   477  C CB  . CYS A 1 63 ? 1.547   -1.295  10.456  1.00 16.50 ? 63  CYS A CB  1 
ATOM   478  S SG  . CYS A 1 63 ? 1.189   0.433   10.084  1.00 16.34 ? 63  CYS A SG  1 
ATOM   479  N N   . ASN A 1 64 ? 4.470   -0.529  8.901   1.00 18.53 ? 64  ASN A N   1 
ATOM   480  C CA  . ASN A 1 64 ? 5.144   -0.349  7.596   1.00 17.34 ? 64  ASN A CA  1 
ATOM   481  C C   . ASN A 1 64 ? 6.434   -1.202  7.586   1.00 19.22 ? 64  ASN A C   1 
ATOM   482  O O   . ASN A 1 64 ? 7.477   -0.594  7.697   1.00 22.99 ? 64  ASN A O   1 
ATOM   483  C CB  . ASN A 1 64 ? 5.295   1.147   7.283   1.00 15.63 ? 64  ASN A CB  1 
ATOM   484  C CG  . ASN A 1 64 ? 6.063   1.934   8.329   1.00 14.82 ? 64  ASN A CG  1 
ATOM   485  O OD1 . ASN A 1 64 ? 6.207   1.524   9.482   1.00 15.49 ? 64  ASN A OD1 1 
ATOM   486  N ND2 . ASN A 1 64 ? 6.618   3.092   7.892   1.00 14.01 ? 64  ASN A ND2 1 
ATOM   487  N N   . ARG B 1 1  ? -7.986  3.118   -17.128 1.00 22.34 ? 1   ARG B N   1 
ATOM   488  C CA  . ARG B 1 1  ? -7.177  2.303   -16.144 1.00 19.88 ? 1   ARG B CA  1 
ATOM   489  C C   . ARG B 1 1  ? -7.750  0.877   -16.126 1.00 19.97 ? 1   ARG B C   1 
ATOM   490  O O   . ARG B 1 1  ? -8.980  0.691   -16.194 1.00 20.19 ? 1   ARG B O   1 
ATOM   491  C CB  . ARG B 1 1  ? -7.269  2.978   -14.770 1.00 19.96 ? 1   ARG B CB  1 
ATOM   492  C CG  . ARG B 1 1  ? -6.485  2.253   -13.695 1.00 16.78 ? 1   ARG B CG  1 
ATOM   493  C CD  . ARG B 1 1  ? -4.930  2.245   -13.876 1.00 16.57 ? 1   ARG B CD  1 
ATOM   494  N NE  . ARG B 1 1  ? -4.405  3.621   -13.771 1.00 20.69 ? 1   ARG B NE  1 
ATOM   495  C CZ  . ARG B 1 1  ? -3.940  4.355   -14.788 1.00 26.12 ? 1   ARG B CZ  1 
ATOM   496  N NH1 . ARG B 1 1  ? -3.625  5.621   -14.617 1.00 22.36 ? 1   ARG B NH1 1 
ATOM   497  N NH2 . ARG B 1 1  ? -3.581  3.768   -15.897 1.00 26.34 ? 1   ARG B NH2 1 
ATOM   498  N N   . THR B 1 2  ? -6.857  -0.122  -15.959 1.00 19.60 ? 2   THR B N   1 
ATOM   499  C CA  . THR B 1 2  ? -7.263  -1.478  -15.669 1.00 19.96 ? 2   THR B CA  1 
ATOM   500  C C   . THR B 1 2  ? -6.551  -1.826  -14.328 1.00 17.23 ? 2   THR B C   1 
ATOM   501  O O   . THR B 1 2  ? -5.444  -1.385  -14.106 1.00 18.73 ? 2   THR B O   1 
ATOM   502  C CB  . THR B 1 2  ? -6.887  -2.495  -16.726 1.00 22.60 ? 2   THR B CB  1 
ATOM   503  O OG1 . THR B 1 2  ? -5.456  -2.703  -16.786 1.00 23.94 ? 2   THR B OG1 1 
ATOM   504  C CG2 . THR B 1 2  ? -7.444  -2.044  -18.084 1.00 23.84 ? 2   THR B CG2 1 
ATOM   505  N N   . CYS B 1 3  ? -7.207  -2.692  -13.555 1.00 19.11 ? 3   CYS B N   1 
ATOM   506  C CA  . CYS B 1 3  ? -6.646  -3.166  -12.278 1.00 16.13 ? 3   CYS B CA  1 
ATOM   507  C C   . CYS B 1 3  ? -7.001  -4.592  -12.091 1.00 17.57 ? 3   CYS B C   1 
ATOM   508  O O   . CYS B 1 3  ? -8.008  -5.113  -12.610 1.00 17.49 ? 3   CYS B O   1 
ATOM   509  C CB  . CYS B 1 3  ? -7.276  -2.349  -11.104 1.00 15.95 ? 3   CYS B CB  1 
ATOM   510  S SG  . CYS B 1 3  ? -7.017  -0.561  -11.086 1.00 15.41 ? 3   CYS B SG  1 
ATOM   511  N N   . ASN B 1 4  ? -6.124  -5.283  -11.305 1.00 15.28 ? 4   ASN B N   1 
ATOM   512  C CA  . ASN B 1 4  ? -6.507  -6.571  -10.848 1.00 14.52 ? 4   ASN B CA  1 
ATOM   513  C C   . ASN B 1 4  ? -7.730  -6.516  -9.918  1.00 15.71 ? 4   ASN B C   1 
ATOM   514  O O   . ASN B 1 4  ? -7.910  -5.528  -9.188  1.00 16.10 ? 4   ASN B O   1 
ATOM   515  C CB  . ASN B 1 4  ? -5.333  -7.220  -10.168 1.00 13.80 ? 4   ASN B CB  1 
ATOM   516  C CG  . ASN B 1 4  ? -4.181  -7.369  -11.114 1.00 16.21 ? 4   ASN B CG  1 
ATOM   517  O OD1 . ASN B 1 4  ? -4.357  -8.016  -12.174 1.00 20.86 ? 4   ASN B OD1 1 
ATOM   518  N ND2 . ASN B 1 4  ? -3.045  -6.783  -10.798 1.00 19.86 ? 4   ASN B ND2 1 
ATOM   519  N N   . LYS B 1 5  ? -8.524  -7.589  -9.929  1.00 17.36 ? 5   LYS B N   1 
ATOM   520  C CA  . LYS B 1 5  ? -9.781  -7.651  -9.147  1.00 20.29 ? 5   LYS B CA  1 
ATOM   521  C C   . LYS B 1 5  ? -9.914  -8.947  -8.332  1.00 22.51 ? 5   LYS B C   1 
ATOM   522  O O   . LYS B 1 5  ? -9.398  -9.982  -8.732  1.00 23.65 ? 5   LYS B O   1 
ATOM   523  C CB  . LYS B 1 5  ? -10.977 -7.597  -10.085 1.00 21.33 ? 5   LYS B CB  1 
ATOM   524  C CG  . LYS B 1 5  ? -11.027 -6.357  -10.979 1.00 25.28 ? 5   LYS B CG  1 
ATOM   525  C CD  . LYS B 1 5  ? -11.128 -5.127  -10.161 1.00 24.09 ? 5   LYS B CD  1 
ATOM   526  C CE  . LYS B 1 5  ? -11.347 -3.810  -10.956 1.00 29.06 ? 5   LYS B CE  1 
ATOM   527  N NZ  . LYS B 1 5  ? -12.230 -3.982  -12.146 1.00 32.76 ? 5   LYS B NZ  1 
ATOM   528  N N   . THR B 1 6  ? -10.673 -8.895  -7.238  1.00 21.18 ? 6   THR B N   1 
ATOM   529  C CA  . THR B 1 6  ? -10.767 -9.996  -6.292  1.00 21.70 ? 6   THR B CA  1 
ATOM   530  C C   . THR B 1 6  ? -11.423 -11.259 -6.788  1.00 34.36 ? 6   THR B C   1 
ATOM   531  O O   . THR B 1 6  ? -11.040 -12.428 -6.369  1.00 30.99 ? 6   THR B O   1 
ATOM   532  C CB  . THR B 1 6  ? -11.587 -9.536  -5.097  1.00 23.38 ? 6   THR B CB  1 
ATOM   533  O OG1 . THR B 1 6  ? -11.153 -8.289  -4.602  1.00 19.61 ? 6   THR B OG1 1 
ATOM   534  C CG2 . THR B 1 6  ? -11.578 -10.533 -3.988  1.00 28.70 ? 6   THR B CG2 1 
ATOM   535  N N   . PHE B 1 7  ? -12.437 -11.059 -7.638  1.00 33.68 ? 7   PHE B N   1 
ATOM   536  C CA  . PHE B 1 7  ? -13.246 -12.175 -8.132  1.00 40.17 ? 7   PHE B CA  1 
ATOM   537  C C   . PHE B 1 7  ? -13.191 -12.320 -9.688  1.00 38.70 ? 7   PHE B C   1 
ATOM   538  O O   . PHE B 1 7  ? -13.012 -11.339 -10.456 1.00 33.49 ? 7   PHE B O   1 
ATOM   539  C CB  . PHE B 1 7  ? -14.703 -12.067 -7.595  1.00 47.01 ? 7   PHE B CB  1 
ATOM   540  C CG  . PHE B 1 7  ? -14.798 -11.936 -6.064  1.00 46.51 ? 7   PHE B CG  1 
ATOM   541  C CD1 . PHE B 1 7  ? -14.474 -13.008 -5.223  1.00 49.00 ? 7   PHE B CD1 1 
ATOM   542  C CD2 . PHE B 1 7  ? -15.220 -10.742 -5.462  1.00 47.14 ? 7   PHE B CD2 1 
ATOM   543  C CE1 . PHE B 1 7  ? -14.555 -12.886 -3.811  1.00 48.84 ? 7   PHE B CE1 1 
ATOM   544  C CE2 . PHE B 1 7  ? -15.303 -10.624 -4.058  1.00 45.44 ? 7   PHE B CE2 1 
ATOM   545  C CZ  . PHE B 1 7  ? -14.961 -11.684 -3.230  1.00 46.78 ? 7   PHE B CZ  1 
ATOM   546  N N   . SER B 1 8  ? -13.290 -13.582 -10.104 1.00 44.90 ? 8   SER B N   1 
ATOM   547  C CA  . SER B 1 8  ? -13.290 -14.005 -11.537 1.00 50.97 ? 8   SER B CA  1 
ATOM   548  C C   . SER B 1 8  ? -14.380 -13.341 -12.404 1.00 55.61 ? 8   SER B C   1 
ATOM   549  O O   . SER B 1 8  ? -14.200 -13.230 -13.639 1.00 51.89 ? 8   SER B O   1 
ATOM   550  C CB  . SER B 1 8  ? -13.420 -15.552 -11.617 1.00 54.77 ? 8   SER B CB  1 
ATOM   551  O OG  . SER B 1 8  ? -12.118 -16.149 -11.565 1.00 63.77 ? 8   SER B OG  1 
ATOM   552  N N   . ASP B 1 9  ? -15.481 -12.914 -11.750 1.00 49.31 ? 9   ASP B N   1 
ATOM   553  C CA  . ASP B 1 9  ? -16.669 -12.341 -12.430 1.00 55.31 ? 9   ASP B CA  1 
ATOM   554  C C   . ASP B 1 9  ? -16.586 -10.819 -12.635 1.00 51.82 ? 9   ASP B C   1 
ATOM   555  O O   . ASP B 1 9  ? -17.509 -10.206 -13.172 1.00 58.14 ? 9   ASP B O   1 
ATOM   556  C CB  . ASP B 1 9  ? -17.965 -12.714 -11.669 1.00 63.11 ? 9   ASP B CB  1 
ATOM   557  C CG  . ASP B 1 9  ? -18.050 -12.078 -10.252 1.00 71.43 ? 9   ASP B CG  1 
ATOM   558  O OD1 . ASP B 1 9  ? -17.059 -11.448 -9.800  1.00 70.88 ? 9   ASP B OD1 1 
ATOM   559  O OD2 . ASP B 1 9  ? -19.124 -12.225 -9.595  1.00 77.21 ? 9   ASP B OD2 1 
ATOM   560  N N   . GLN B 1 10 ? -15.470 -10.221 -12.227 1.00 45.07 ? 10  GLN B N   1 
ATOM   561  C CA  . GLN B 1 10 ? -15.308 -8.760  -12.245 1.00 41.96 ? 10  GLN B CA  1 
ATOM   562  C C   . GLN B 1 10 ? -14.427 -8.403  -13.462 1.00 39.75 ? 10  GLN B C   1 
ATOM   563  O O   . GLN B 1 10 ? -13.367 -8.986  -13.601 1.00 39.58 ? 10  GLN B O   1 
ATOM   564  C CB  . GLN B 1 10 ? -14.660 -8.279  -10.887 1.00 42.74 ? 10  GLN B CB  1 
ATOM   565  C CG  . GLN B 1 10 ? -15.453 -8.627  -9.597  1.00 38.70 ? 10  GLN B CG  1 
ATOM   566  C CD  . GLN B 1 10 ? -14.767 -8.223  -8.269  1.00 39.78 ? 10  GLN B CD  1 
ATOM   567  O OE1 . GLN B 1 10 ? -13.928 -8.926  -7.709  1.00 35.11 ? 10  GLN B OE1 1 
ATOM   568  N NE2 . GLN B 1 10 ? -15.133 -7.071  -7.776  1.00 39.20 ? 10  GLN B NE2 1 
ATOM   569  N N   . SER B 1 11 ? -14.847 -7.451  -14.327 1.00 35.61 ? 11  SER B N   1 
ATOM   570  C CA  . SER B 1 11 ? -13.984 -6.962  -15.423 1.00 37.84 ? 11  SER B CA  1 
ATOM   571  C C   . SER B 1 11 ? -12.763 -6.146  -14.838 1.00 30.24 ? 11  SER B C   1 
ATOM   572  O O   . SER B 1 11 ? -12.925 -5.466  -13.810 1.00 32.95 ? 11  SER B O   1 
ATOM   573  C CB  . SER B 1 11 ? -14.767 -6.043  -16.396 1.00 41.90 ? 11  SER B CB  1 
ATOM   574  O OG  . SER B 1 11 ? -13.947 -5.546  -17.448 1.00 43.16 ? 11  SER B OG  1 
ATOM   575  N N   . LYS B 1 12 ? -11.604 -6.246  -15.501 1.00 27.82 ? 12  LYS B N   1 
ATOM   576  C CA  . LYS B 1 12 ? -10.388 -5.552  -15.062 1.00 27.19 ? 12  LYS B CA  1 
ATOM   577  C C   . LYS B 1 12 ? -10.488 -4.066  -15.361 1.00 20.07 ? 12  LYS B C   1 
ATOM   578  O O   . LYS B 1 12 ? -9.798  -3.205  -14.785 1.00 19.09 ? 12  LYS B O   1 
ATOM   579  C CB  . LYS B 1 12 ? -9.071  -6.130  -15.677 1.00 29.27 ? 12  LYS B CB  1 
ATOM   580  C CG  . LYS B 1 12 ? -8.449  -7.460  -15.129 1.00 34.56 ? 12  LYS B CG  1 
ATOM   581  C CD  . LYS B 1 12 ? -6.890  -7.342  -15.222 1.00 33.21 ? 12  LYS B CD  1 
ATOM   582  C CE  . LYS B 1 12 ? -6.125  -8.659  -15.272 1.00 37.34 ? 12  LYS B CE  1 
ATOM   583  N NZ  . LYS B 1 12 ? -6.196  -9.319  -13.954 1.00 46.25 ? 12  LYS B NZ  1 
ATOM   584  N N   . ILE B 1 13 ? -11.353 -3.738  -16.317 1.00 23.47 ? 13  ILE B N   1 
ATOM   585  C CA  . ILE B 1 13 ? -11.474 -2.341  -16.727 1.00 23.32 ? 13  ILE B CA  1 
ATOM   586  C C   . ILE B 1 13 ? -12.055 -1.524  -15.640 1.00 21.32 ? 13  ILE B C   1 
ATOM   587  O O   . ILE B 1 13 ? -13.140 -1.859  -15.134 1.00 27.03 ? 13  ILE B O   1 
ATOM   588  C CB  . ILE B 1 13 ? -12.411 -2.182  -17.989 1.00 28.10 ? 13  ILE B CB  1 
ATOM   589  C CG1 . ILE B 1 13 ? -12.003 -3.149  -19.085 1.00 34.20 ? 13  ILE B CG1 1 
ATOM   590  C CG2 . ILE B 1 13 ? -12.336 -0.753  -18.539 1.00 29.01 ? 13  ILE B CG2 1 
ATOM   591  C CD1 . ILE B 1 13 ? -10.527 -3.206  -19.329 1.00 36.68 ? 13  ILE B CD1 1 
ATOM   592  N N   . CYS B 1 14 ? -11.408 -0.409  -15.286 1.00 18.46 ? 14  CYS B N   1 
ATOM   593  C CA  . CYS B 1 14 ? -12.028 0.455   -14.331 1.00 17.52 ? 14  CYS B CA  1 
ATOM   594  C C   . CYS B 1 14 ? -13.154 1.292   -14.901 1.00 19.36 ? 14  CYS B C   1 
ATOM   595  O O   . CYS B 1 14 ? -13.077 1.698   -16.105 1.00 17.78 ? 14  CYS B O   1 
ATOM   596  C CB  . CYS B 1 14 ? -10.984 1.405   -13.767 1.00 17.40 ? 14  CYS B CB  1 
ATOM   597  S SG  . CYS B 1 14 ? -9.610  0.518   -12.889 1.00 15.87 ? 14  CYS B SG  1 
ATOM   598  N N   . PRO B 1 15 ? -14.068 1.701   -13.994 1.00 19.91 ? 15  PRO B N   1 
ATOM   599  C CA  . PRO B 1 15 ? -14.976 2.763   -14.427 1.00 18.93 ? 15  PRO B CA  1 
ATOM   600  C C   . PRO B 1 15 ? -14.194 4.027   -14.799 1.00 19.44 ? 15  PRO B C   1 
ATOM   601  O O   . PRO B 1 15 ? -13.182 4.342   -14.205 1.00 17.60 ? 15  PRO B O   1 
ATOM   602  C CB  . PRO B 1 15 ? -15.841 3.053   -13.213 1.00 19.77 ? 15  PRO B CB  1 
ATOM   603  C CG  . PRO B 1 15 ? -15.718 1.806   -12.384 1.00 20.55 ? 15  PRO B CG  1 
ATOM   604  C CD  . PRO B 1 15 ? -14.320 1.291   -12.597 1.00 19.69 ? 15  PRO B CD  1 
ATOM   605  N N   . PRO B 1 16 ? -14.757 4.865   -15.745 1.00 19.06 ? 16  PRO B N   1 
ATOM   606  C CA  . PRO B 1 16 ? -14.092 6.156   -16.005 1.00 16.88 ? 16  PRO B CA  1 
ATOM   607  C C   . PRO B 1 16 ? -13.978 7.059   -14.791 1.00 15.79 ? 16  PRO B C   1 
ATOM   608  O O   . PRO B 1 16 ? -14.885 7.093   -13.940 1.00 17.80 ? 16  PRO B O   1 
ATOM   609  C CB  . PRO B 1 16 ? -15.017 6.802   -17.089 1.00 17.14 ? 16  PRO B CB  1 
ATOM   610  C CG  . PRO B 1 16 ? -16.280 6.169   -16.900 1.00 17.86 ? 16  PRO B CG  1 
ATOM   611  C CD  . PRO B 1 16 ? -16.039 4.739   -16.461 1.00 19.96 ? 16  PRO B CD  1 
ATOM   612  N N   . GLY B 1 17 ? -12.848 7.677   -14.583 1.00 18.08 ? 17  GLY B N   1 
ATOM   613  C CA  . GLY B 1 17 ? -12.664 8.534   -13.425 1.00 20.27 ? 17  GLY B CA  1 
ATOM   614  C C   . GLY B 1 17 ? -12.030 7.786   -12.245 1.00 20.17 ? 17  GLY B C   1 
ATOM   615  O O   . GLY B 1 17 ? -11.666 8.403   -11.287 1.00 24.16 ? 17  GLY B O   1 
ATOM   616  N N   . GLU B 1 18 ? -11.887 6.475   -12.389 1.00 18.60 ? 18  GLU B N   1 
ATOM   617  C CA  . GLU B 1 18 ? -11.203 5.660   -11.349 1.00 17.78 ? 18  GLU B CA  1 
ATOM   618  C C   . GLU B 1 18 ? -9.866  5.242   -11.923 1.00 16.51 ? 18  GLU B C   1 
ATOM   619  O O   . GLU B 1 18 ? -9.778  4.275   -12.692 1.00 18.15 ? 18  GLU B O   1 
ATOM   620  C CB  . GLU B 1 18 ? -12.046 4.488   -10.974 1.00 16.82 ? 18  GLU B CB  1 
ATOM   621  C CG  . GLU B 1 18 ? -13.334 4.917   -10.333 1.00 19.38 ? 18  GLU B CG  1 
ATOM   622  C CD  . GLU B 1 18 ? -14.137 3.815   -9.701  1.00 21.15 ? 18  GLU B CD  1 
ATOM   623  O OE1 . GLU B 1 18 ? -13.685 2.667   -9.509  1.00 19.49 ? 18  GLU B OE1 1 
ATOM   624  O OE2 . GLU B 1 18 ? -15.320 4.136   -9.288  1.00 22.18 ? 18  GLU B OE2 1 
ATOM   625  N N   . ASN B 1 19 ? -8.841  5.961   -11.554 1.00 16.31 ? 19  ASN B N   1 
ATOM   626  C CA  . ASN B 1 19 ? -7.511  5.762   -12.091 1.00 16.11 ? 19  ASN B CA  1 
ATOM   627  C C   . ASN B 1 19 ? -6.514  5.073   -11.133 1.00 17.65 ? 19  ASN B C   1 
ATOM   628  O O   . ASN B 1 19 ? -5.360  4.900   -11.499 1.00 16.38 ? 19  ASN B O   1 
ATOM   629  C CB  . ASN B 1 19 ? -6.958  7.018   -12.657 1.00 16.84 ? 19  ASN B CB  1 
ATOM   630  C CG  . ASN B 1 19 ? -7.818  7.538   -13.825 1.00 18.08 ? 19  ASN B CG  1 
ATOM   631  O OD1 . ASN B 1 19 ? -8.257  6.751   -14.656 1.00 18.97 ? 19  ASN B OD1 1 
ATOM   632  N ND2 . ASN B 1 19 ? -8.190  8.764   -13.763 1.00 22.63 ? 19  ASN B ND2 1 
ATOM   633  N N   . ILE B 1 20 ? -6.998  4.812   -9.901  1.00 17.26 ? 20  ILE B N   1 
ATOM   634  C CA  . ILE B 1 20 ? -6.168  4.203   -8.853  1.00 18.45 ? 20  ILE B CA  1 
ATOM   635  C C   . ILE B 1 20 ? -6.504  2.732   -8.813  1.00 16.45 ? 20  ILE B C   1 
ATOM   636  O O   . ILE B 1 20 ? -7.660  2.358   -8.789  1.00 16.45 ? 20  ILE B O   1 
ATOM   637  C CB  . ILE B 1 20 ? -6.427  4.908   -7.527  1.00 18.18 ? 20  ILE B CB  1 
ATOM   638  C CG1 . ILE B 1 20 ? -5.805  6.295   -7.653  1.00 24.43 ? 20  ILE B CG1 1 
ATOM   639  C CG2 . ILE B 1 20 ? -5.771  4.134   -6.336  1.00 21.21 ? 20  ILE B CG2 1 
ATOM   640  C CD1 . ILE B 1 20 ? -6.422  7.232   -6.723  1.00 32.01 ? 20  ILE B CD1 1 
ATOM   641  N N   . CYS B 1 21 ? -5.494  1.896   -8.678  1.00 15.06 ? 21  CYS B N   1 
ATOM   642  C CA  . CYS B 1 21 ? -5.675  0.512   -8.352  1.00 14.53 ? 21  CYS B CA  1 
ATOM   643  C C   . CYS B 1 21 ? -5.212  0.305   -6.886  1.00 14.56 ? 21  CYS B C   1 
ATOM   644  O O   . CYS B 1 21 ? -4.379  1.049   -6.373  1.00 14.73 ? 21  CYS B O   1 
ATOM   645  C CB  . CYS B 1 21 ? -4.782  -0.377  -9.146  1.00 15.33 ? 21  CYS B CB  1 
ATOM   646  S SG  . CYS B 1 21 ? -5.031  -0.364  -10.964 1.00 16.05 ? 21  CYS B SG  1 
ATOM   647  N N   . TYR B 1 22 ? -5.924  -0.600  -6.222  1.00 14.68 ? 22  TYR B N   1 
ATOM   648  C CA  . TYR B 1 22 ? -5.646  -0.790  -4.767  1.00 15.98 ? 22  TYR B CA  1 
ATOM   649  C C   . TYR B 1 22 ? -5.632  -2.238  -4.403  1.00 13.74 ? 22  TYR B C   1 
ATOM   650  O O   . TYR B 1 22 ? -6.246  -3.129  -5.048  1.00 13.86 ? 22  TYR B O   1 
ATOM   651  C CB  . TYR B 1 22 ? -6.627  -0.008  -3.880  1.00 14.60 ? 22  TYR B CB  1 
ATOM   652  C CG  . TYR B 1 22 ? -7.987  -0.659  -3.844  1.00 14.80 ? 22  TYR B CG  1 
ATOM   653  C CD1 . TYR B 1 22 ? -8.297  -1.684  -2.915  1.00 17.16 ? 22  TYR B CD1 1 
ATOM   654  C CD2 . TYR B 1 22 ? -8.998  -0.185  -4.617  1.00 15.48 ? 22  TYR B CD2 1 
ATOM   655  C CE1 . TYR B 1 22 ? -9.566  -2.246  -2.836  1.00 17.60 ? 22  TYR B CE1 1 
ATOM   656  C CE2 . TYR B 1 22 ? -10.228 -0.726  -4.606  1.00 16.67 ? 22  TYR B CE2 1 
ATOM   657  C CZ  . TYR B 1 22 ? -10.546 -1.741  -3.703  1.00 17.24 ? 22  TYR B CZ  1 
ATOM   658  O OH  . TYR B 1 22 ? -11.793 -2.268  -3.657  1.00 18.84 ? 22  TYR B OH  1 
ATOM   659  N N   . THR B 1 23 ? -4.794  -2.459  -3.380  1.00 15.09 ? 23  THR B N   1 
ATOM   660  C CA  . THR B 1 23 ? -4.733  -3.740  -2.649  1.00 14.93 ? 23  THR B CA  1 
ATOM   661  C C   . THR B 1 23 ? -5.059  -3.482  -1.184  1.00 14.99 ? 23  THR B C   1 
ATOM   662  O O   . THR B 1 23 ? -4.430  -2.709  -0.451  1.00 15.47 ? 23  THR B O   1 
ATOM   663  C CB  . THR B 1 23 ? -3.309  -4.399  -2.742  1.00 15.30 ? 23  THR B CB  1 
ATOM   664  O OG1 . THR B 1 23 ? -2.874  -4.565  -4.108  1.00 16.06 ? 23  THR B OG1 1 
ATOM   665  C CG2 . THR B 1 23 ? -3.352  -5.711  -2.059  1.00 17.98 ? 23  THR B CG2 1 
ATOM   666  N N   . LYS B 1 24 ? -6.176  -4.074  -0.716  1.00 15.69 ? 24  LYS B N   1 
ATOM   667  C CA  . LYS B 1 24 ? -6.582  -3.820  0.657   1.00 15.65 ? 24  LYS B CA  1 
ATOM   668  C C   . LYS B 1 24 ? -6.393  -5.187  1.385   1.00 13.45 ? 24  LYS B C   1 
ATOM   669  O O   . LYS B 1 24 ? -6.835  -6.202  0.869   1.00 14.61 ? 24  LYS B O   1 
ATOM   670  C CB  . LYS B 1 24 ? -8.090  -3.440  0.678   1.00 16.01 ? 24  LYS B CB  1 
ATOM   671  C CG  . LYS B 1 24 ? -8.635  -3.258  2.044   1.00 19.56 ? 24  LYS B CG  1 
ATOM   672  C CD  . LYS B 1 24 ? -10.162 -3.152  2.078   1.00 20.44 ? 24  LYS B CD  1 
ATOM   673  C CE  . LYS B 1 24 ? -10.712 -1.964  1.355   1.00 24.01 ? 24  LYS B CE  1 
ATOM   674  N NZ  . LYS B 1 24 ? -12.148 -1.774  1.915   1.00 24.39 ? 24  LYS B NZ  1 
ATOM   675  N N   . THR B 1 25 ? -5.661  -5.167  2.508   1.00 15.37 ? 25  THR B N   1 
ATOM   676  C CA  . THR B 1 25 ? -5.349  -6.391  3.250   1.00 14.56 ? 25  THR B CA  1 
ATOM   677  C C   . THR B 1 25 ? -5.650  -6.215  4.712   1.00 14.39 ? 25  THR B C   1 
ATOM   678  O O   . THR B 1 25 ? -5.660  -5.153  5.263   1.00 16.29 ? 25  THR B O   1 
ATOM   679  C CB  . THR B 1 25 ? -3.850  -6.806  3.036   1.00 14.94 ? 25  THR B CB  1 
ATOM   680  O OG1 . THR B 1 25 ? -3.077  -5.675  3.365   1.00 18.71 ? 25  THR B OG1 1 
ATOM   681  C CG2 . THR B 1 25 ? -3.608  -7.266  1.629   1.00 19.25 ? 25  THR B CG2 1 
ATOM   682  N N   . TRP B 1 26 ? -5.993  -7.350  5.330   1.00 15.11 ? 26  TRP B N   1 
ATOM   683  C CA  . TRP B 1 26 ? -6.293  -7.383  6.752   1.00 16.50 ? 26  TRP B CA  1 
ATOM   684  C C   . TRP B 1 26 ? -6.103  -8.816  7.211   1.00 15.30 ? 26  TRP B C   1 
ATOM   685  O O   . TRP B 1 26 ? -6.122  -9.784  6.463   1.00 16.43 ? 26  TRP B O   1 
ATOM   686  C CB  . TRP B 1 26 ? -7.690  -6.871  7.029   1.00 14.90 ? 26  TRP B CB  1 
ATOM   687  C CG  . TRP B 1 26 ? -8.798  -7.721  6.505   1.00 14.23 ? 26  TRP B CG  1 
ATOM   688  C CD1 . TRP B 1 26 ? -9.561  -8.544  7.221   1.00 16.46 ? 26  TRP B CD1 1 
ATOM   689  C CD2 . TRP B 1 26 ? -9.389  -7.676  5.177   1.00 16.01 ? 26  TRP B CD2 1 
ATOM   690  N NE1 . TRP B 1 26 ? -10.503 -9.124  6.422   1.00 16.47 ? 26  TRP B NE1 1 
ATOM   691  C CE2 . TRP B 1 26 ? -10.440 -8.550  5.161   1.00 14.58 ? 26  TRP B CE2 1 
ATOM   692  C CE3 . TRP B 1 26 ? -9.116  -6.939  3.989   1.00 15.16 ? 26  TRP B CE3 1 
ATOM   693  C CZ2 . TRP B 1 26 ? -11.212 -8.763  3.983   1.00 16.24 ? 26  TRP B CZ2 1 
ATOM   694  C CZ3 . TRP B 1 26 ? -9.816  -7.193  2.845   1.00 16.54 ? 26  TRP B CZ3 1 
ATOM   695  C CH2 . TRP B 1 26 ? -10.864 -8.052  2.834   1.00 14.97 ? 26  TRP B CH2 1 
ATOM   696  N N   . CYS B 1 27 ? -6.149  -8.938  8.529   1.00 19.16 ? 27  CYS B N   1 
ATOM   697  C CA  . CYS B 1 27 ? -6.098  -10.257 9.143   1.00 18.29 ? 27  CYS B CA  1 
ATOM   698  C C   . CYS B 1 27 ? -7.446  -10.736 9.628   1.00 17.87 ? 27  CYS B C   1 
ATOM   699  O O   . CYS B 1 27 ? -8.175  -9.974  10.211  1.00 21.23 ? 27  CYS B O   1 
ATOM   700  C CB  . CYS B 1 27 ? -5.102  -10.257 10.313  1.00 17.87 ? 27  CYS B CB  1 
ATOM   701  S SG  . CYS B 1 27 ? -3.388  -10.544 9.794   1.00 20.92 ? 27  CYS B SG  1 
ATOM   702  N N   . ASP B 1 28 ? -7.761  -12.012 9.398   1.00 16.13 ? 28  ASP B N   1 
ATOM   703  C CA  . ASP B 1 28 ? -8.853  -12.668 10.158  1.00 18.64 ? 28  ASP B CA  1 
ATOM   704  C C   . ASP B 1 28 ? -8.211  -13.625 11.159  1.00 16.95 ? 28  ASP B C   1 
ATOM   705  O O   . ASP B 1 28 ? -7.024  -13.565 11.416  1.00 16.72 ? 28  ASP B O   1 
ATOM   706  C CB  . ASP B 1 28 ? -9.833  -13.387 9.224   1.00 19.58 ? 28  ASP B CB  1 
ATOM   707  C CG  . ASP B 1 28 ? -9.307  -14.593 8.513   1.00 21.95 ? 28  ASP B CG  1 
ATOM   708  O OD1 . ASP B 1 28 ? -8.164  -15.150 8.760   1.00 20.47 ? 28  ASP B OD1 1 
ATOM   709  O OD2 . ASP B 1 28 ? -10.049 -14.964 7.570   1.00 21.74 ? 28  ASP B OD2 1 
ATOM   710  N N   . ALA B 1 29 ? -9.046  -14.477 11.718  1.00 17.17 ? 29  ALA B N   1 
ATOM   711  C CA  . ALA B 1 29 ? -8.608  -15.417 12.775  1.00 16.39 ? 29  ALA B CA  1 
ATOM   712  C C   . ALA B 1 29 ? -7.541  -16.388 12.427  1.00 17.55 ? 29  ALA B C   1 
ATOM   713  O O   . ALA B 1 29 ? -6.827  -16.923 13.335  1.00 17.18 ? 29  ALA B O   1 
ATOM   714  C CB  . ALA B 1 29 ? -9.828  -16.140 13.285  1.00 18.42 ? 29  ALA B CB  1 
ATOM   715  N N   . PHE B 1 30 ? -7.349  -16.575 11.099  1.00 18.80 ? 30  PHE B N   1 
ATOM   716  C CA  . PHE B 1 30 ? -6.348  -17.496 10.577  1.00 21.59 ? 30  PHE B CA  1 
ATOM   717  C C   . PHE B 1 30 ? -5.161  -16.821 10.028  1.00 20.41 ? 30  PHE B C   1 
ATOM   718  O O   . PHE B 1 30 ? -4.289  -17.465 9.427   1.00 23.57 ? 30  PHE B O   1 
ATOM   719  C CB  . PHE B 1 30 ? -6.961  -18.357 9.497   1.00 24.04 ? 30  PHE B CB  1 
ATOM   720  C CG  . PHE B 1 30 ? -8.124  -19.145 9.956   1.00 26.71 ? 30  PHE B CG  1 
ATOM   721  C CD1 . PHE B 1 30 ? -7.943  -20.397 10.570  1.00 31.47 ? 30  PHE B CD1 1 
ATOM   722  C CD2 . PHE B 1 30 ? -9.417  -18.660 9.834   1.00 28.72 ? 30  PHE B CD2 1 
ATOM   723  C CE1 . PHE B 1 30 ? -9.069  -21.104 11.031  1.00 30.08 ? 30  PHE B CE1 1 
ATOM   724  C CE2 . PHE B 1 30 ? -10.502 -19.366 10.320  1.00 29.98 ? 30  PHE B CE2 1 
ATOM   725  C CZ  . PHE B 1 30 ? -10.324 -20.563 10.904  1.00 27.92 ? 30  PHE B CZ  1 
ATOM   726  N N   . CYS B 1 31 ? -4.973  -15.541 10.286  1.00 18.98 ? 31  CYS B N   1 
ATOM   727  C CA  . CYS B 1 31 ? -3.984  -14.785 9.588   1.00 21.05 ? 31  CYS B CA  1 
ATOM   728  C C   . CYS B 1 31 ? -2.555  -15.308 9.765   1.00 24.42 ? 31  CYS B C   1 
ATOM   729  O O   . CYS B 1 31 ? -1.897  -15.523 8.726   1.00 25.91 ? 31  CYS B O   1 
ATOM   730  C CB  . CYS B 1 31 ? -4.020  -13.406 10.058  1.00 18.47 ? 31  CYS B CB  1 
ATOM   731  S SG  . CYS B 1 31 ? -3.383  -12.220 8.822   1.00 19.25 ? 31  CYS B SG  1 
ATOM   732  N N   . SER B 1 32 ? -2.140  -15.493 11.039  1.00 20.93 ? 32  SER B N   1 
ATOM   733  C CA  . SER B 1 32 ? -0.774  -15.985 11.327  1.00 23.03 ? 32  SER B CA  1 
ATOM   734  C C   . SER B 1 32 ? -0.497  -17.312 10.592  1.00 22.94 ? 32  SER B C   1 
ATOM   735  O O   . SER B 1 32 ? 0.711   -17.663 10.490  1.00 28.63 ? 32  SER B O   1 
ATOM   736  C CB  . SER B 1 32 ? -0.483  -16.108 12.814  1.00 24.20 ? 32  SER B CB  1 
ATOM   737  O OG  . SER B 1 32 ? -1.217  -17.131 13.391  1.00 22.62 ? 32  SER B OG  1 
ATOM   738  N N   . GLN B 1 33 ? -1.512  -18.105 10.224  1.00 21.75 ? 33  GLN B N   1 
ATOM   739  C CA  . GLN B 1 33 ? -1.305  -19.388 9.560   1.00 27.96 ? 33  GLN B CA  1 
ATOM   740  C C   . GLN B 1 33 ? -1.461  -19.417 8.057   1.00 37.34 ? 33  GLN B C   1 
ATOM   741  O O   . GLN B 1 33 ? -0.762  -20.208 7.425   1.00 34.41 ? 33  GLN B O   1 
ATOM   742  C CB  . GLN B 1 33 ? -2.307  -20.384 10.058  1.00 36.24 ? 33  GLN B CB  1 
ATOM   743  C CG  . GLN B 1 33 ? -2.162  -20.586 11.541  1.00 38.19 ? 33  GLN B CG  1 
ATOM   744  C CD  . GLN B 1 33 ? -3.041  -21.714 12.012  1.00 40.96 ? 33  GLN B CD  1 
ATOM   745  O OE1 . GLN B 1 33 ? -4.227  -21.807 11.616  1.00 45.60 ? 33  GLN B OE1 1 
ATOM   746  N NE2 . GLN B 1 33 ? -2.462  -22.618 12.779  1.00 35.87 ? 33  GLN B NE2 1 
ATOM   747  N N   . ARG B 1 34 ? -2.396  -18.610 7.525   1.00 30.07 ? 34  ARG B N   1 
ATOM   748  C CA  . ARG B 1 34 ? -2.992  -18.715 6.147   1.00 29.11 ? 34  ARG B CA  1 
ATOM   749  C C   . ARG B 1 34 ? -2.815  -17.455 5.412   1.00 27.20 ? 34  ARG B C   1 
ATOM   750  O O   . ARG B 1 34 ? -3.311  -17.339 4.283   1.00 32.57 ? 34  ARG B O   1 
ATOM   751  C CB  . ARG B 1 34 ? -4.509  -18.884 6.156   1.00 29.59 ? 34  ARG B CB  1 
ATOM   752  C CG  . ARG B 1 34 ? -4.943  -20.140 6.784   1.00 33.36 ? 34  ARG B CG  1 
ATOM   753  C CD  . ARG B 1 34 ? -6.424  -20.324 6.621   1.00 38.32 ? 34  ARG B CD  1 
ATOM   754  N NE  . ARG B 1 34 ? -6.763  -21.621 7.215   1.00 47.16 ? 34  ARG B NE  1 
ATOM   755  C CZ  . ARG B 1 34 ? -7.999  -22.046 7.465   1.00 52.72 ? 34  ARG B CZ  1 
ATOM   756  N NH1 . ARG B 1 34 ? -9.057  -21.274 7.195   1.00 56.71 ? 34  ARG B NH1 1 
ATOM   757  N NH2 . ARG B 1 34 ? -8.172  -23.249 8.009   1.00 58.67 ? 34  ARG B NH2 1 
ATOM   758  N N   . GLY B 1 35 ? -2.145  -16.521 6.069   1.00 23.33 ? 35  GLY B N   1 
ATOM   759  C CA  . GLY B 1 35 ? -1.881  -15.124 5.591   1.00 22.36 ? 35  GLY B CA  1 
ATOM   760  C C   . GLY B 1 35 ? -3.139  -14.222 5.545   1.00 20.21 ? 35  GLY B C   1 
ATOM   761  O O   . GLY B 1 35 ? -4.217  -14.624 5.986   1.00 19.94 ? 35  GLY B O   1 
ATOM   762  N N   . LYS B 1 36 ? -2.936  -13.058 4.929   1.00 21.74 ? 36  LYS B N   1 
ATOM   763  C CA  . LYS B 1 36 ? -3.947  -11.959 4.943   1.00 18.93 ? 36  LYS B CA  1 
ATOM   764  C C   . LYS B 1 36 ? -5.066  -12.218 3.986   1.00 20.13 ? 36  LYS B C   1 
ATOM   765  O O   . LYS B 1 36 ? -4.912  -12.869 2.961   1.00 20.25 ? 36  LYS B O   1 
ATOM   766  C CB  . LYS B 1 36 ? -3.293  -10.661 4.619   1.00 21.51 ? 36  LYS B CB  1 
ATOM   767  C CG  . LYS B 1 36 ? -2.418  -10.188 5.711   1.00 23.05 ? 36  LYS B CG  1 
ATOM   768  C CD  . LYS B 1 36 ? -1.477  -9.192  5.216   1.00 30.25 ? 36  LYS B CD  1 
ATOM   769  C CE  . LYS B 1 36 ? -0.495  -8.869  6.309   1.00 34.49 ? 36  LYS B CE  1 
ATOM   770  N NZ  . LYS B 1 36 ? 0.555   -7.980  5.706   1.00 38.25 ? 36  LYS B NZ  1 
ATOM   771  N N   . ARG B 1 37 ? -6.265  -11.763 4.331   1.00 19.05 ? 37  ARG B N   1 
ATOM   772  C CA  . ARG B 1 37 ? -7.331  -11.572 3.383   1.00 17.26 ? 37  ARG B CA  1 
ATOM   773  C C   . ARG B 1 37 ? -6.973  -10.380 2.453   1.00 15.76 ? 37  ARG B C   1 
ATOM   774  O O   . ARG B 1 37 ? -6.252  -9.476  2.848   1.00 14.88 ? 37  ARG B O   1 
ATOM   775  C CB  . ARG B 1 37 ? -8.592  -11.216 4.145   1.00 18.03 ? 37  ARG B CB  1 
ATOM   776  C CG  . ARG B 1 37 ? -9.184  -12.402 4.862   1.00 21.10 ? 37  ARG B CG  1 
ATOM   777  C CD  . ARG B 1 37 ? -10.041 -13.333 3.961   1.00 24.89 ? 37  ARG B CD  1 
ATOM   778  N NE  . ARG B 1 37 ? -10.896 -12.687 2.912   1.00 29.85 ? 37  ARG B NE  1 
ATOM   779  C CZ  . ARG B 1 37 ? -12.152 -12.236 3.023   1.00 30.29 ? 37  ARG B CZ  1 
ATOM   780  N NH1 . ARG B 1 37 ? -12.761 -12.259 4.201   1.00 30.17 ? 37  ARG B NH1 1 
ATOM   781  N NH2 . ARG B 1 37 ? -12.765 -11.595 1.957   1.00 31.73 ? 37  ARG B NH2 1 
ATOM   782  N N   . VAL B 1 38 ? -7.580  -10.394 1.262   1.00 16.26 ? 38  VAL B N   1 
ATOM   783  C CA  . VAL B 1 38 ? -7.233  -9.409  0.246   1.00 18.45 ? 38  VAL B CA  1 
ATOM   784  C C   . VAL B 1 38 ? -8.448  -9.054  -0.555  1.00 15.62 ? 38  VAL B C   1 
ATOM   785  O O   . VAL B 1 38 ? -9.348  -9.896  -0.879  1.00 18.17 ? 38  VAL B O   1 
ATOM   786  C CB  . VAL B 1 38 ? -6.126  -9.913  -0.725  1.00 17.32 ? 38  VAL B CB  1 
ATOM   787  C CG1 . VAL B 1 38 ? -6.610  -10.994 -1.626  1.00 21.30 ? 38  VAL B CG1 1 
ATOM   788  C CG2 . VAL B 1 38 ? -5.677  -8.706  -1.573  1.00 17.88 ? 38  VAL B CG2 1 
ATOM   789  N N   . GLU B 1 39 ? -8.547  -7.755  -0.832  1.00 15.57 ? 39  GLU B N   1 
ATOM   790  C CA  . GLU B 1 39 ? -9.415  -7.243  -1.863  1.00 16.06 ? 39  GLU B CA  1 
ATOM   791  C C   . GLU B 1 39 ? -8.617  -6.372  -2.846  1.00 13.82 ? 39  GLU B C   1 
ATOM   792  O O   . GLU B 1 39 ? -7.764  -5.558  -2.391  1.00 15.29 ? 39  GLU B O   1 
ATOM   793  C CB  . GLU B 1 39 ? -10.452 -6.316  -1.196  1.00 16.92 ? 39  GLU B CB  1 
ATOM   794  C CG  . GLU B 1 39 ? -11.487 -5.660  -2.100  1.00 21.81 ? 39  GLU B CG  1 
ATOM   795  C CD  . GLU B 1 39 ? -12.479 -4.806  -1.304  1.00 22.57 ? 39  GLU B CD  1 
ATOM   796  O OE1 . GLU B 1 39 ? -13.257 -5.409  -0.539  1.00 20.79 ? 39  GLU B OE1 1 
ATOM   797  O OE2 . GLU B 1 39 ? -12.433 -3.564  -1.416  1.00 19.76 ? 39  GLU B OE2 1 
ATOM   798  N N   . LEU B 1 40 ? -8.931  -6.568  -4.108  1.00 14.10 ? 40  LEU B N   1 
ATOM   799  C CA  . LEU B 1 40 ? -8.268  -5.829  -5.178  1.00 14.08 ? 40  LEU B CA  1 
ATOM   800  C C   . LEU B 1 40 ? -9.296  -5.151  -6.063  1.00 14.93 ? 40  LEU B C   1 
ATOM   801  O O   . LEU B 1 40 ? -10.304 -5.750  -6.455  1.00 13.75 ? 40  LEU B O   1 
ATOM   802  C CB  . LEU B 1 40 ? -7.536  -6.782  -6.084  1.00 15.76 ? 40  LEU B CB  1 
ATOM   803  C CG  . LEU B 1 40 ? -6.400  -7.633  -5.424  1.00 15.22 ? 40  LEU B CG  1 
ATOM   804  C CD1 . LEU B 1 40 ? -6.010  -8.748  -6.351  1.00 17.43 ? 40  LEU B CD1 1 
ATOM   805  C CD2 . LEU B 1 40 ? -5.219  -6.828  -4.995  1.00 17.79 ? 40  LEU B CD2 1 
ATOM   806  N N   . GLY B 1 41 ? -9.051  -3.885  -6.314  1.00 15.82 ? 41  GLY B N   1 
ATOM   807  C CA  . GLY B 1 41 ? -9.952  -3.134  -7.206  1.00 14.87 ? 41  GLY B CA  1 
ATOM   808  C C   . GLY B 1 41 ? -9.466  -1.836  -7.709  1.00 14.88 ? 41  GLY B C   1 
ATOM   809  O O   . GLY B 1 41 ? -8.290  -1.482  -7.586  1.00 14.73 ? 41  GLY B O   1 
ATOM   810  N N   . CYS B 1 42 ? -10.406 -1.088  -8.341  1.00 15.08 ? 42  CYS B N   1 
ATOM   811  C CA  . CYS B 1 42 ? -10.242 0.276   -8.818  1.00 14.86 ? 42  CYS B CA  1 
ATOM   812  C C   . CYS B 1 42 ? -10.875 1.273   -7.878  1.00 16.23 ? 42  CYS B C   1 
ATOM   813  O O   . CYS B 1 42 ? -11.811 0.904   -7.152  1.00 17.89 ? 42  CYS B O   1 
ATOM   814  C CB  . CYS B 1 42 ? -10.983 0.466   -10.120 1.00 15.88 ? 42  CYS B CB  1 
ATOM   815  S SG  . CYS B 1 42 ? -10.524 -0.616  -11.458 1.00 16.40 ? 42  CYS B SG  1 
ATOM   816  N N   . ALA B 1 43 ? -10.353 2.487   -7.840  1.00 14.86 ? 43  ALA B N   1 
ATOM   817  C CA  . ALA B 1 43 ? -10.966 3.562   -7.076  1.00 18.54 ? 43  ALA B CA  1 
ATOM   818  C C   . ALA B 1 43 ? -10.583 4.950   -7.671  1.00 17.67 ? 43  ALA B C   1 
ATOM   819  O O   . ALA B 1 43 ? -9.614  5.112   -8.430  1.00 17.32 ? 43  ALA B O   1 
ATOM   820  C CB  . ALA B 1 43 ? -10.510 3.504   -5.615  1.00 19.29 ? 43  ALA B CB  1 
ATOM   821  N N   . ALA B 1 44 ? -11.361 5.952   -7.339  1.00 21.28 ? 44  ALA B N   1 
ATOM   822  C CA  . ALA B 1 44 ? -11.001 7.331   -7.748  1.00 19.81 ? 44  ALA B CA  1 
ATOM   823  C C   . ALA B 1 44 ? -9.918  8.016   -6.918  1.00 19.19 ? 44  ALA B C   1 
ATOM   824  O O   . ALA B 1 44 ? -9.033  8.708   -7.430  1.00 24.60 ? 44  ALA B O   1 
ATOM   825  C CB  . ALA B 1 44 ? -12.295 8.138   -7.699  1.00 21.28 ? 44  ALA B CB  1 
ATOM   826  N N   . THR B 1 45 ? -9.904  7.651   -5.583  1.00 20.42 ? 45  THR B N   1 
ATOM   827  C CA  . THR B 1 45 ? -8.884  8.032   -4.626  1.00 20.38 ? 45  THR B CA  1 
ATOM   828  C C   . THR B 1 45 ? -8.556  6.777   -3.794  1.00 19.55 ? 45  THR B C   1 
ATOM   829  O O   . THR B 1 45 ? -9.351  5.851   -3.697  1.00 19.68 ? 45  THR B O   1 
ATOM   830  C CB  . THR B 1 45 ? -9.408  9.103   -3.626  1.00 21.56 ? 45  THR B CB  1 
ATOM   831  O OG1 . THR B 1 45 ? -10.658 8.673   -3.054  1.00 24.53 ? 45  THR B OG1 1 
ATOM   832  C CG2 . THR B 1 45 ? -9.652  10.399  -4.365  1.00 26.26 ? 45  THR B CG2 1 
ATOM   833  N N   . CYS B 1 46 ? -7.413  6.815   -3.188  1.00 21.73 ? 46  CYS B N   1 
ATOM   834  C CA  . CYS B 1 46 ? -6.938  5.677   -2.407  1.00 19.06 ? 46  CYS B CA  1 
ATOM   835  C C   . CYS B 1 46 ? -7.889  5.484   -1.231  1.00 19.24 ? 46  CYS B C   1 
ATOM   836  O O   . CYS B 1 46 ? -8.034  6.417   -0.444  1.00 23.21 ? 46  CYS B O   1 
ATOM   837  C CB  . CYS B 1 46 ? -5.520  5.945   -1.957  1.00 19.75 ? 46  CYS B CB  1 
ATOM   838  S SG  . CYS B 1 46 ? -4.776  4.519   -1.142  1.00 21.04 ? 46  CYS B SG  1 
ATOM   839  N N   . PRO B 1 47 ? -8.466  4.285   -1.107  1.00 19.42 ? 47  PRO B N   1 
ATOM   840  C CA  . PRO B 1 47 ? -9.475  4.049   -0.011  1.00 21.13 ? 47  PRO B CA  1 
ATOM   841  C C   . PRO B 1 47 ? -8.860  4.369   1.384   1.00 22.17 ? 47  PRO B C   1 
ATOM   842  O O   . PRO B 1 47 ? -7.728  4.025   1.674   1.00 22.93 ? 47  PRO B O   1 
ATOM   843  C CB  . PRO B 1 47 ? -9.827  2.592   -0.190  1.00 20.51 ? 47  PRO B CB  1 
ATOM   844  C CG  . PRO B 1 47 ? -9.655  2.283   -1.685  1.00 22.45 ? 47  PRO B CG  1 
ATOM   845  C CD  . PRO B 1 47 ? -8.440  3.121   -2.035  1.00 18.64 ? 47  PRO B CD  1 
ATOM   846  N N   . LYS B 1 48 ? -9.625  5.031   2.266   1.00 25.72 ? 48  LYS B N   1 
ATOM   847  C CA  . LYS B 1 48 ? -9.243  5.237   3.641   1.00 27.47 ? 48  LYS B CA  1 
ATOM   848  C C   . LYS B 1 48 ? -9.695  3.995   4.366   1.00 30.64 ? 48  LYS B C   1 
ATOM   849  O O   . LYS B 1 48 ? -10.794 3.483   4.118   1.00 29.37 ? 48  LYS B O   1 
ATOM   850  C CB  . LYS B 1 48 ? -9.976  6.480   4.227   1.00 36.68 ? 48  LYS B CB  1 
ATOM   851  C CG  . LYS B 1 48 ? -9.690  7.802   3.531   1.00 40.29 ? 48  LYS B CG  1 
ATOM   852  C CD  . LYS B 1 48 ? -8.201  7.991   3.373   1.00 44.81 ? 48  LYS B CD  1 
ATOM   853  C CE  . LYS B 1 48 ? -7.781  9.453   3.314   1.00 53.90 ? 48  LYS B CE  1 
ATOM   854  N NZ  . LYS B 1 48 ? -6.301  9.523   3.455   1.00 61.03 ? 48  LYS B NZ  1 
ATOM   855  N N   . VAL B 1 49 ? -8.835  3.462   5.209   1.00 28.45 ? 49  VAL B N   1 
ATOM   856  C CA  . VAL B 1 49 ? -9.136  2.209   5.891   1.00 27.15 ? 49  VAL B CA  1 
ATOM   857  C C   . VAL B 1 49 ? -8.813  2.361   7.406   1.00 29.84 ? 49  VAL B C   1 
ATOM   858  O O   . VAL B 1 49 ? -7.926  3.153   7.845   1.00 27.68 ? 49  VAL B O   1 
ATOM   859  C CB  . VAL B 1 49 ? -8.374  1.006   5.265   1.00 24.67 ? 49  VAL B CB  1 
ATOM   860  C CG1 . VAL B 1 49 ? -8.772  0.840   3.771   1.00 22.77 ? 49  VAL B CG1 1 
ATOM   861  C CG2 . VAL B 1 49 ? -6.857  1.243   5.426   1.00 24.77 ? 49  VAL B CG2 1 
ATOM   862  N N   . LYS B 1 50 ? -9.542  1.577   8.176   1.00 33.85 ? 50  LYS B N   1 
ATOM   863  C CA  . LYS B 1 50 ? -9.422  1.623   9.638   1.00 36.05 ? 50  LYS B CA  1 
ATOM   864  C C   . LYS B 1 50 ? -8.165  0.943   10.174  1.00 32.92 ? 50  LYS B C   1 
ATOM   865  O O   . LYS B 1 50 ? -7.561  0.124   9.483   1.00 25.00 ? 50  LYS B O   1 
ATOM   866  C CB  . LYS B 1 50 ? -10.676 0.965   10.267  1.00 40.83 ? 50  LYS B CB  1 
ATOM   867  C CG  . LYS B 1 50 ? -10.901 -0.533  9.955   1.00 46.68 ? 50  LYS B CG  1 
ATOM   868  C CD  . LYS B 1 50 ? -11.964 -1.204  10.857  1.00 50.91 ? 50  LYS B CD  1 
ATOM   869  C CE  . LYS B 1 50 ? -13.357 -1.049  10.254  1.00 59.86 ? 50  LYS B CE  1 
ATOM   870  N NZ  . LYS B 1 50 ? -14.400 -1.859  10.955  1.00 64.14 ? 50  LYS B NZ  1 
ATOM   871  N N   . ALA B 1 51 ? -7.804  1.248   11.418  1.00 29.08 ? 51  ALA B N   1 
ATOM   872  C CA  . ALA B 1 51 ? -6.716  0.529   12.070  1.00 27.94 ? 51  ALA B CA  1 
ATOM   873  C C   . ALA B 1 51 ? -6.938  -0.968  11.938  1.00 23.49 ? 51  ALA B C   1 
ATOM   874  O O   . ALA B 1 51 ? -8.069  -1.486  12.070  1.00 25.03 ? 51  ALA B O   1 
ATOM   875  C CB  . ALA B 1 51 ? -6.553  0.978   13.542  1.00 28.75 ? 51  ALA B CB  1 
ATOM   876  N N   . GLY B 1 52 ? -5.854  -1.698  11.650  1.00 20.35 ? 52  GLY B N   1 
ATOM   877  C CA  . GLY B 1 52 ? -5.873  -3.087  11.384  1.00 19.17 ? 52  GLY B CA  1 
ATOM   878  C C   . GLY B 1 52 ? -5.945  -3.494  9.951   1.00 17.99 ? 52  GLY B C   1 
ATOM   879  O O   . GLY B 1 52 ? -5.774  -4.648  9.620   1.00 21.35 ? 52  GLY B O   1 
ATOM   880  N N   . VAL B 1 53 ? -6.348  -2.505  9.101   1.00 16.48 ? 53  VAL B N   1 
ATOM   881  C CA  . VAL B 1 53 ? -6.505  -2.776  7.658   1.00 17.46 ? 53  VAL B CA  1 
ATOM   882  C C   . VAL B 1 53 ? -5.403  -1.932  7.023   1.00 16.37 ? 53  VAL B C   1 
ATOM   883  O O   . VAL B 1 53 ? -5.154  -0.840  7.554   1.00 18.39 ? 53  VAL B O   1 
ATOM   884  C CB  . VAL B 1 53 ? -7.870  -2.316  7.119   1.00 18.13 ? 53  VAL B CB  1 
ATOM   885  C CG1 . VAL B 1 53 ? -7.901  -2.693  5.649   1.00 17.92 ? 53  VAL B CG1 1 
ATOM   886  C CG2 . VAL B 1 53 ? -8.989  -3.033  7.916   1.00 19.27 ? 53  VAL B CG2 1 
ATOM   887  N N   . GLU B 1 54 ? -4.844  -2.444  5.913   1.00 18.19 ? 54  GLU B N   1 
ATOM   888  C CA  . GLU B 1 54 ? -3.708  -1.806  5.240   1.00 15.60 ? 54  GLU B CA  1 
ATOM   889  C C   . GLU B 1 54 ? -4.176  -1.607  3.830   1.00 16.73 ? 54  GLU B C   1 
ATOM   890  O O   . GLU B 1 54 ? -4.861  -2.481  3.265   1.00 15.42 ? 54  GLU B O   1 
ATOM   891  C CB  . GLU B 1 54 ? -2.457  -2.692  5.387   1.00 17.98 ? 54  GLU B CB  1 
ATOM   892  C CG  . GLU B 1 54 ? -2.288  -3.005  6.847   1.00 21.66 ? 54  GLU B CG  1 
ATOM   893  C CD  . GLU B 1 54 ? -0.909  -3.537  7.264   1.00 23.74 ? 54  GLU B CD  1 
ATOM   894  O OE1 . GLU B 1 54 ? -0.178  -4.007  6.381   1.00 26.44 ? 54  GLU B OE1 1 
ATOM   895  O OE2 . GLU B 1 54 ? -0.580  -3.433  8.518   1.00 22.37 ? 54  GLU B OE2 1 
ATOM   896  N N   . ILE B 1 55 ? -3.680  -0.539  3.220   1.00 14.68 ? 55  ILE B N   1 
ATOM   897  C CA  . ILE B 1 55 ? -4.059  -0.170  1.859   1.00 15.90 ? 55  ILE B CA  1 
ATOM   898  C C   . ILE B 1 55 ? -2.834  0.238   1.043   1.00 13.66 ? 55  ILE B C   1 
ATOM   899  O O   . ILE B 1 55 ? -2.082  1.039   1.549   1.00 14.97 ? 55  ILE B O   1 
ATOM   900  C CB  . ILE B 1 55 ? -5.147  0.951   1.906   1.00 15.05 ? 55  ILE B CB  1 
ATOM   901  C CG1 . ILE B 1 55 ? -5.826  1.154   0.541   1.00 19.25 ? 55  ILE B CG1 1 
ATOM   902  C CG2 . ILE B 1 55 ? -4.639  2.240   2.495   1.00 16.22 ? 55  ILE B CG2 1 
ATOM   903  C CD1 . ILE B 1 55 ? -6.680  0.084   0.033   1.00 17.42 ? 55  ILE B CD1 1 
ATOM   904  N N   . LYS B 1 56 ? -2.682  -0.350  -0.137  1.00 15.13 ? 56  LYS B N   1 
ATOM   905  C CA  . LYS B 1 56 ? -1.601  0.039   -1.101  1.00 16.82 ? 56  LYS B CA  1 
ATOM   906  C C   . LYS B 1 56 ? -2.307  0.515   -2.401  1.00 16.57 ? 56  LYS B C   1 
ATOM   907  O O   . LYS B 1 56 ? -3.167  -0.202  -2.963  1.00 16.15 ? 56  LYS B O   1 
ATOM   908  C CB  . LYS B 1 56 ? -0.685  -1.117  -1.370  1.00 16.61 ? 56  LYS B CB  1 
ATOM   909  C CG  . LYS B 1 56 ? 0.493   -0.675  -2.229  1.00 19.01 ? 56  LYS B CG  1 
ATOM   910  C CD  . LYS B 1 56 ? 1.527   -1.741  -2.396  1.00 24.26 ? 56  LYS B CD  1 
ATOM   911  C CE  . LYS B 1 56 ? 2.770   -1.161  -3.097  1.00 24.51 ? 56  LYS B CE  1 
ATOM   912  N NZ  . LYS B 1 56 ? 3.795   -2.264  -3.076  1.00 27.86 ? 56  LYS B NZ  1 
ATOM   913  N N   . CYS B 1 57 ? -1.922  1.702   -2.811  1.00 17.55 ? 57  CYS B N   1 
ATOM   914  C CA  . CYS B 1 57 ? -2.518  2.397   -3.988  1.00 16.17 ? 57  CYS B CA  1 
ATOM   915  C C   . CYS B 1 57 ? -1.455  2.721   -4.998  1.00 19.27 ? 57  CYS B C   1 
ATOM   916  O O   . CYS B 1 57 ? -0.333  3.035   -4.671  1.00 17.80 ? 57  CYS B O   1 
ATOM   917  C CB  . CYS B 1 57 ? -3.206  3.634   -3.500  1.00 17.37 ? 57  CYS B CB  1 
ATOM   918  S SG  . CYS B 1 57 ? -4.709  3.162   -2.586  1.00 18.02 ? 57  CYS B SG  1 
ATOM   919  N N   . CYS B 1 58 ? -1.805  2.531   -6.267  1.00 16.51 ? 58  CYS B N   1 
ATOM   920  C CA  . CYS B 1 58 ? -0.835  2.827   -7.351  1.00 15.22 ? 58  CYS B CA  1 
ATOM   921  C C   . CYS B 1 58 ? -1.715  3.237   -8.557  1.00 19.06 ? 58  CYS B C   1 
ATOM   922  O O   . CYS B 1 58 ? -2.912  3.039   -8.559  1.00 16.54 ? 58  CYS B O   1 
ATOM   923  C CB  . CYS B 1 58 ? -0.057  1.544   -7.611  1.00 16.37 ? 58  CYS B CB  1 
ATOM   924  S SG  . CYS B 1 58 ? -1.003  0.062   -7.896  1.00 17.36 ? 58  CYS B SG  1 
ATOM   925  N N   . SER B 1 59 ? -1.071  3.740   -9.581  1.00 18.71 ? 59  SER B N   1 
ATOM   926  C CA  . SER B 1 59 ? -1.829  4.405   -10.690 1.00 20.66 ? 59  SER B CA  1 
ATOM   927  C C   . SER B 1 59 ? -1.314  4.046   -12.110 1.00 22.66 ? 59  SER B C   1 
ATOM   928  O O   . SER B 1 59 ? -1.376  4.885   -13.031 1.00 21.15 ? 59  SER B O   1 
ATOM   929  C CB  . SER B 1 59 ? -1.884  5.900   -10.435 1.00 20.28 ? 59  SER B CB  1 
ATOM   930  O OG  . SER B 1 59 ? -0.573  6.405   -10.612 1.00 26.14 ? 59  SER B OG  1 
ATOM   931  N N   . THR B 1 60 ? -0.827  2.838   -12.263 1.00 17.82 ? 60  THR B N   1 
ATOM   932  C CA  . THR B 1 60 ? -0.517  2.219   -13.547 1.00 19.49 ? 60  THR B CA  1 
ATOM   933  C C   . THR B 1 60 ? -1.332  0.990   -13.716 1.00 19.99 ? 60  THR B C   1 
ATOM   934  O O   . THR B 1 60 ? -1.737  0.405   -12.696 1.00 20.69 ? 60  THR B O   1 
ATOM   935  C CB  . THR B 1 60 ? 1.008   1.964   -13.716 1.00 19.75 ? 60  THR B CB  1 
ATOM   936  O OG1 . THR B 1 60 ? 1.466   1.004   -12.761 1.00 18.47 ? 60  THR B OG1 1 
ATOM   937  C CG2 . THR B 1 60 ? 1.718   3.260   -13.553 1.00 22.21 ? 60  THR B CG2 1 
ATOM   938  N N   . ASP B 1 61 ? -1.547  0.565   -14.966 1.00 18.38 ? 61  ASP B N   1 
ATOM   939  C CA  . ASP B 1 61 ? -2.387  -0.568  -15.241 1.00 18.47 ? 61  ASP B CA  1 
ATOM   940  C C   . ASP B 1 61 ? -1.961  -1.881  -14.589 1.00 18.98 ? 61  ASP B C   1 
ATOM   941  O O   . ASP B 1 61 ? -0.754  -2.260  -14.579 1.00 20.67 ? 61  ASP B O   1 
ATOM   942  C CB  . ASP B 1 61 ? -2.490  -0.793  -16.748 1.00 19.77 ? 61  ASP B CB  1 
ATOM   943  C CG  . ASP B 1 61 ? -3.325  0.214   -17.439 1.00 20.67 ? 61  ASP B CG  1 
ATOM   944  O OD1 . ASP B 1 61 ? -4.096  0.886   -16.810 1.00 22.51 ? 61  ASP B OD1 1 
ATOM   945  O OD2 . ASP B 1 61 ? -3.168  0.339   -18.686 1.00 25.89 ? 61  ASP B OD2 1 
ATOM   946  N N   . ASN B 1 62 ? -2.924  -2.529  -13.958 1.00 19.40 ? 62  ASN B N   1 
ATOM   947  C CA  . ASN B 1 62 ? -2.711  -3.811  -13.255 1.00 20.18 ? 62  ASN B CA  1 
ATOM   948  C C   . ASN B 1 62 ? -1.566  -3.759  -12.206 1.00 17.52 ? 62  ASN B C   1 
ATOM   949  O O   . ASN B 1 62 ? -0.861  -4.753  -12.000 1.00 21.60 ? 62  ASN B O   1 
ATOM   950  C CB  . ASN B 1 62 ? -2.584  -4.955  -14.255 1.00 24.27 ? 62  ASN B CB  1 
ATOM   951  C CG  . ASN B 1 62 ? -3.795  -5.069  -15.145 1.00 25.34 ? 62  ASN B CG  1 
ATOM   952  O OD1 . ASN B 1 62 ? -4.838  -4.493  -14.844 1.00 26.19 ? 62  ASN B OD1 1 
ATOM   953  N ND2 . ASN B 1 62 ? -3.667  -5.747  -16.250 1.00 27.02 ? 62  ASN B ND2 1 
ATOM   954  N N   . CYS B 1 63 ? -1.334  -2.631  -11.570 1.00 17.61 ? 63  CYS B N   1 
ATOM   955  C CA  . CYS B 1 63 ? -0.206  -2.423  -10.663 1.00 16.62 ? 63  CYS B CA  1 
ATOM   956  C C   . CYS B 1 63 ? -0.465  -3.016  -9.284  1.00 18.00 ? 63  CYS B C   1 
ATOM   957  O O   . CYS B 1 63 ? 0.478   -3.139  -8.469  1.00 18.35 ? 63  CYS B O   1 
ATOM   958  C CB  . CYS B 1 63 ? 0.091   -0.933  -10.516 1.00 17.81 ? 63  CYS B CB  1 
ATOM   959  S SG  . CYS B 1 63 ? -1.271  0.081   -9.947  1.00 16.95 ? 63  CYS B SG  1 
ATOM   960  N N   . ASN B 1 64 ? -1.756  -3.278  -9.011  1.00 15.96 ? 64  ASN B N   1 
ATOM   961  C CA  . ASN B 1 64 ? -2.110  -3.861  -7.732  1.00 16.32 ? 64  ASN B CA  1 
ATOM   962  C C   . ASN B 1 64 ? -1.913  -5.341  -7.557  1.00 17.74 ? 64  ASN B C   1 
ATOM   963  O O   . ASN B 1 64 ? -2.655  -6.197  -8.034  1.00 19.43 ? 64  ASN B O   1 
ATOM   964  C CB  . ASN B 1 64 ? -3.486  -3.441  -7.340  1.00 15.23 ? 64  ASN B CB  1 
ATOM   965  C CG  . ASN B 1 64 ? -4.548  -3.841  -8.339  1.00 16.90 ? 64  ASN B CG  1 
ATOM   966  O OD1 . ASN B 1 64 ? -4.312  -4.054  -9.546  1.00 14.26 ? 64  ASN B OD1 1 
ATOM   967  N ND2 . ASN B 1 64 ? -5.807  -4.021  -7.774  1.00 13.28 ? 64  ASN B ND2 1 
ATOM   968  N N   . LYS B 1 65 ? -0.818  -5.670  -6.867  1.00 23.01 ? 65  LYS B N   1 
ATOM   969  C CA  . LYS B 1 65 ? -0.373  -7.068  -6.691  1.00 24.73 ? 65  LYS B CA  1 
ATOM   970  C C   . LYS B 1 65 ? -0.664  -7.643  -5.312  1.00 24.28 ? 65  LYS B C   1 
ATOM   971  O O   . LYS B 1 65 ? -0.969  -6.920  -4.396  1.00 25.18 ? 65  LYS B O   1 
ATOM   972  C CB  . LYS B 1 65 ? 1.107   -7.129  -6.892  1.00 28.55 ? 65  LYS B CB  1 
ATOM   973  C CG  . LYS B 1 65 ? 1.580   -6.484  -8.168  1.00 30.39 ? 65  LYS B CG  1 
ATOM   974  C CD  . LYS B 1 65 ? 1.632   -7.476  -9.274  1.00 36.55 ? 65  LYS B CD  1 
ATOM   975  C CE  . LYS B 1 65 ? 0.940   -6.982  -10.506 1.00 45.74 ? 65  LYS B CE  1 
ATOM   976  N NZ  . LYS B 1 65 ? 1.884   -6.243  -11.361 1.00 50.22 ? 65  LYS B NZ  1 
ATOM   977  N N   . PHE B 1 66 ? -0.730  -8.936  -5.187  1.00 22.76 ? 66  PHE B N   1 
ATOM   978  C CA  . PHE B 1 66 ? -0.862  -9.543  -3.847  1.00 23.29 ? 66  PHE B CA  1 
ATOM   979  C C   . PHE B 1 66 ? 0.066   -10.749 -3.709  1.00 28.65 ? 66  PHE B C   1 
ATOM   980  O O   . PHE B 1 66 ? 0.005   -11.644 -4.523  1.00 26.31 ? 66  PHE B O   1 
ATOM   981  C CB  . PHE B 1 66 ? -2.293  -9.986  -3.620  1.00 24.72 ? 66  PHE B CB  1 
ATOM   982  C CG  . PHE B 1 66 ? -2.488  -10.790 -2.373  1.00 27.26 ? 66  PHE B CG  1 
ATOM   983  C CD1 . PHE B 1 66 ? -2.217  -10.203 -1.130  1.00 29.96 ? 66  PHE B CD1 1 
ATOM   984  C CD2 . PHE B 1 66 ? -2.891  -12.134 -2.446  1.00 31.96 ? 66  PHE B CD2 1 
ATOM   985  C CE1 . PHE B 1 66 ? -2.389  -10.946 0.050   1.00 31.85 ? 66  PHE B CE1 1 
ATOM   986  C CE2 . PHE B 1 66 ? -3.089  -12.874 -1.276  1.00 36.71 ? 66  PHE B CE2 1 
ATOM   987  C CZ  . PHE B 1 66 ? -2.852  -12.257 -0.040  1.00 34.95 ? 66  PHE B CZ  1 
ATOM   988  N N   . GLN B 1 67 ? 0.910   -10.775 -2.665  1.00 27.57 ? 67  GLN B N   1 
ATOM   989  C CA  . GLN B 1 67 ? 1.894   -11.861 -2.533  1.00 35.93 ? 67  GLN B CA  1 
ATOM   990  C C   . GLN B 1 67 ? 1.169   -12.878 -1.659  1.00 30.63 ? 67  GLN B C   1 
ATOM   991  O O   . GLN B 1 67 ? 1.019   -12.654 -0.433  1.00 33.25 ? 67  GLN B O   1 
ATOM   992  C CB  . GLN B 1 67 ? 3.222   -11.362 -1.914  1.00 43.97 ? 67  GLN B CB  1 
ATOM   993  C CG  . GLN B 1 67 ? 4.262   -12.454 -1.605  1.00 56.01 ? 67  GLN B CG  1 
ATOM   994  C CD  . GLN B 1 67 ? 4.563   -13.410 -2.797  1.00 62.02 ? 67  GLN B CD  1 
ATOM   995  O OE1 . GLN B 1 67 ? 4.555   -12.992 -3.976  1.00 71.62 ? 67  GLN B OE1 1 
ATOM   996  N NE2 . GLN B 1 67 ? 4.825   -14.700 -2.484  1.00 52.74 ? 67  GLN B NE2 1 
ATOM   997  N N   . PHE B 1 68 ? 0.622   -13.904 -2.293  1.00 27.29 ? 68  PHE B N   1 
ATOM   998  C CA  . PHE B 1 68 ? 0.048   -15.019 -1.512  1.00 32.17 ? 68  PHE B CA  1 
ATOM   999  C C   . PHE B 1 68 ? 1.126   -15.992 -1.033  1.00 35.09 ? 68  PHE B C   1 
ATOM   1000 O O   . PHE B 1 68 ? 2.048   -16.372 -1.784  1.00 43.43 ? 68  PHE B O   1 
ATOM   1001 C CB  . PHE B 1 68 ? -1.013  -15.812 -2.221  1.00 31.96 ? 68  PHE B CB  1 
ATOM   1002 C CG  . PHE B 1 68 ? -1.386  -17.093 -1.449  1.00 40.69 ? 68  PHE B CG  1 
ATOM   1003 C CD1 . PHE B 1 68 ? -2.338  -17.074 -0.419  1.00 38.86 ? 68  PHE B CD1 1 
ATOM   1004 C CD2 . PHE B 1 68 ? -0.677  -18.311 -1.639  1.00 39.75 ? 68  PHE B CD2 1 
ATOM   1005 C CE1 . PHE B 1 68 ? -2.628  -18.233 0.325   1.00 41.57 ? 68  PHE B CE1 1 
ATOM   1006 C CE2 . PHE B 1 68 ? -0.963  -19.457 -0.902  1.00 41.57 ? 68  PHE B CE2 1 
ATOM   1007 C CZ  . PHE B 1 68 ? -1.938  -19.426 0.085   1.00 38.34 ? 68  PHE B CZ  1 
ATOM   1008 N N   . GLY B 1 69 ? 1.035   -16.407 0.220   1.00 27.57 ? 69  GLY B N   1 
ATOM   1009 C CA  . GLY B 1 69 ? 1.969   -17.440 0.710   1.00 30.12 ? 69  GLY B CA  1 
ATOM   1010 C C   . GLY B 1 69 ? 3.443   -17.113 0.613   1.00 30.03 ? 69  GLY B C   1 
ATOM   1011 O O   . GLY B 1 69 ? 3.851   -15.962 0.809   1.00 28.40 ? 69  GLY B O   1 
ATOM   1012 N N   . LYS B 1 70 ? 4.237   -18.165 0.452   1.00 22.79 ? 70  LYS B N   1 
ATOM   1013 C CA  . LYS B 1 70 ? 5.695   -18.054 0.480   1.00 19.85 ? 70  LYS B CA  1 
ATOM   1014 C C   . LYS B 1 70 ? 6.247   -17.885 -0.970  1.00 18.45 ? 70  LYS B C   1 
ATOM   1015 O O   . LYS B 1 70 ? 5.636   -18.254 -1.938  1.00 18.29 ? 70  LYS B O   1 
ATOM   1016 C CB  . LYS B 1 70 ? 6.334   -19.287 1.119   1.00 22.29 ? 70  LYS B CB  1 
ATOM   1017 C CG  . LYS B 1 70 ? 6.016   -19.440 2.613   1.00 25.84 ? 70  LYS B CG  1 
ATOM   1018 C CD  . LYS B 1 70 ? 6.364   -20.829 3.058   1.00 28.91 ? 70  LYS B CD  1 
ATOM   1019 C CE  . LYS B 1 70 ? 5.902   -21.116 4.482   1.00 35.29 ? 70  LYS B CE  1 
ATOM   1020 N NZ  . LYS B 1 70 ? 6.602   -22.397 4.928   1.00 37.67 ? 70  LYS B NZ  1 
ATOM   1021 N N   . PRO B 1 71 ? 7.434   -17.255 -1.070  1.00 19.05 ? 71  PRO B N   1 
ATOM   1022 C CA  . PRO B 1 71 ? 7.992   -17.155 -2.425  1.00 19.08 ? 71  PRO B CA  1 
ATOM   1023 C C   . PRO B 1 71 ? 8.195   -18.432 -3.136  1.00 15.52 ? 71  PRO B C   1 
ATOM   1024 O O   . PRO B 1 71 ? 8.816   -19.329 -2.620  1.00 15.59 ? 71  PRO B O   1 
ATOM   1025 C CB  . PRO B 1 71 ? 9.316   -16.381 -2.219  1.00 20.73 ? 71  PRO B CB  1 
ATOM   1026 C CG  . PRO B 1 71 ? 9.182   -15.754 -0.848  1.00 21.61 ? 71  PRO B CG  1 
ATOM   1027 C CD  . PRO B 1 71 ? 8.314   -16.659 -0.058  1.00 19.89 ? 71  PRO B CD  1 
ATOM   1028 N N   . ARG B 1 72 ? 7.707   -18.467 -4.384  1.00 15.33 ? 72  ARG B N   1 
ATOM   1029 C CA  . ARG B 1 72 ? 7.809   -19.668 -5.259  1.00 14.85 ? 72  ARG B CA  1 
ATOM   1030 C C   . ARG B 1 72 ? 8.200   -19.439 -6.740  1.00 16.59 ? 72  ARG B C   1 
ATOM   1031 O O   . ARG B 1 72 ? 8.596   -20.443 -7.536  1.00 20.92 ? 72  ARG B O   1 
ATOM   1032 C CB  . ARG B 1 72 ? 6.543   -20.533 -5.185  1.00 13.02 ? 72  ARG B CB  1 
ATOM   1033 C CG  . ARG B 1 72 ? 6.274   -21.168 -3.818  1.00 14.67 ? 72  ARG B CG  1 
ATOM   1034 C CD  . ARG B 1 72 ? 4.992   -21.987 -3.805  1.00 13.52 ? 72  ARG B CD  1 
ATOM   1035 N NE  . ARG B 1 72 ? 4.653   -22.315 -2.393  1.00 14.50 ? 72  ARG B NE  1 
ATOM   1036 C CZ  . ARG B 1 72 ? 5.043   -23.408 -1.765  1.00 15.52 ? 72  ARG B CZ  1 
ATOM   1037 N NH1 . ARG B 1 72 ? 5.856   -24.290 -2.291  1.00 13.89 ? 72  ARG B NH1 1 
ATOM   1038 N NH2 . ARG B 1 72 ? 4.718   -23.553 -0.460  1.00 17.04 ? 72  ARG B NH2 1 
HETATM 1039 N N   . NH2 B 1 73 ? 7.968   -18.121 -7.094  1.00 12.78 ? 73  NH2 B N   1 
HETATM 1040 O O   . HOH C 2 .  ? 21.557  4.314   -5.555  1.00 8.55  ? 101 HOH A O   1 
HETATM 1041 O O   . HOH C 2 .  ? 17.713  0.198   -14.314 1.00 19.80 ? 102 HOH A O   1 
HETATM 1042 O O   . HOH C 2 .  ? 7.869   10.686  9.195   1.00 22.44 ? 103 HOH A O   1 
HETATM 1043 O O   . HOH C 2 .  ? 3.281   0.934   4.795   1.00 22.09 ? 104 HOH A O   1 
HETATM 1044 O O   . HOH C 2 .  ? 2.660   1.793   -10.411 1.00 22.55 ? 105 HOH A O   1 
HETATM 1045 O O   . HOH C 2 .  ? 16.475  8.876   -12.302 1.00 25.08 ? 106 HOH A O   1 
HETATM 1046 O O   . HOH C 2 .  ? 16.547  4.069   15.265  1.00 19.59 ? 107 HOH A O   1 
HETATM 1047 O O   . HOH C 2 .  ? 4.872   1.239   -1.464  1.00 23.25 ? 108 HOH A O   1 
HETATM 1048 O O   . HOH C 2 .  ? 15.591  10.778  14.698  1.00 35.31 ? 109 HOH A O   1 
HETATM 1049 O O   . HOH C 2 .  ? 14.034  9.814   -7.765  1.00 20.89 ? 110 HOH A O   1 
HETATM 1050 O O   . HOH C 2 .  ? 12.133  10.755  19.353  1.00 26.21 ? 111 HOH A O   1 
HETATM 1051 O O   . HOH C 2 .  ? 14.291  7.836   0.292   1.00 22.97 ? 112 HOH A O   1 
HETATM 1052 O O   . HOH C 2 .  ? 14.541  4.051   12.228  1.00 25.58 ? 113 HOH A O   1 
HETATM 1053 O O   . HOH C 2 .  ? -0.848  0.100   17.351  1.00 28.15 ? 114 HOH A O   1 
HETATM 1054 O O   . HOH C 2 .  ? -5.249  1.963   8.536   1.00 26.07 ? 115 HOH A O   1 
HETATM 1055 O O   . HOH C 2 .  ? 1.381   -3.141  13.899  1.00 26.98 ? 116 HOH A O   1 
HETATM 1056 O O   . HOH C 2 .  ? -3.363  10.130  11.579  1.00 29.23 ? 117 HOH A O   1 
HETATM 1057 O O   . HOH C 2 .  ? 25.669  5.984   14.004  1.00 27.96 ? 118 HOH A O   1 
HETATM 1058 O O   . HOH C 2 .  ? 16.591  8.423   -6.803  1.00 21.26 ? 119 HOH A O   1 
HETATM 1059 O O   . HOH C 2 .  ? 5.716   -1.754  4.287   1.00 31.98 ? 120 HOH A O   1 
HETATM 1060 O O   . HOH C 2 .  ? 8.123   5.397   -10.648 1.00 25.71 ? 121 HOH A O   1 
HETATM 1061 O O   . HOH C 2 .  ? 19.958  3.167   7.338   1.00 34.95 ? 122 HOH A O   1 
HETATM 1062 O O   . HOH C 2 .  ? -0.072  -4.944  -0.066  1.00 21.96 ? 123 HOH A O   1 
HETATM 1063 O O   . HOH C 2 .  ? 1.812   16.743  15.562  1.00 31.56 ? 124 HOH A O   1 
HETATM 1064 O O   . HOH C 2 .  ? 2.186   -1.619  5.431   1.00 28.62 ? 125 HOH A O   1 
HETATM 1065 O O   . HOH C 2 .  ? 0.977   14.343  6.925   1.00 35.26 ? 126 HOH A O   1 
HETATM 1066 O O   . HOH C 2 .  ? 12.821  2.159   11.090  1.00 32.05 ? 127 HOH A O   1 
HETATM 1067 O O   . HOH C 2 .  ? 1.188   10.048  16.948  1.00 33.00 ? 128 HOH A O   1 
HETATM 1068 O O   . HOH C 2 .  ? 6.620   12.995  10.140  1.00 30.92 ? 129 HOH A O   1 
HETATM 1069 O O   . HOH C 2 .  ? 20.832  5.845   9.697   1.00 31.80 ? 130 HOH A O   1 
HETATM 1070 O O   . HOH C 2 .  ? -0.275  12.998  4.397   1.00 39.05 ? 131 HOH A O   1 
HETATM 1071 O O   . HOH C 2 .  ? 0.015   6.736   -7.665  1.00 28.41 ? 132 HOH A O   1 
HETATM 1072 O O   . HOH C 2 .  ? 10.936  9.432   7.370   1.00 35.42 ? 133 HOH A O   1 
HETATM 1073 O O   . HOH C 2 .  ? -0.942  14.086  0.635   1.00 46.48 ? 134 HOH A O   1 
HETATM 1074 O O   . HOH C 2 .  ? 3.824   -3.901  4.949   1.00 40.96 ? 135 HOH A O   1 
HETATM 1075 O O   . HOH C 2 .  ? 4.391   12.962  6.835   1.00 38.01 ? 136 HOH A O   1 
HETATM 1076 O O   . HOH C 2 .  ? 5.835   -0.851  -4.963  1.00 27.07 ? 137 HOH A O   1 
HETATM 1077 O O   . HOH C 2 .  ? 25.192  5.961   -8.819  1.00 51.46 ? 138 HOH A O   1 
HETATM 1078 O O   . HOH C 2 .  ? -0.897  7.354   18.297  1.00 32.56 ? 139 HOH A O   1 
HETATM 1079 O O   . HOH C 2 .  ? 19.154  8.100   -8.656  1.00 32.82 ? 140 HOH A O   1 
HETATM 1080 O O   . HOH C 2 .  ? 12.844  9.807   4.668   1.00 34.75 ? 141 HOH A O   1 
HETATM 1081 O O   . HOH C 2 .  ? -3.862  1.542   15.931  1.00 35.52 ? 142 HOH A O   1 
HETATM 1082 O O   . HOH C 2 .  ? 18.462  3.648   4.687   1.00 34.24 ? 143 HOH A O   1 
HETATM 1083 O O   . HOH C 2 .  ? 3.619   5.837   20.595  1.00 35.07 ? 144 HOH A O   1 
HETATM 1084 O O   . HOH C 2 .  ? 12.740  10.165  0.370   1.00 45.65 ? 145 HOH A O   1 
HETATM 1085 O O   . HOH C 2 .  ? 12.589  -3.561  -9.458  1.00 55.46 ? 146 HOH A O   1 
HETATM 1086 O O   . HOH C 2 .  ? 1.918   -4.867  11.969  1.00 41.16 ? 147 HOH A O   1 
HETATM 1087 O O   . HOH C 2 .  ? -4.802  12.299  16.402  1.00 45.55 ? 148 HOH A O   1 
HETATM 1088 O O   . HOH C 2 .  ? -6.824  4.690   11.839  1.00 58.66 ? 149 HOH A O   1 
HETATM 1089 O O   . HOH C 2 .  ? 8.181   11.463  6.395   1.00 39.66 ? 150 HOH A O   1 
HETATM 1090 O O   . HOH C 2 .  ? 5.884   12.638  19.444  1.00 45.05 ? 151 HOH A O   1 
HETATM 1091 O O   . HOH C 2 .  ? -0.353  -8.207  -0.535  1.00 37.23 ? 152 HOH A O   1 
HETATM 1092 O O   . HOH C 2 .  ? 14.238  9.960   -10.576 1.00 48.27 ? 153 HOH A O   1 
HETATM 1093 O O   . HOH C 2 .  ? 19.269  9.361   -10.925 1.00 38.73 ? 154 HOH A O   1 
HETATM 1094 O O   . HOH C 2 .  ? 8.968   11.172  13.650  1.00 36.82 ? 155 HOH A O   1 
HETATM 1095 O O   . HOH C 2 .  ? 3.231   -2.285  -9.401  1.00 36.64 ? 156 HOH A O   1 
HETATM 1096 O O   . HOH C 2 .  ? 8.740   -3.633  12.306  1.00 41.70 ? 157 HOH A O   1 
HETATM 1097 O O   . HOH C 2 .  ? -1.340  16.447  11.962  1.00 43.83 ? 158 HOH A O   1 
HETATM 1098 O O   . HOH C 2 .  ? -3.085  8.115   -1.071  1.00 36.38 ? 159 HOH A O   1 
HETATM 1099 O O   . HOH D 2 .  ? -2.569  -9.850  -8.017  1.00 44.57 ? 101 HOH B O   1 
HETATM 1100 O O   . HOH D 2 .  ? -3.759  -0.647  9.944   1.00 18.17 ? 102 HOH B O   1 
HETATM 1101 O O   . HOH D 2 .  ? -13.830 -4.100  1.746   1.00 18.52 ? 103 HOH B O   1 
HETATM 1102 O O   . HOH D 2 .  ? -2.451  -3.972  1.362   1.00 18.55 ? 104 HOH B O   1 
HETATM 1103 O O   . HOH D 2 .  ? -8.662  8.427   -9.999  1.00 24.96 ? 105 HOH B O   1 
HETATM 1104 O O   . HOH D 2 .  ? -0.355  -12.684 3.591   1.00 22.71 ? 106 HOH B O   1 
HETATM 1105 O O   . HOH D 2 .  ? -10.394 4.545   -15.479 1.00 23.49 ? 107 HOH B O   1 
HETATM 1106 O O   . HOH D 2 .  ? -13.166 -2.170  -8.258  1.00 21.19 ? 108 HOH B O   1 
HETATM 1107 O O   . HOH D 2 .  ? -1.994  -2.490  10.557  1.00 21.77 ? 109 HOH B O   1 
HETATM 1108 O O   . HOH D 2 .  ? -5.780  5.632   2.278   1.00 27.33 ? 110 HOH B O   1 
HETATM 1109 O O   . HOH D 2 .  ? -12.533 -10.874 7.672   1.00 22.31 ? 111 HOH B O   1 
HETATM 1110 O O   . HOH D 2 .  ? 0.306   -22.593 13.216  1.00 29.10 ? 112 HOH B O   1 
HETATM 1111 O O   . HOH D 2 .  ? 1.658   4.493   -9.586  1.00 21.91 ? 113 HOH B O   1 
HETATM 1112 O O   . HOH D 2 .  ? -5.442  9.196   -3.812  1.00 27.91 ? 114 HOH B O   1 
HETATM 1113 O O   . HOH D 2 .  ? -14.691 0.374   -8.882  1.00 29.25 ? 115 HOH B O   1 
HETATM 1114 O O   . HOH D 2 .  ? -13.713 -8.195  -0.922  1.00 30.73 ? 116 HOH B O   1 
HETATM 1115 O O   . HOH D 2 .  ? -0.453  2.205   -17.142 1.00 26.01 ? 117 HOH B O   1 
HETATM 1116 O O   . HOH D 2 .  ? -3.380  -15.166 2.269   1.00 24.95 ? 118 HOH B O   1 
HETATM 1117 O O   . HOH D 2 .  ? -5.851  5.015   5.154   1.00 26.49 ? 119 HOH B O   1 
HETATM 1118 O O   . HOH D 2 .  ? -6.359  -13.643 7.424   1.00 24.37 ? 120 HOH B O   1 
HETATM 1119 O O   . HOH D 2 .  ? -1.824  -2.014  -4.834  1.00 23.12 ? 121 HOH B O   1 
HETATM 1120 O O   . HOH D 2 .  ? -12.079 -14.165 11.680  1.00 32.30 ? 122 HOH B O   1 
HETATM 1121 O O   . HOH D 2 .  ? -13.076 -5.217  -6.431  1.00 27.83 ? 123 HOH B O   1 
HETATM 1122 O O   . HOH D 2 .  ? -11.984 -10.058 -0.479  1.00 28.99 ? 124 HOH B O   1 
HETATM 1123 O O   . HOH D 2 .  ? -10.068 8.223   -0.310  1.00 39.58 ? 125 HOH B O   1 
HETATM 1124 O O   . HOH D 2 .  ? -0.564  -5.843  4.394   1.00 27.70 ? 126 HOH B O   1 
HETATM 1125 O O   . HOH D 2 .  ? -13.334 5.733   -5.228  1.00 27.77 ? 127 HOH B O   1 
HETATM 1126 O O   . HOH D 2 .  ? -5.665  7.920   5.550   1.00 31.87 ? 128 HOH B O   1 
HETATM 1127 O O   . HOH D 2 .  ? -5.711  -11.061 -11.853 1.00 30.24 ? 129 HOH B O   1 
HETATM 1128 O O   . HOH D 2 .  ? -4.246  -24.486 13.940  1.00 33.64 ? 130 HOH B O   1 
HETATM 1129 O O   . HOH D 2 .  ? -13.474 1.782   -5.498  1.00 29.48 ? 131 HOH B O   1 
HETATM 1130 O O   . HOH D 2 .  ? -11.879 5.245   -2.379  1.00 30.23 ? 132 HOH B O   1 
HETATM 1131 O O   . HOH D 2 .  ? -13.724 -7.279  -4.128  1.00 40.63 ? 133 HOH B O   1 
HETATM 1132 O O   . HOH D 2 .  ? -6.393  -6.892  10.647  1.00 30.66 ? 134 HOH B O   1 
HETATM 1133 O O   . HOH D 2 .  ? 1.722   -4.519  9.160   1.00 29.93 ? 135 HOH B O   1 
HETATM 1134 O O   . HOH D 2 .  ? -7.285  5.703   -17.014 1.00 37.92 ? 136 HOH B O   1 
HETATM 1135 O O   . HOH D 2 .  ? -4.495  -3.243  -19.229 1.00 32.74 ? 137 HOH B O   1 
HETATM 1136 O O   . HOH D 2 .  ? -13.841 -1.762  -5.623  1.00 33.61 ? 138 HOH B O   1 
HETATM 1137 O O   . HOH D 2 .  ? -8.127  -9.628  -12.065 1.00 30.35 ? 139 HOH B O   1 
HETATM 1138 O O   . HOH D 2 .  ? -9.376  -12.796 0.639   1.00 28.29 ? 140 HOH B O   1 
HETATM 1139 O O   . HOH D 2 .  ? -16.957 -0.602  -9.857  1.00 41.26 ? 141 HOH B O   1 
HETATM 1140 O O   . HOH D 2 .  ? -9.795  10.739  -11.297 1.00 37.05 ? 142 HOH B O   1 
HETATM 1141 O O   . HOH D 2 .  ? -9.790  -12.586 -1.677  1.00 49.67 ? 143 HOH B O   1 
HETATM 1142 O O   . HOH D 2 .  ? -12.377 -13.634 6.722   1.00 29.84 ? 144 HOH B O   1 
HETATM 1143 O O   . HOH D 2 .  ? -4.233  3.686   6.365   1.00 34.93 ? 145 HOH B O   1 
HETATM 1144 O O   . HOH D 2 .  ? -2.316  3.254   -19.571 1.00 48.67 ? 146 HOH B O   1 
HETATM 1145 O O   . HOH D 2 .  ? -11.026 2.962   -17.532 1.00 33.27 ? 147 HOH B O   1 
HETATM 1146 O O   . HOH D 2 .  ? -16.942 6.844   -12.655 1.00 35.08 ? 148 HOH B O   1 
HETATM 1147 O O   . HOH D 2 .  ? -13.323 10.494  -10.513 1.00 34.26 ? 149 HOH B O   1 
HETATM 1148 O O   . HOH D 2 .  ? -1.358  5.957   -5.636  1.00 41.11 ? 150 HOH B O   1 
HETATM 1149 O O   . HOH D 2 .  ? -14.488 -4.355  -8.840  1.00 38.17 ? 151 HOH B O   1 
HETATM 1150 O O   . HOH D 2 .  ? -2.893  -8.950  -14.337 1.00 40.00 ? 152 HOH B O   1 
HETATM 1151 O O   . HOH D 2 .  ? -12.655 0.964   2.020   1.00 40.72 ? 153 HOH B O   1 
HETATM 1152 O O   . HOH D 2 .  ? -7.245  10.618  -11.448 1.00 50.68 ? 154 HOH B O   1 
HETATM 1153 O O   . HOH D 2 .  ? -8.135  -9.755  13.275  1.00 43.84 ? 155 HOH B O   1 
HETATM 1154 O O   . HOH D 2 .  ? 0.843   -3.315  -5.515  1.00 44.82 ? 156 HOH B O   1 
HETATM 1155 O O   . HOH D 2 .  ? -5.021  -22.355 8.888   1.00 60.06 ? 157 HOH B O   1 
HETATM 1156 O O   . HOH D 2 .  ? -17.329 5.110   -10.701 1.00 37.67 ? 158 HOH B O   1 
HETATM 1157 O O   . HOH D 2 .  ? -1.004  -8.023  -12.788 1.00 42.93 ? 159 HOH B O   1 
HETATM 1158 O O   . HOH D 2 .  ? -11.935 -7.840  -17.856 1.00 41.48 ? 160 HOH B O   1 
HETATM 1159 O O   . HOH D 2 .  ? -16.375 -5.519  -10.507 1.00 52.18 ? 161 HOH B O   1 
HETATM 1160 O O   . HOH D 2 .  ? 0.170   -10.766 1.894   1.00 42.86 ? 162 HOH B O   1 
HETATM 1161 O O   . HOH D 2 .  ? 0.622   -5.177  -2.583  1.00 43.88 ? 163 HOH B O   1 
HETATM 1162 O O   . HOH D 2 .  ? -5.336  -6.552  -18.534 1.00 39.65 ? 164 HOH B O   1 
HETATM 1163 O O   . HOH D 2 .  ? 2.964   -3.085  -11.956 1.00 36.75 ? 165 HOH B O   1 
HETATM 1164 O O   . HOH D 2 .  ? -7.509  1.733   -19.661 1.00 50.56 ? 166 HOH B O   1 
HETATM 1165 O O   . HOH D 2 .  ? -8.890  3.544   12.821  1.00 40.75 ? 167 HOH B O   1 
HETATM 1166 O O   . HOH D 2 .  ? -12.648 0.121   -0.868  1.00 52.10 ? 168 HOH B O   1 
HETATM 1167 O O   . HOH D 2 .  ? -6.693  -15.869 4.612   1.00 42.79 ? 169 HOH B O   1 
HETATM 1168 O O   . HOH D 2 .  ? -16.736 2.430   -7.763  1.00 34.91 ? 170 HOH B O   1 
HETATM 1169 O O   . HOH D 2 .  ? -8.921  -17.018 6.123   1.00 44.94 ? 171 HOH B O   1 
HETATM 1170 O O   . HOH D 2 .  ? 0.162   -7.870  1.728   1.00 31.39 ? 172 HOH B O   1 
HETATM 1171 O O   . HOH D 2 .  ? -8.557  -5.677  -19.509 1.00 47.41 ? 173 HOH B O   1 
HETATM 1172 O O   . HOH D 2 .  ? -6.055  7.730   1.069   1.00 35.89 ? 174 HOH B O   1 
# 
